data_7UJL
# 
_entry.id   7UJL 
# 
_audit_conform.dict_name       mmcif_pdbx.dic 
_audit_conform.dict_version    5.398 
_audit_conform.dict_location   http://mmcif.pdb.org/dictionaries/ascii/mmcif_pdbx.dic 
# 
loop_
_database_2.database_id 
_database_2.database_code 
_database_2.pdbx_database_accession 
_database_2.pdbx_DOI 
PDB   7UJL         pdb_00007ujl 10.2210/pdb7ujl/pdb 
WWPDB D_1000264107 ?            ?                   
EMDB  EMD-26566    ?            ?                   
# 
loop_
_pdbx_audit_revision_history.ordinal 
_pdbx_audit_revision_history.data_content_type 
_pdbx_audit_revision_history.major_revision 
_pdbx_audit_revision_history.minor_revision 
_pdbx_audit_revision_history.revision_date 
1 'Structure model' 1 0 2022-10-05 
2 'Structure model' 1 1 2023-01-11 
3 'Structure model' 1 2 2024-06-12 
4 'Structure model' 1 3 2024-11-06 
# 
_pdbx_audit_revision_details.ordinal             1 
_pdbx_audit_revision_details.revision_ordinal    1 
_pdbx_audit_revision_details.data_content_type   'Structure model' 
_pdbx_audit_revision_details.provider            repository 
_pdbx_audit_revision_details.type                'Initial release' 
_pdbx_audit_revision_details.description         ? 
_pdbx_audit_revision_details.details             ? 
# 
loop_
_pdbx_audit_revision_group.ordinal 
_pdbx_audit_revision_group.revision_ordinal 
_pdbx_audit_revision_group.data_content_type 
_pdbx_audit_revision_group.group 
1 2 'Structure model' 'Structure summary'   
2 3 'Structure model' 'Data collection'     
3 4 'Structure model' 'Data collection'     
4 4 'Structure model' 'Source and taxonomy' 
5 4 'Structure model' 'Structure summary'   
# 
loop_
_pdbx_audit_revision_category.ordinal 
_pdbx_audit_revision_category.revision_ordinal 
_pdbx_audit_revision_category.data_content_type 
_pdbx_audit_revision_category.category 
1 2 'Structure model' audit_author                     
2 3 'Structure model' chem_comp_atom                   
3 3 'Structure model' chem_comp_bond                   
4 4 'Structure model' em_admin                         
5 4 'Structure model' em_entity_assembly_naturalsource 
6 4 'Structure model' pdbx_entry_details               
# 
loop_
_pdbx_audit_revision_item.ordinal 
_pdbx_audit_revision_item.revision_ordinal 
_pdbx_audit_revision_item.data_content_type 
_pdbx_audit_revision_item.item 
1 2 'Structure model' '_audit_author.name'                   
2 4 'Structure model' '_em_admin.last_update'                
3 4 'Structure model' '_em_entity_assembly_naturalsource.id' 
# 
_pdbx_database_status.status_code                     REL 
_pdbx_database_status.status_code_sf                  ? 
_pdbx_database_status.status_code_mr                  ? 
_pdbx_database_status.entry_id                        7UJL 
_pdbx_database_status.recvd_initial_deposition_date   2022-03-31 
_pdbx_database_status.SG_entry                        N 
_pdbx_database_status.deposit_site                    RCSB 
_pdbx_database_status.process_site                    RCSB 
_pdbx_database_status.status_code_cs                  ? 
_pdbx_database_status.status_code_nmr_data            ? 
_pdbx_database_status.methods_development_category    ? 
_pdbx_database_status.pdb_format_compatible           Y 
# 
_pdbx_database_related.db_name        EMDB 
_pdbx_database_related.details        'Bacteriophage Lambda Red-Beta N-terminal domain helical assembly in complex with dsDNA' 
_pdbx_database_related.db_id          EMD-26566 
_pdbx_database_related.content_type   'associated EM volume' 
# 
_pdbx_contact_author.id                 2 
_pdbx_contact_author.email              gokhan_tolun@uow.edu.au 
_pdbx_contact_author.name_first         Tolun 
_pdbx_contact_author.name_last          Gokhan 
_pdbx_contact_author.name_mi            ? 
_pdbx_contact_author.role               'principal investigator/group leader' 
_pdbx_contact_author.identifier_ORCID   0000-0002-1992-062X 
# 
loop_
_audit_author.name 
_audit_author.pdbx_ordinal 
_audit_author.identifier_ORCID 
'Newing, T.P.' 1 0000-0002-7147-6984 
'Tolun, G.'    2 0000-0001-6166-9451 
# 
_citation.abstract                  ? 
_citation.abstract_id_CAS           ? 
_citation.book_id_ISBN              ? 
_citation.book_publisher            ? 
_citation.book_publisher_city       ? 
_citation.book_title                ? 
_citation.coordinate_linkage        ? 
_citation.country                   UK 
_citation.database_id_Medline       ? 
_citation.details                   ? 
_citation.id                        primary 
_citation.journal_abbrev            'Nat Commun' 
_citation.journal_id_ASTM           ? 
_citation.journal_id_CSD            ? 
_citation.journal_id_ISSN           2041-1723 
_citation.journal_full              ? 
_citation.journal_issue             ? 
_citation.journal_volume            13 
_citation.language                  ? 
_citation.page_first                5649 
_citation.page_last                 ? 
_citation.title                     
'Red beta 177 annealase structure reveals details of oligomerization and lambda Red-mediated homologous DNA recombination' 
_citation.year                      2022 
_citation.database_id_CSD           ? 
_citation.pdbx_database_id_DOI      10.1038/s41467-022-33090-6 
_citation.pdbx_database_id_PubMed   36163171 
_citation.pdbx_database_id_patent   ? 
_citation.unpublished_flag          ? 
# 
loop_
_citation_author.citation_id 
_citation_author.name 
_citation_author.ordinal 
_citation_author.identifier_ORCID 
primary 'Newing, T.P.'   1 ? 
primary 'Brewster, J.L.' 2 ? 
primary 'Fitschen, L.J.' 3 ? 
primary 'Bouwer, J.C.'   4 ? 
primary 'Johnston, N.P.' 5 ? 
primary 'Yu, H.'         6 ? 
primary 'Tolun, G.'      7 ? 
# 
loop_
_entity.id 
_entity.type 
_entity.src_method 
_entity.pdbx_description 
_entity.formula_weight 
_entity.pdbx_number_of_molecules 
_entity.pdbx_ec 
_entity.pdbx_mutation 
_entity.pdbx_fragment 
_entity.details 
1 polymer man 'Recombination protein bet' 21275.008 1 ? ? 'N-terminal domain (UNP residues 1-177)' ? 
2 polymer syn 'Template DNA'              8244.295  1 ? ? ?                                        ? 
3 polymer syn 'Complementary DNA'         8351.386  1 ? ? ?                                        ? 
# 
_entity_name_com.entity_id   1 
_entity_name_com.name        'Red-beta annealase' 
# 
loop_
_entity_poly.entity_id 
_entity_poly.type 
_entity_poly.nstd_linkage 
_entity_poly.nstd_monomer 
_entity_poly.pdbx_seq_one_letter_code 
_entity_poly.pdbx_seq_one_letter_code_can 
_entity_poly.pdbx_strand_id 
_entity_poly.pdbx_target_identifier 
1 'polypeptide(L)'        no no 
;MSTALATLAGKLAERVGMDSVDPQELITTLRQTAFKGDASDAQFIALLIVANQYGLNPWTKEIYAFPDKQNGIVPVVGVD
GWSRIINENQQFDGMDFEQDNESCTCRIYRKDRNHPICVTEWMDECRREPFKTREGREITGPWQSHPKRMLRHKAMIQCA
RLAFGFAGIYDKDEAERSSHHHHHH
;
;MSTALATLAGKLAERVGMDSVDPQELITTLRQTAFKGDASDAQFIALLIVANQYGLNPWTKEIYAFPDKQNGIVPVVGVD
GWSRIINENQQFDGMDFEQDNESCTCRIYRKDRNHPICVTEWMDECRREPFKTREGREITGPWQSHPKRMLRHKAMIQCA
RLAFGFAGIYDKDEAERSSHHHHHH
;
A ? 
2 polydeoxyribonucleotide no no 
;(DT)(DG)(DC)(DA)(DG)(DC)(DA)(DG)(DC)(DT)(DT)(DT)(DA)(DC)(DC)(DA)(DT)(DC)(DT)(DG)
(DC)(DC)(DG)(DC)(DT)(DG)(DG)
;
TGCAGCAGCTTTACCATCTGCCGCTGG B ? 
3 polydeoxyribonucleotide no no 
;(DC)(DC)(DA)(DG)(DC)(DG)(DG)(DC)(DA)(DG)(DA)(DT)(DG)(DG)(DT)(DA)(DA)(DA)(DG)(DC)
(DT)(DG)(DC)(DT)(DG)(DC)(DA)
;
CCAGCGGCAGATGGTAAAGCTGCTGCA C ? 
# 
loop_
_entity_poly_seq.entity_id 
_entity_poly_seq.num 
_entity_poly_seq.mon_id 
_entity_poly_seq.hetero 
1 1   MET n 
1 2   SER n 
1 3   THR n 
1 4   ALA n 
1 5   LEU n 
1 6   ALA n 
1 7   THR n 
1 8   LEU n 
1 9   ALA n 
1 10  GLY n 
1 11  LYS n 
1 12  LEU n 
1 13  ALA n 
1 14  GLU n 
1 15  ARG n 
1 16  VAL n 
1 17  GLY n 
1 18  MET n 
1 19  ASP n 
1 20  SER n 
1 21  VAL n 
1 22  ASP n 
1 23  PRO n 
1 24  GLN n 
1 25  GLU n 
1 26  LEU n 
1 27  ILE n 
1 28  THR n 
1 29  THR n 
1 30  LEU n 
1 31  ARG n 
1 32  GLN n 
1 33  THR n 
1 34  ALA n 
1 35  PHE n 
1 36  LYS n 
1 37  GLY n 
1 38  ASP n 
1 39  ALA n 
1 40  SER n 
1 41  ASP n 
1 42  ALA n 
1 43  GLN n 
1 44  PHE n 
1 45  ILE n 
1 46  ALA n 
1 47  LEU n 
1 48  LEU n 
1 49  ILE n 
1 50  VAL n 
1 51  ALA n 
1 52  ASN n 
1 53  GLN n 
1 54  TYR n 
1 55  GLY n 
1 56  LEU n 
1 57  ASN n 
1 58  PRO n 
1 59  TRP n 
1 60  THR n 
1 61  LYS n 
1 62  GLU n 
1 63  ILE n 
1 64  TYR n 
1 65  ALA n 
1 66  PHE n 
1 67  PRO n 
1 68  ASP n 
1 69  LYS n 
1 70  GLN n 
1 71  ASN n 
1 72  GLY n 
1 73  ILE n 
1 74  VAL n 
1 75  PRO n 
1 76  VAL n 
1 77  VAL n 
1 78  GLY n 
1 79  VAL n 
1 80  ASP n 
1 81  GLY n 
1 82  TRP n 
1 83  SER n 
1 84  ARG n 
1 85  ILE n 
1 86  ILE n 
1 87  ASN n 
1 88  GLU n 
1 89  ASN n 
1 90  GLN n 
1 91  GLN n 
1 92  PHE n 
1 93  ASP n 
1 94  GLY n 
1 95  MET n 
1 96  ASP n 
1 97  PHE n 
1 98  GLU n 
1 99  GLN n 
1 100 ASP n 
1 101 ASN n 
1 102 GLU n 
1 103 SER n 
1 104 CYS n 
1 105 THR n 
1 106 CYS n 
1 107 ARG n 
1 108 ILE n 
1 109 TYR n 
1 110 ARG n 
1 111 LYS n 
1 112 ASP n 
1 113 ARG n 
1 114 ASN n 
1 115 HIS n 
1 116 PRO n 
1 117 ILE n 
1 118 CYS n 
1 119 VAL n 
1 120 THR n 
1 121 GLU n 
1 122 TRP n 
1 123 MET n 
1 124 ASP n 
1 125 GLU n 
1 126 CYS n 
1 127 ARG n 
1 128 ARG n 
1 129 GLU n 
1 130 PRO n 
1 131 PHE n 
1 132 LYS n 
1 133 THR n 
1 134 ARG n 
1 135 GLU n 
1 136 GLY n 
1 137 ARG n 
1 138 GLU n 
1 139 ILE n 
1 140 THR n 
1 141 GLY n 
1 142 PRO n 
1 143 TRP n 
1 144 GLN n 
1 145 SER n 
1 146 HIS n 
1 147 PRO n 
1 148 LYS n 
1 149 ARG n 
1 150 MET n 
1 151 LEU n 
1 152 ARG n 
1 153 HIS n 
1 154 LYS n 
1 155 ALA n 
1 156 MET n 
1 157 ILE n 
1 158 GLN n 
1 159 CYS n 
1 160 ALA n 
1 161 ARG n 
1 162 LEU n 
1 163 ALA n 
1 164 PHE n 
1 165 GLY n 
1 166 PHE n 
1 167 ALA n 
1 168 GLY n 
1 169 ILE n 
1 170 TYR n 
1 171 ASP n 
1 172 LYS n 
1 173 ASP n 
1 174 GLU n 
1 175 ALA n 
1 176 GLU n 
1 177 ARG n 
1 178 SER n 
1 179 SER n 
1 180 HIS n 
1 181 HIS n 
1 182 HIS n 
1 183 HIS n 
1 184 HIS n 
1 185 HIS n 
2 1   DT  n 
2 2   DG  n 
2 3   DC  n 
2 4   DA  n 
2 5   DG  n 
2 6   DC  n 
2 7   DA  n 
2 8   DG  n 
2 9   DC  n 
2 10  DT  n 
2 11  DT  n 
2 12  DT  n 
2 13  DA  n 
2 14  DC  n 
2 15  DC  n 
2 16  DA  n 
2 17  DT  n 
2 18  DC  n 
2 19  DT  n 
2 20  DG  n 
2 21  DC  n 
2 22  DC  n 
2 23  DG  n 
2 24  DC  n 
2 25  DT  n 
2 26  DG  n 
2 27  DG  n 
3 1   DC  n 
3 2   DC  n 
3 3   DA  n 
3 4   DG  n 
3 5   DC  n 
3 6   DG  n 
3 7   DG  n 
3 8   DC  n 
3 9   DA  n 
3 10  DG  n 
3 11  DA  n 
3 12  DT  n 
3 13  DG  n 
3 14  DG  n 
3 15  DT  n 
3 16  DA  n 
3 17  DA  n 
3 18  DA  n 
3 19  DG  n 
3 20  DC  n 
3 21  DT  n 
3 22  DG  n 
3 23  DC  n 
3 24  DT  n 
3 25  DG  n 
3 26  DC  n 
3 27  DA  n 
# 
_entity_src_gen.entity_id                          1 
_entity_src_gen.pdbx_src_id                        1 
_entity_src_gen.pdbx_alt_source_flag               sample 
_entity_src_gen.pdbx_seq_type                      'Biological sequence' 
_entity_src_gen.pdbx_beg_seq_num                   1 
_entity_src_gen.pdbx_end_seq_num                   185 
_entity_src_gen.gene_src_common_name               ? 
_entity_src_gen.gene_src_genus                     ? 
_entity_src_gen.pdbx_gene_src_gene                 'bet, betA, red-beta, redB' 
_entity_src_gen.gene_src_species                   ? 
_entity_src_gen.gene_src_strain                    ? 
_entity_src_gen.gene_src_tissue                    ? 
_entity_src_gen.gene_src_tissue_fraction           ? 
_entity_src_gen.gene_src_details                   ? 
_entity_src_gen.pdbx_gene_src_fragment             ? 
_entity_src_gen.pdbx_gene_src_scientific_name      'Escherichia virus Lambda' 
_entity_src_gen.pdbx_gene_src_ncbi_taxonomy_id     10710 
_entity_src_gen.pdbx_gene_src_variant              ? 
_entity_src_gen.pdbx_gene_src_cell_line            ? 
_entity_src_gen.pdbx_gene_src_atcc                 ? 
_entity_src_gen.pdbx_gene_src_organ                ? 
_entity_src_gen.pdbx_gene_src_organelle            ? 
_entity_src_gen.pdbx_gene_src_cell                 ? 
_entity_src_gen.pdbx_gene_src_cellular_location    ? 
_entity_src_gen.host_org_common_name               ? 
_entity_src_gen.pdbx_host_org_scientific_name      'Escherichia coli BL21(DE3)' 
_entity_src_gen.pdbx_host_org_ncbi_taxonomy_id     469008 
_entity_src_gen.host_org_genus                     ? 
_entity_src_gen.pdbx_host_org_gene                 ? 
_entity_src_gen.pdbx_host_org_organ                ? 
_entity_src_gen.host_org_species                   ? 
_entity_src_gen.pdbx_host_org_tissue               ? 
_entity_src_gen.pdbx_host_org_tissue_fraction      ? 
_entity_src_gen.pdbx_host_org_strain               ? 
_entity_src_gen.pdbx_host_org_variant              ? 
_entity_src_gen.pdbx_host_org_cell_line            ? 
_entity_src_gen.pdbx_host_org_atcc                 ? 
_entity_src_gen.pdbx_host_org_culture_collection   ? 
_entity_src_gen.pdbx_host_org_cell                 ? 
_entity_src_gen.pdbx_host_org_organelle            ? 
_entity_src_gen.pdbx_host_org_cellular_location    ? 
_entity_src_gen.pdbx_host_org_vector_type          plasmid 
_entity_src_gen.pdbx_host_org_vector               ? 
_entity_src_gen.host_org_details                   
;pET24a containing the truncated N-terminal 177-residue fragment of the bet gene followed by a SSHHHHHH tag under the control of the lac repressor system
;
_entity_src_gen.expression_system_id               ? 
_entity_src_gen.plasmid_name                       pET24a 
_entity_src_gen.plasmid_details                    ? 
_entity_src_gen.pdbx_description                   ? 
# 
loop_
_pdbx_entity_src_syn.entity_id 
_pdbx_entity_src_syn.pdbx_src_id 
_pdbx_entity_src_syn.pdbx_alt_source_flag 
_pdbx_entity_src_syn.pdbx_beg_seq_num 
_pdbx_entity_src_syn.pdbx_end_seq_num 
_pdbx_entity_src_syn.organism_scientific 
_pdbx_entity_src_syn.organism_common_name 
_pdbx_entity_src_syn.ncbi_taxonomy_id 
_pdbx_entity_src_syn.details 
2 1 sample 1 27 'Escherichia coli' ? 562 ? 
3 1 sample 1 27 'Escherichia coli' ? 562 ? 
# 
loop_
_chem_comp.id 
_chem_comp.type 
_chem_comp.mon_nstd_flag 
_chem_comp.name 
_chem_comp.pdbx_synonyms 
_chem_comp.formula 
_chem_comp.formula_weight 
ALA 'L-peptide linking' y ALANINE                              ? 'C3 H7 N O2'      89.093  
ARG 'L-peptide linking' y ARGININE                             ? 'C6 H15 N4 O2 1'  175.209 
ASN 'L-peptide linking' y ASPARAGINE                           ? 'C4 H8 N2 O3'     132.118 
ASP 'L-peptide linking' y 'ASPARTIC ACID'                      ? 'C4 H7 N O4'      133.103 
CYS 'L-peptide linking' y CYSTEINE                             ? 'C3 H7 N O2 S'    121.158 
DA  'DNA linking'       y "2'-DEOXYADENOSINE-5'-MONOPHOSPHATE" ? 'C10 H14 N5 O6 P' 331.222 
DC  'DNA linking'       y "2'-DEOXYCYTIDINE-5'-MONOPHOSPHATE"  ? 'C9 H14 N3 O7 P'  307.197 
DG  'DNA linking'       y "2'-DEOXYGUANOSINE-5'-MONOPHOSPHATE" ? 'C10 H14 N5 O7 P' 347.221 
DT  'DNA linking'       y "THYMIDINE-5'-MONOPHOSPHATE"         ? 'C10 H15 N2 O8 P' 322.208 
GLN 'L-peptide linking' y GLUTAMINE                            ? 'C5 H10 N2 O3'    146.144 
GLU 'L-peptide linking' y 'GLUTAMIC ACID'                      ? 'C5 H9 N O4'      147.129 
GLY 'peptide linking'   y GLYCINE                              ? 'C2 H5 N O2'      75.067  
HIS 'L-peptide linking' y HISTIDINE                            ? 'C6 H10 N3 O2 1'  156.162 
ILE 'L-peptide linking' y ISOLEUCINE                           ? 'C6 H13 N O2'     131.173 
LEU 'L-peptide linking' y LEUCINE                              ? 'C6 H13 N O2'     131.173 
LYS 'L-peptide linking' y LYSINE                               ? 'C6 H15 N2 O2 1'  147.195 
MET 'L-peptide linking' y METHIONINE                           ? 'C5 H11 N O2 S'   149.211 
PHE 'L-peptide linking' y PHENYLALANINE                        ? 'C9 H11 N O2'     165.189 
PRO 'L-peptide linking' y PROLINE                              ? 'C5 H9 N O2'      115.130 
SER 'L-peptide linking' y SERINE                               ? 'C3 H7 N O3'      105.093 
THR 'L-peptide linking' y THREONINE                            ? 'C4 H9 N O3'      119.119 
TRP 'L-peptide linking' y TRYPTOPHAN                           ? 'C11 H12 N2 O2'   204.225 
TYR 'L-peptide linking' y TYROSINE                             ? 'C9 H11 N O3'     181.189 
VAL 'L-peptide linking' y VALINE                               ? 'C5 H11 N O2'     117.146 
# 
loop_
_pdbx_poly_seq_scheme.asym_id 
_pdbx_poly_seq_scheme.entity_id 
_pdbx_poly_seq_scheme.seq_id 
_pdbx_poly_seq_scheme.mon_id 
_pdbx_poly_seq_scheme.ndb_seq_num 
_pdbx_poly_seq_scheme.pdb_seq_num 
_pdbx_poly_seq_scheme.auth_seq_num 
_pdbx_poly_seq_scheme.pdb_mon_id 
_pdbx_poly_seq_scheme.auth_mon_id 
_pdbx_poly_seq_scheme.pdb_strand_id 
_pdbx_poly_seq_scheme.pdb_ins_code 
_pdbx_poly_seq_scheme.hetero 
A 1 1   MET 1   1   ?   ?   ?   A . n 
A 1 2   SER 2   2   ?   ?   ?   A . n 
A 1 3   THR 3   3   3   THR THR A . n 
A 1 4   ALA 4   4   4   ALA ALA A . n 
A 1 5   LEU 5   5   5   LEU LEU A . n 
A 1 6   ALA 6   6   6   ALA ALA A . n 
A 1 7   THR 7   7   7   THR THR A . n 
A 1 8   LEU 8   8   8   LEU LEU A . n 
A 1 9   ALA 9   9   9   ALA ALA A . n 
A 1 10  GLY 10  10  10  GLY GLY A . n 
A 1 11  LYS 11  11  11  LYS LYS A . n 
A 1 12  LEU 12  12  12  LEU LEU A . n 
A 1 13  ALA 13  13  13  ALA ALA A . n 
A 1 14  GLU 14  14  14  GLU GLU A . n 
A 1 15  ARG 15  15  15  ARG ARG A . n 
A 1 16  VAL 16  16  16  VAL VAL A . n 
A 1 17  GLY 17  17  17  GLY GLY A . n 
A 1 18  MET 18  18  18  MET MET A . n 
A 1 19  ASP 19  19  19  ASP ASP A . n 
A 1 20  SER 20  20  20  SER SER A . n 
A 1 21  VAL 21  21  21  VAL VAL A . n 
A 1 22  ASP 22  22  22  ASP ASP A . n 
A 1 23  PRO 23  23  23  PRO PRO A . n 
A 1 24  GLN 24  24  24  GLN GLN A . n 
A 1 25  GLU 25  25  25  GLU GLU A . n 
A 1 26  LEU 26  26  26  LEU LEU A . n 
A 1 27  ILE 27  27  27  ILE ILE A . n 
A 1 28  THR 28  28  28  THR THR A . n 
A 1 29  THR 29  29  29  THR THR A . n 
A 1 30  LEU 30  30  30  LEU LEU A . n 
A 1 31  ARG 31  31  31  ARG ARG A . n 
A 1 32  GLN 32  32  32  GLN GLN A . n 
A 1 33  THR 33  33  33  THR THR A . n 
A 1 34  ALA 34  34  34  ALA ALA A . n 
A 1 35  PHE 35  35  35  PHE PHE A . n 
A 1 36  LYS 36  36  36  LYS LYS A . n 
A 1 37  GLY 37  37  37  GLY GLY A . n 
A 1 38  ASP 38  38  38  ASP ASP A . n 
A 1 39  ALA 39  39  39  ALA ALA A . n 
A 1 40  SER 40  40  40  SER SER A . n 
A 1 41  ASP 41  41  41  ASP ASP A . n 
A 1 42  ALA 42  42  42  ALA ALA A . n 
A 1 43  GLN 43  43  43  GLN GLN A . n 
A 1 44  PHE 44  44  44  PHE PHE A . n 
A 1 45  ILE 45  45  45  ILE ILE A . n 
A 1 46  ALA 46  46  46  ALA ALA A . n 
A 1 47  LEU 47  47  47  LEU LEU A . n 
A 1 48  LEU 48  48  48  LEU LEU A . n 
A 1 49  ILE 49  49  49  ILE ILE A . n 
A 1 50  VAL 50  50  50  VAL VAL A . n 
A 1 51  ALA 51  51  51  ALA ALA A . n 
A 1 52  ASN 52  52  52  ASN ASN A . n 
A 1 53  GLN 53  53  53  GLN GLN A . n 
A 1 54  TYR 54  54  54  TYR TYR A . n 
A 1 55  GLY 55  55  55  GLY GLY A . n 
A 1 56  LEU 56  56  56  LEU LEU A . n 
A 1 57  ASN 57  57  57  ASN ASN A . n 
A 1 58  PRO 58  58  58  PRO PRO A . n 
A 1 59  TRP 59  59  59  TRP TRP A . n 
A 1 60  THR 60  60  60  THR THR A . n 
A 1 61  LYS 61  61  61  LYS LYS A . n 
A 1 62  GLU 62  62  62  GLU GLU A . n 
A 1 63  ILE 63  63  63  ILE ILE A . n 
A 1 64  TYR 64  64  64  TYR TYR A . n 
A 1 65  ALA 65  65  65  ALA ALA A . n 
A 1 66  PHE 66  66  66  PHE PHE A . n 
A 1 67  PRO 67  67  67  PRO PRO A . n 
A 1 68  ASP 68  68  68  ASP ASP A . n 
A 1 69  LYS 69  69  69  LYS LYS A . n 
A 1 70  GLN 70  70  70  GLN GLN A . n 
A 1 71  ASN 71  71  71  ASN ASN A . n 
A 1 72  GLY 72  72  72  GLY GLY A . n 
A 1 73  ILE 73  73  73  ILE ILE A . n 
A 1 74  VAL 74  74  74  VAL VAL A . n 
A 1 75  PRO 75  75  75  PRO PRO A . n 
A 1 76  VAL 76  76  76  VAL VAL A . n 
A 1 77  VAL 77  77  77  VAL VAL A . n 
A 1 78  GLY 78  78  78  GLY GLY A . n 
A 1 79  VAL 79  79  79  VAL VAL A . n 
A 1 80  ASP 80  80  80  ASP ASP A . n 
A 1 81  GLY 81  81  81  GLY GLY A . n 
A 1 82  TRP 82  82  82  TRP TRP A . n 
A 1 83  SER 83  83  83  SER SER A . n 
A 1 84  ARG 84  84  84  ARG ARG A . n 
A 1 85  ILE 85  85  85  ILE ILE A . n 
A 1 86  ILE 86  86  86  ILE ILE A . n 
A 1 87  ASN 87  87  87  ASN ASN A . n 
A 1 88  GLU 88  88  88  GLU GLU A . n 
A 1 89  ASN 89  89  89  ASN ASN A . n 
A 1 90  GLN 90  90  90  GLN GLN A . n 
A 1 91  GLN 91  91  91  GLN GLN A . n 
A 1 92  PHE 92  92  92  PHE PHE A . n 
A 1 93  ASP 93  93  93  ASP ASP A . n 
A 1 94  GLY 94  94  94  GLY GLY A . n 
A 1 95  MET 95  95  95  MET MET A . n 
A 1 96  ASP 96  96  96  ASP ASP A . n 
A 1 97  PHE 97  97  97  PHE PHE A . n 
A 1 98  GLU 98  98  98  GLU GLU A . n 
A 1 99  GLN 99  99  99  GLN GLN A . n 
A 1 100 ASP 100 100 100 ASP ASP A . n 
A 1 101 ASN 101 101 101 ASN ASN A . n 
A 1 102 GLU 102 102 102 GLU GLU A . n 
A 1 103 SER 103 103 103 SER SER A . n 
A 1 104 CYS 104 104 104 CYS CYS A . n 
A 1 105 THR 105 105 105 THR THR A . n 
A 1 106 CYS 106 106 106 CYS CYS A . n 
A 1 107 ARG 107 107 107 ARG ARG A . n 
A 1 108 ILE 108 108 108 ILE ILE A . n 
A 1 109 TYR 109 109 109 TYR TYR A . n 
A 1 110 ARG 110 110 110 ARG ARG A . n 
A 1 111 LYS 111 111 111 LYS LYS A . n 
A 1 112 ASP 112 112 112 ASP ASP A . n 
A 1 113 ARG 113 113 113 ARG ARG A . n 
A 1 114 ASN 114 114 114 ASN ASN A . n 
A 1 115 HIS 115 115 115 HIS HIS A . n 
A 1 116 PRO 116 116 116 PRO PRO A . n 
A 1 117 ILE 117 117 117 ILE ILE A . n 
A 1 118 CYS 118 118 118 CYS CYS A . n 
A 1 119 VAL 119 119 119 VAL VAL A . n 
A 1 120 THR 120 120 120 THR THR A . n 
A 1 121 GLU 121 121 121 GLU GLU A . n 
A 1 122 TRP 122 122 122 TRP TRP A . n 
A 1 123 MET 123 123 123 MET MET A . n 
A 1 124 ASP 124 124 124 ASP ASP A . n 
A 1 125 GLU 125 125 125 GLU GLU A . n 
A 1 126 CYS 126 126 126 CYS CYS A . n 
A 1 127 ARG 127 127 127 ARG ARG A . n 
A 1 128 ARG 128 128 128 ARG ARG A . n 
A 1 129 GLU 129 129 129 GLU GLU A . n 
A 1 130 PRO 130 130 130 PRO PRO A . n 
A 1 131 PHE 131 131 131 PHE PHE A . n 
A 1 132 LYS 132 132 132 LYS LYS A . n 
A 1 133 THR 133 133 ?   ?   ?   A . n 
A 1 134 ARG 134 134 ?   ?   ?   A . n 
A 1 135 GLU 135 135 ?   ?   ?   A . n 
A 1 136 GLY 136 136 ?   ?   ?   A . n 
A 1 137 ARG 137 137 ?   ?   ?   A . n 
A 1 138 GLU 138 138 ?   ?   ?   A . n 
A 1 139 ILE 139 139 139 ILE ILE A . n 
A 1 140 THR 140 140 140 THR THR A . n 
A 1 141 GLY 141 141 141 GLY GLY A . n 
A 1 142 PRO 142 142 142 PRO PRO A . n 
A 1 143 TRP 143 143 143 TRP TRP A . n 
A 1 144 GLN 144 144 144 GLN GLN A . n 
A 1 145 SER 145 145 145 SER SER A . n 
A 1 146 HIS 146 146 146 HIS HIS A . n 
A 1 147 PRO 147 147 147 PRO PRO A . n 
A 1 148 LYS 148 148 148 LYS LYS A . n 
A 1 149 ARG 149 149 149 ARG ARG A . n 
A 1 150 MET 150 150 150 MET MET A . n 
A 1 151 LEU 151 151 151 LEU LEU A . n 
A 1 152 ARG 152 152 152 ARG ARG A . n 
A 1 153 HIS 153 153 153 HIS HIS A . n 
A 1 154 LYS 154 154 154 LYS LYS A . n 
A 1 155 ALA 155 155 155 ALA ALA A . n 
A 1 156 MET 156 156 156 MET MET A . n 
A 1 157 ILE 157 157 157 ILE ILE A . n 
A 1 158 GLN 158 158 158 GLN GLN A . n 
A 1 159 CYS 159 159 159 CYS CYS A . n 
A 1 160 ALA 160 160 160 ALA ALA A . n 
A 1 161 ARG 161 161 161 ARG ARG A . n 
A 1 162 LEU 162 162 162 LEU LEU A . n 
A 1 163 ALA 163 163 163 ALA ALA A . n 
A 1 164 PHE 164 164 164 PHE PHE A . n 
A 1 165 GLY 165 165 165 GLY GLY A . n 
A 1 166 PHE 166 166 166 PHE PHE A . n 
A 1 167 ALA 167 167 167 ALA ALA A . n 
A 1 168 GLY 168 168 168 GLY GLY A . n 
A 1 169 ILE 169 169 169 ILE ILE A . n 
A 1 170 TYR 170 170 ?   ?   ?   A . n 
A 1 171 ASP 171 171 ?   ?   ?   A . n 
A 1 172 LYS 172 172 ?   ?   ?   A . n 
A 1 173 ASP 173 173 ?   ?   ?   A . n 
A 1 174 GLU 174 174 ?   ?   ?   A . n 
A 1 175 ALA 175 175 ?   ?   ?   A . n 
A 1 176 GLU 176 176 ?   ?   ?   A . n 
A 1 177 ARG 177 177 ?   ?   ?   A . n 
A 1 178 SER 178 178 ?   ?   ?   A . n 
A 1 179 SER 179 179 ?   ?   ?   A . n 
A 1 180 HIS 180 180 ?   ?   ?   A . n 
A 1 181 HIS 181 181 ?   ?   ?   A . n 
A 1 182 HIS 182 182 ?   ?   ?   A . n 
A 1 183 HIS 183 183 ?   ?   ?   A . n 
A 1 184 HIS 184 184 ?   ?   ?   A . n 
A 1 185 HIS 185 185 ?   ?   ?   A . n 
B 2 1   DT  1   0   ?   ?   ?   B . n 
B 2 2   DG  2   1   1   DG  DG  B . n 
B 2 3   DC  3   2   2   DC  DC  B . n 
B 2 4   DA  4   3   3   DA  DA  B . n 
B 2 5   DG  5   4   4   DG  DG  B . n 
B 2 6   DC  6   5   ?   ?   ?   B . n 
B 2 7   DA  7   6   ?   ?   ?   B . n 
B 2 8   DG  8   7   ?   ?   ?   B . n 
B 2 9   DC  9   8   ?   ?   ?   B . n 
B 2 10  DT  10  9   ?   ?   ?   B . n 
B 2 11  DT  11  10  ?   ?   ?   B . n 
B 2 12  DT  12  11  ?   ?   ?   B . n 
B 2 13  DA  13  12  ?   ?   ?   B . n 
B 2 14  DC  14  13  ?   ?   ?   B . n 
B 2 15  DC  15  14  ?   ?   ?   B . n 
B 2 16  DA  16  15  ?   ?   ?   B . n 
B 2 17  DT  17  16  ?   ?   ?   B . n 
B 2 18  DC  18  17  ?   ?   ?   B . n 
B 2 19  DT  19  18  ?   ?   ?   B . n 
B 2 20  DG  20  19  ?   ?   ?   B . n 
B 2 21  DC  21  20  ?   ?   ?   B . n 
B 2 22  DC  22  21  ?   ?   ?   B . n 
B 2 23  DG  23  22  ?   ?   ?   B . n 
B 2 24  DC  24  23  ?   ?   ?   B . n 
B 2 25  DT  25  24  ?   ?   ?   B . n 
B 2 26  DG  26  25  ?   ?   ?   B . n 
B 2 27  DG  27  26  ?   ?   ?   B . n 
C 3 1   DC  1   -18 ?   ?   ?   C . n 
C 3 2   DC  2   -17 ?   ?   ?   C . n 
C 3 3   DA  3   -16 ?   ?   ?   C . n 
C 3 4   DG  4   -15 ?   ?   ?   C . n 
C 3 5   DC  5   -14 ?   ?   ?   C . n 
C 3 6   DG  6   -13 ?   ?   ?   C . n 
C 3 7   DG  7   -12 ?   ?   ?   C . n 
C 3 8   DC  8   -11 ?   ?   ?   C . n 
C 3 9   DA  9   -10 ?   ?   ?   C . n 
C 3 10  DG  10  -9  ?   ?   ?   C . n 
C 3 11  DA  11  -8  ?   ?   ?   C . n 
C 3 12  DT  12  -7  ?   ?   ?   C . n 
C 3 13  DG  13  -6  ?   ?   ?   C . n 
C 3 14  DG  14  -5  ?   ?   ?   C . n 
C 3 15  DT  15  -4  ?   ?   ?   C . n 
C 3 16  DA  16  -3  ?   ?   ?   C . n 
C 3 17  DA  17  -2  ?   ?   ?   C . n 
C 3 18  DA  18  -1  ?   ?   ?   C . n 
C 3 19  DG  19  0   ?   ?   ?   C . n 
C 3 20  DC  20  1   1   DC  DC  C . n 
C 3 21  DT  21  2   2   DT  DT  C . n 
C 3 22  DG  22  3   3   DG  DG  C . n 
C 3 23  DC  23  4   4   DC  DC  C . n 
C 3 24  DT  24  5   ?   ?   ?   C . n 
C 3 25  DG  25  6   ?   ?   ?   C . n 
C 3 26  DC  26  7   ?   ?   ?   C . n 
C 3 27  DA  27  8   ?   ?   ?   C . n 
# 
_software.citation_id            ? 
_software.classification         'model building' 
_software.compiler_name          ? 
_software.compiler_version       ? 
_software.contact_author         ? 
_software.contact_author_email   ? 
_software.date                   ? 
_software.description            ? 
_software.dependencies           ? 
_software.hardware               ? 
_software.language               ? 
_software.location               https://www.rbvi.ucsf.edu/chimerax/ 
_software.mods                   ? 
_software.name                   'UCSF ChimeraX' 
_software.os                     Windows 
_software.os_version             ? 
_software.type                   package 
_software.version                1.3/v9 
_software.pdbx_ordinal           1 
# 
_exptl.absorpt_coefficient_mu     ? 
_exptl.absorpt_correction_T_max   ? 
_exptl.absorpt_correction_T_min   ? 
_exptl.absorpt_correction_type    ? 
_exptl.absorpt_process_details    ? 
_exptl.entry_id                   7UJL 
_exptl.crystals_number            ? 
_exptl.details                    ? 
_exptl.method                     'ELECTRON MICROSCOPY' 
_exptl.method_details             ? 
# 
_struct.entry_id                     7UJL 
_struct.title                        'Bacteriophage Lambda Red-Beta N-terminal domain helical assembly in complex with dsDNA' 
_struct.pdbx_model_details           ? 
_struct.pdbx_formula_weight          ? 
_struct.pdbx_formula_weight_method   ? 
_struct.pdbx_model_type_details      ? 
_struct.pdbx_CASP_flag               N 
# 
_struct_keywords.entry_id        7UJL 
_struct_keywords.text            
;Annealase, Synaptase, SSAP, Single-strand annealing protein, DNA annealing intermediate, Recombinase, Two-component recombinase, Viral, DNA-binding, RECOMBINATION-DNA complex
;
_struct_keywords.pdbx_keywords   RECOMBINATION/DNA 
# 
loop_
_struct_asym.id 
_struct_asym.pdbx_blank_PDB_chainid_flag 
_struct_asym.pdbx_modified 
_struct_asym.entity_id 
_struct_asym.details 
A N N 1 ? 
B N N 2 ? 
C N N 3 ? 
# 
loop_
_struct_ref.id 
_struct_ref.db_name 
_struct_ref.db_code 
_struct_ref.pdbx_db_accession 
_struct_ref.pdbx_db_isoform 
_struct_ref.entity_id 
_struct_ref.pdbx_seq_one_letter_code 
_struct_ref.pdbx_align_begin 
1 UNP VBET_LAMBD P03698 ? 1 
;MSTALATLAGKLAERVGMDSVDPQELITTLRQTAFKGDASDAQFIALLIVANQYGLNPWTKEIYAFPDKQNGIVPVVGVD
GWSRIINENQQFDGMDFEQDNESCTCRIYRKDRNHPICVTEWMDECRREPFKTREGREITGPWQSHPKRMLRHKAMIQCA
RLAFGFAGIYDKDEAER
;
1 
2 PDB 7UJL       7UJL   ? 2 ? 1 
3 PDB 7UJL       7UJL   ? 3 ? 1 
# 
loop_
_struct_ref_seq.align_id 
_struct_ref_seq.ref_id 
_struct_ref_seq.pdbx_PDB_id_code 
_struct_ref_seq.pdbx_strand_id 
_struct_ref_seq.seq_align_beg 
_struct_ref_seq.pdbx_seq_align_beg_ins_code 
_struct_ref_seq.seq_align_end 
_struct_ref_seq.pdbx_seq_align_end_ins_code 
_struct_ref_seq.pdbx_db_accession 
_struct_ref_seq.db_align_beg 
_struct_ref_seq.pdbx_db_align_beg_ins_code 
_struct_ref_seq.db_align_end 
_struct_ref_seq.pdbx_db_align_end_ins_code 
_struct_ref_seq.pdbx_auth_seq_align_beg 
_struct_ref_seq.pdbx_auth_seq_align_end 
1 1 7UJL A 1 ? 177 ? P03698 1   ? 177 ? 1   177 
2 2 7UJL B 1 ? 27  ? 7UJL   0   ? 26  ? 0   26  
3 3 7UJL C 1 ? 27  ? 7UJL   -18 ? 8   ? -18 8   
# 
loop_
_struct_ref_seq_dif.align_id 
_struct_ref_seq_dif.pdbx_pdb_id_code 
_struct_ref_seq_dif.mon_id 
_struct_ref_seq_dif.pdbx_pdb_strand_id 
_struct_ref_seq_dif.seq_num 
_struct_ref_seq_dif.pdbx_pdb_ins_code 
_struct_ref_seq_dif.pdbx_seq_db_name 
_struct_ref_seq_dif.pdbx_seq_db_accession_code 
_struct_ref_seq_dif.db_mon_id 
_struct_ref_seq_dif.pdbx_seq_db_seq_num 
_struct_ref_seq_dif.details 
_struct_ref_seq_dif.pdbx_auth_seq_num 
_struct_ref_seq_dif.pdbx_ordinal 
1 7UJL SER A 178 ? UNP P03698 ? ? 'expression tag' 178 1 
1 7UJL SER A 179 ? UNP P03698 ? ? 'expression tag' 179 2 
1 7UJL HIS A 180 ? UNP P03698 ? ? 'expression tag' 180 3 
1 7UJL HIS A 181 ? UNP P03698 ? ? 'expression tag' 181 4 
1 7UJL HIS A 182 ? UNP P03698 ? ? 'expression tag' 182 5 
1 7UJL HIS A 183 ? UNP P03698 ? ? 'expression tag' 183 6 
1 7UJL HIS A 184 ? UNP P03698 ? ? 'expression tag' 184 7 
1 7UJL HIS A 185 ? UNP P03698 ? ? 'expression tag' 185 8 
# 
loop_
_pdbx_struct_assembly.id 
_pdbx_struct_assembly.details 
_pdbx_struct_assembly.method_details 
_pdbx_struct_assembly.oligomeric_details 
_pdbx_struct_assembly.oligomeric_count 
1 'representative helical assembly' ? 180-meric 180 
2 'helical asymmetric unit'         ? trimeric  3   
# 
loop_
_pdbx_struct_assembly_gen.assembly_id 
_pdbx_struct_assembly_gen.oper_expression 
_pdbx_struct_assembly_gen.asym_id_list 
1 '(1-60)' A,B,C 
2 1        A,B,C 
# 
_pdbx_struct_assembly_auth_evidence.id                     1 
_pdbx_struct_assembly_auth_evidence.assembly_id            1 
_pdbx_struct_assembly_auth_evidence.experimental_support   'electron microscopy' 
_pdbx_struct_assembly_auth_evidence.details                
'1-start left-handed helical assembly with a helical rise of 2.078 A and a twist of -12.947 degrees' 
# 
loop_
_pdbx_struct_oper_list.id 
_pdbx_struct_oper_list.type 
_pdbx_struct_oper_list.name 
_pdbx_struct_oper_list.symmetry_operation 
_pdbx_struct_oper_list.matrix[1][1] 
_pdbx_struct_oper_list.matrix[1][2] 
_pdbx_struct_oper_list.matrix[1][3] 
_pdbx_struct_oper_list.vector[1] 
_pdbx_struct_oper_list.matrix[2][1] 
_pdbx_struct_oper_list.matrix[2][2] 
_pdbx_struct_oper_list.matrix[2][3] 
_pdbx_struct_oper_list.vector[2] 
_pdbx_struct_oper_list.matrix[3][1] 
_pdbx_struct_oper_list.matrix[3][2] 
_pdbx_struct_oper_list.matrix[3][3] 
_pdbx_struct_oper_list.vector[3] 
1  'identity operation'         1_555 x,y,z 1.00000000  0.00000000  0.00000000  0.00000   0.00000000  1.00000000  0.00000000  0.00000    0.00000000  0.00000000  1.00000000 0.00000   
2  'helical symmetry operation' ?     ?     0.88350032  0.39954432  -0.24452513 43.53568  -0.37554714 0.91615841  0.14006732  51.89767   0.27998670  -0.03191928 0.95947327 31.75303  
3  'helical symmetry operation' ?     ?     0.96498548  0.22077872  -0.14163364 26.93832  -0.21356626 0.97480102  0.06444104  44.60625   0.15229178  -0.03193664 0.98781950 37.81893  
4  'helical symmetry operation' ?     ?     0.99906749  0.03585323  -0.02405531 12.83330  -0.03566114 0.99932890  0.00836706  34.19665   0.02433915  -0.00750140 0.99967561 45.44190  
5  'helical symmetry operation' ?     ?     0.98401387  -0.14582893 0.10223103  1.91868   0.14912183  0.98849522  -0.02530355 21.13950   -0.09736498 0.04014367  0.99443891 54.14857  
6  'helical symmetry operation' ?     ?     0.92058880  -0.31503124 0.23080538  -5.27002  0.33138876  0.94284996  -0.03485854 6.04077    -0.20663324 0.10857690  0.97237524 63.41004  
7  'helical symmetry operation' ?     ?     0.81201834  -0.46315116 0.35513046  -8.38590  0.50187256  0.86471481  -0.01981272 -10.39033  -0.29791035 0.19431833  0.93460685 72.66942  
8  'helical symmetry operation' ?     ?     0.66382209  -0.58265643 0.46888439  -7.29074  0.65190404  0.75806207  0.01906942  -27.37574  -0.36655452 0.29300852  0.88305384 81.36951  
9  'helical symmetry operation' ?     ?     0.48353459  -0.66747106 0.56628362  -2.05761  0.77385518  0.62831415  0.07981110  -44.11189  -0.40907568 0.39962987  0.82033725 88.98273  
10 'helical symmetry operation' ?     ?     0.28032326  -0.71328292 0.64237591  7.02646   0.86152552  0.48206858  0.15932353  -59.80403  -0.42331207 0.50876094  0.74964616 95.03498  
11 'helical symmetry operation' ?     ?     0.06452016  -0.71776271 0.69329241  19.48252  0.91045751  0.32676107  0.25356400  -73.71458  -0.40853983 0.61485305  0.67457477 99.13338  
12 'helical symmetry operation' ?     ?     -0.15290225 -0.68068265 0.71644428  34.65645  0.91816321  0.17028819  0.35774087  -85.19269  -0.36551006 0.71251199  0.59894006 100.98266 
13 'helical symmetry operation' ?     ?     -0.36088930 -0.60392824 0.71065450  51.75840  0.88425101  0.02060567  0.46655731  -93.71402  -0.29641068 0.79677239  0.52658764 100.40324 
14 'helical symmetry operation' ?     ?     -0.54886709 -0.49140116 0.67621711  69.89947  0.81044453  -0.11467674 0.57448128  -98.90275  -0.20475436 0.86335044  0.46119583 97.33805  
15 'helical symmetry operation' ?     ?     -0.70727644 -0.34882417 0.61488366  88.13798  0.70049749  -0.22867956 0.67602445  -100.55473 -0.09520237 0.90886054  0.40609000 91.85789  
16 'helical symmetry operation' ?     ?     -0.82806333 -0.18344627 0.52977249  105.52847 0.55999987  -0.31560654 0.76602408  -98.64226  0.02667536  0.93098883  0.36407188 84.15379  
17 'helical symmetry operation' ?     ?     -0.90508716 -0.00367477 0.42521037  121.16685 0.39609412  -0.37103845 0.83990476  -93.32333  0.15468292  0.92861028  0.33727761 74.53329  
18 'helical symmetry operation' ?     ?     -0.93443118 0.18134922  0.30651406  134.23913 0.21711456  -0.39215653 0.89390970  -84.92355  0.28231131  0.90184574  0.32706971 63.39734  
19 'helical symmetry operation' ?     ?     -0.91460377 0.36221715  0.17971945  144.06099 0.03216248  -0.37788730 0.92529296  -73.93096  0.40307062  0.85205646  0.33396707 51.22806  
20 'helical symmetry operation' ?     ?     -0.84661193 0.52973463  0.05127192  150.11464 -0.14936030 -0.32895545 0.93245876  -60.96119  0.51082197  0.78177302  0.35761938 38.55694  
21 'helical symmetry operation' ?     ?     -0.73391483 0.67538338  -0.07229657 152.07310 -0.31822295 -0.24785047 0.91504352  -46.73170  0.60008637  0.69457021  0.39682330 25.94205  
22 'helical symmetry operation' ?     ?     -0.58224005 0.79175847  -0.18470413 149.81742 -0.46584078 -0.13869433 0.87393173  -32.02609  0.66632534  0.59488051  0.44958639 13.94004  
23 'helical symmetry operation' ?     ?     -0.39930110 0.87294162  -0.28023424 143.44340 -0.58470661 -0.00703824 0.81121416  -17.64779  0.70617030  0.48777367  0.51322533 3.07336   
24 'helical symmetry operation' ?     ?     -0.19439887 0.91480633  -0.35403066 133.25658 -0.66877810 0.14042422  0.73007969  -4.38801   0.71759612  0.37869496  0.58450464 -6.19039  
25 'helical symmetry operation' ?     ?     0.02204848  0.91522439  -0.40234150 119.75419 -0.71378106 0.29619538  0.63465365  7.02119    0.70002212  0.27319036  0.65980015 -13.46613 
26 'helical symmetry operation' ?     ?     0.23903559  0.87417343  -0.42270962 103.60538 -0.71742618 0.45235499  0.52978777  15.94229   0.65434110  0.17662453  0.73528342 -18.47093 
27 'helical symmetry operation' ?     ?     0.44553101  0.79374018  -0.41409936 85.61099  -0.67952789 0.60096403  0.42081328  21.86274   0.58287528  0.09390687  0.80711696 -21.03564 
28 'helical symmetry operation' ?     ?     0.63103340  0.67801597  -0.37694917 66.66745  -0.60201439 0.73446496  0.31327229  24.42352   0.48925966  0.02924378  0.87164764 -21.11622 
29 'helical symmetry operation' ?     ?     0.78611222  0.53288383  -0.31314761 47.71849  -0.48882616 0.84607089  0.21263192  23.43607   0.37825334  -0.01407736 0.92559489 -18.79448 
30 'helical symmetry operation' ?     ?     0.90288372  0.36572345  -0.22593924 29.70941  -0.34571895 0.93010810  0.12400879  18.89262   0.25550066  -0.03385459 0.96621617 -14.27490 
31 'helical symmetry operation' ?     ?     0.97540848  0.18503303  -0.11975696 13.53512  -0.17996754 0.98230217  0.05190965  10.96554   0.12724242  -0.02908106 0.99144535 -7.87273  
32 'helical symmetry operation' ?     ?     0.97540848  -0.17996754 0.12724242  -10.22696 0.18503303  0.98230217  -0.02908106 -13.50481  -0.11975696 0.05190965  0.99144535 8.85702   
33 'helical symmetry operation' ?     ?     0.90288372  -0.34571895 0.25550066  -16.64477 0.36572345  0.93010810  -0.03385459 -28.92082  -0.22593924 0.12400879  0.96621617 18.16215  
34 'helical symmetry operation' ?     ?     0.78611222  -0.48882616 0.37825334  -18.94720 0.53288383  0.84607089  -0.01407736 -45.52164  -0.31314761 0.21263192  0.92559489 27.35587  
35 'helical symmetry operation' ?     ?     0.63103340  -0.60201439 0.48925966  -17.03506 0.67801597  0.73446496  0.02924378  -62.52218  -0.37694917 0.31327229  0.87164764 35.88492  
36 'helical symmetry operation' ?     ?     0.44553101  -0.67952789 0.58287528  -11.02470 0.79374018  0.60096403  0.09390687  -79.11645  -0.41409936 0.42081328  0.80711696 43.22967  
37 'helical symmetry operation' ?     ?     0.23903559  -0.71742618 0.65434110  -1.24156  0.87417343  0.45235499  0.17662453  -94.51829  -0.42270962 0.52978777  0.73528342 48.93035  
38 'helical symmetry operation' ?     ?     0.02204848  -0.71378106 0.70002212  11.79806  0.91522439  0.29619538  0.27319036  -108.00303 -0.40234150 0.63465365  0.65980015 52.61111  
39 'helical symmetry operation' ?     ?     -0.19439887 -0.66877810 0.71759612  27.41212  0.91480633  0.14042422  0.37869496  -118.94331 -0.35403066 0.73007969  0.58450464 53.99877  
40 'helical symmetry operation' ?     ?     -0.39930110 -0.58470661 0.70617030  44.78793  0.87294162  -0.00703824 0.48777367  -126.84153 -0.28023424 0.81121416  0.51322533 52.93693  
41 'helical symmetry operation' ?     ?     -0.58224005 -0.46584078 0.66632534  63.02260  0.79175847  -0.13869433 0.59488051  -131.35379 -0.18470413 0.87393173  0.44958639 49.39319  
42 'helical symmetry operation' ?     ?     -0.73391483 -0.31822295 0.60008637  81.16987  0.67538338  -0.24785047 0.69457021  -132.30939 -0.07229657 0.91504352  0.39682330 43.46202  
43 'helical symmetry operation' ?     ?     -0.84661193 -0.14936030 0.51082197  98.28820  0.52973463  -0.32895545 0.78177302  -129.71666 0.05127192  0.93245876  0.35761938 35.35798  
44 'helical symmetry operation' ?     ?     -0.91460377 0.03216248  0.40307062  113.48792 0.36221715  -0.37788730 0.85205646  -123.76815 0.17971945  0.92529296  0.33396707 25.40877  
45 'helical symmetry operation' ?     ?     -0.93443118 0.21711456  0.28231131  125.97741 0.18134922  -0.39215653 0.90184574  -114.82190 0.30651406  0.89390970  0.32706971 14.03234  
46 'helical symmetry operation' ?     ?     -0.90508716 0.39609412  0.15468292  135.10216 -0.00367477 -0.37103845 0.92861028  -103.39362 0.42521037  0.83990476  0.33727761 1.72291   
47 'helical symmetry operation' ?     ?     -0.82806333 0.55999987  0.02667536  140.37971 -0.18344627 -0.31560654 0.93098883  -90.12007  0.52977249  0.76602408  0.36407188 -10.98157 
48 'helical symmetry operation' ?     ?     -0.70727644 0.70049749  -0.09520237 141.52119 -0.34882417 -0.22867956 0.90886054  -75.73556  0.61488366  0.67602445  0.40609000 -23.52008 
49 'helical symmetry operation' ?     ?     -0.54886709 0.81044453  -0.20475436 138.45131 -0.49140116 -0.11467674 0.86335044  -61.02984  0.67621711  0.57448128  0.46119583 -35.34150 
50 'helical symmetry operation' ?     ?     -0.36088930 0.88425101  -0.29641068 131.30599 -0.60392824 0.02060567  0.79677239  -46.80943  0.71065450  0.46655731  0.52658764 -45.93020 
51 'helical symmetry operation' ?     ?     -0.15290225 0.91816321  -0.36551006 120.43006 -0.68068265 0.17028819  0.71251199  -33.85400  0.71644428  0.35774087  0.59894006 -54.83508 
52 'helical symmetry operation' ?     ?     0.06452016  0.91045751  -0.40853983 106.35637 -0.71776271 0.32676107  0.61485305  -22.88181  0.69329241  0.25356400  0.67457477 -61.68832 
53 'helical symmetry operation' ?     ?     0.28032326  0.86152552  -0.42331207 89.78241  -0.71328292 0.48206858  0.50876094  -14.50832  0.64237591  0.15932353  0.74964616 -66.22821 
54 'helical symmetry operation' ?     ?     0.48353459  0.77385518  -0.40907568 71.53184  -0.66747106 0.62831415  0.39962987  -9.21756   0.56628362  0.07981110  0.82033725 -68.30996 
55 'helical symmetry operation' ?     ?     0.66382209  0.65190404  -0.36655452 52.51263  -0.58265643 0.75806207  0.29300852  -7.33718   0.46888439  0.01906942  0.88305384 -67.91332 
56 'helical symmetry operation' ?     ?     0.81201834  0.50187256  -0.29791035 33.67285  -0.46315116 0.86471481  0.19431833  -9.02080   0.35513046  -0.01981272 0.93460685 -65.14470 
57 'helical symmetry operation' ?     ?     0.92058880  0.33138876  -0.20663324 15.95228  -0.31503124 0.94284996  0.10857690  -14.24067  0.23080538  -0.03485854 0.97237524 -60.23140 
58 'helical symmetry operation' ?     ?     0.98401387  0.14912183  -0.09736498 0.23196   -0.14582893 0.98849522  0.04014367  -22.79023  0.10223103  -0.02530355 0.99443891 -53.50872 
59 'helical symmetry operation' ?     ?     0.99906749  -0.03566114 0.02433915  -12.70787 0.03585323  0.99932890  -0.00750140 -34.29294  -0.02405531 0.00836706  0.99967561 -45.40458 
60 'helical symmetry operation' ?     ?     0.96498548  -0.21356626 0.15229178  -22.22818 0.22077872  0.97480102  -0.03193664 -48.22183  -0.14163364 0.06444104  0.98781950 -36.41738  
# 
loop_
_struct_conf.conf_type_id 
_struct_conf.id 
_struct_conf.pdbx_PDB_helix_id 
_struct_conf.beg_label_comp_id 
_struct_conf.beg_label_asym_id 
_struct_conf.beg_label_seq_id 
_struct_conf.pdbx_beg_PDB_ins_code 
_struct_conf.end_label_comp_id 
_struct_conf.end_label_asym_id 
_struct_conf.end_label_seq_id 
_struct_conf.pdbx_end_PDB_ins_code 
_struct_conf.beg_auth_comp_id 
_struct_conf.beg_auth_asym_id 
_struct_conf.beg_auth_seq_id 
_struct_conf.end_auth_comp_id 
_struct_conf.end_auth_asym_id 
_struct_conf.end_auth_seq_id 
_struct_conf.pdbx_PDB_helix_class 
_struct_conf.details 
_struct_conf.pdbx_PDB_helix_length 
HELX_P HELX_P1 AA1 THR A 3   ? VAL A 16  ? THR A 3   VAL A 16  1 ? 14 
HELX_P HELX_P2 AA2 ASP A 22  ? PHE A 35  ? ASP A 22  PHE A 35  1 ? 14 
HELX_P HELX_P3 AA3 SER A 40  ? GLY A 55  ? SER A 40  GLY A 55  1 ? 16 
HELX_P HELX_P4 AA4 LYS A 69  ? ASN A 71  ? LYS A 69  ASN A 71  5 ? 3  
HELX_P HELX_P5 AA5 GLY A 78  ? GLU A 88  ? GLY A 78  GLU A 88  1 ? 11 
HELX_P HELX_P6 AA6 MET A 123 ? ARG A 127 ? MET A 123 ARG A 127 1 ? 5  
HELX_P HELX_P7 AA7 GLY A 141 ? HIS A 146 ? GLY A 141 HIS A 146 1 ? 6  
HELX_P HELX_P8 AA8 HIS A 146 ? PHE A 164 ? HIS A 146 PHE A 164 1 ? 19 
# 
_struct_conf_type.id          HELX_P 
_struct_conf_type.criteria    ? 
_struct_conf_type.reference   ? 
# 
loop_
_struct_conn.id 
_struct_conn.conn_type_id 
_struct_conn.pdbx_leaving_atom_flag 
_struct_conn.pdbx_PDB_id 
_struct_conn.ptnr1_label_asym_id 
_struct_conn.ptnr1_label_comp_id 
_struct_conn.ptnr1_label_seq_id 
_struct_conn.ptnr1_label_atom_id 
_struct_conn.pdbx_ptnr1_label_alt_id 
_struct_conn.pdbx_ptnr1_PDB_ins_code 
_struct_conn.pdbx_ptnr1_standard_comp_id 
_struct_conn.ptnr1_symmetry 
_struct_conn.ptnr2_label_asym_id 
_struct_conn.ptnr2_label_comp_id 
_struct_conn.ptnr2_label_seq_id 
_struct_conn.ptnr2_label_atom_id 
_struct_conn.pdbx_ptnr2_label_alt_id 
_struct_conn.pdbx_ptnr2_PDB_ins_code 
_struct_conn.ptnr1_auth_asym_id 
_struct_conn.ptnr1_auth_comp_id 
_struct_conn.ptnr1_auth_seq_id 
_struct_conn.ptnr2_auth_asym_id 
_struct_conn.ptnr2_auth_comp_id 
_struct_conn.ptnr2_auth_seq_id 
_struct_conn.ptnr2_symmetry 
_struct_conn.pdbx_ptnr3_label_atom_id 
_struct_conn.pdbx_ptnr3_label_seq_id 
_struct_conn.pdbx_ptnr3_label_comp_id 
_struct_conn.pdbx_ptnr3_label_asym_id 
_struct_conn.pdbx_ptnr3_label_alt_id 
_struct_conn.pdbx_ptnr3_PDB_ins_code 
_struct_conn.details 
_struct_conn.pdbx_dist_value 
_struct_conn.pdbx_value_order 
_struct_conn.pdbx_role 
hydrog1  hydrog ? ? B DG 2 N1 ? ? ? 1_555 C DC 23 N3 ? ? B DG 1 C DC 4 1_555 ? ? ? ? ? ? WATSON-CRICK ? ? ? 
hydrog2  hydrog ? ? B DG 2 N2 ? ? ? 1_555 C DC 23 O2 ? ? B DG 1 C DC 4 1_555 ? ? ? ? ? ? WATSON-CRICK ? ? ? 
hydrog3  hydrog ? ? B DG 2 O6 ? ? ? 1_555 C DC 23 N4 ? ? B DG 1 C DC 4 1_555 ? ? ? ? ? ? WATSON-CRICK ? ? ? 
hydrog4  hydrog ? ? B DC 3 N3 ? ? ? 1_555 C DG 22 N1 ? ? B DC 2 C DG 3 1_555 ? ? ? ? ? ? WATSON-CRICK ? ? ? 
hydrog5  hydrog ? ? B DC 3 N4 ? ? ? 1_555 C DG 22 O6 ? ? B DC 2 C DG 3 1_555 ? ? ? ? ? ? WATSON-CRICK ? ? ? 
hydrog6  hydrog ? ? B DC 3 O2 ? ? ? 1_555 C DG 22 N2 ? ? B DC 2 C DG 3 1_555 ? ? ? ? ? ? WATSON-CRICK ? ? ? 
hydrog7  hydrog ? ? B DA 4 N1 ? ? ? 1_555 C DT 21 N3 ? ? B DA 3 C DT 2 1_555 ? ? ? ? ? ? WATSON-CRICK ? ? ? 
hydrog8  hydrog ? ? B DA 4 N6 ? ? ? 1_555 C DT 21 O4 ? ? B DA 3 C DT 2 1_555 ? ? ? ? ? ? WATSON-CRICK ? ? ? 
hydrog9  hydrog ? ? B DG 5 N1 ? ? ? 1_555 C DC 20 N3 ? ? B DG 4 C DC 1 1_555 ? ? ? ? ? ? WATSON-CRICK ? ? ? 
hydrog10 hydrog ? ? B DG 5 N2 ? ? ? 1_555 C DC 20 O2 ? ? B DG 4 C DC 1 1_555 ? ? ? ? ? ? WATSON-CRICK ? ? ? 
hydrog11 hydrog ? ? B DG 5 O6 ? ? ? 1_555 C DC 20 N4 ? ? B DG 4 C DC 1 1_555 ? ? ? ? ? ? WATSON-CRICK ? ? ? 
# 
_struct_conn_type.id          hydrog 
_struct_conn_type.criteria    ? 
_struct_conn_type.reference   ? 
# 
loop_
_struct_sheet.id 
_struct_sheet.type 
_struct_sheet.number_strands 
_struct_sheet.details 
AA1 ? 2 ? 
AA2 ? 3 ? 
# 
loop_
_struct_sheet_order.sheet_id 
_struct_sheet_order.range_id_1 
_struct_sheet_order.range_id_2 
_struct_sheet_order.offset 
_struct_sheet_order.sense 
AA1 1 2 ? anti-parallel 
AA2 1 2 ? anti-parallel 
AA2 2 3 ? anti-parallel 
# 
loop_
_struct_sheet_range.sheet_id 
_struct_sheet_range.id 
_struct_sheet_range.beg_label_comp_id 
_struct_sheet_range.beg_label_asym_id 
_struct_sheet_range.beg_label_seq_id 
_struct_sheet_range.pdbx_beg_PDB_ins_code 
_struct_sheet_range.end_label_comp_id 
_struct_sheet_range.end_label_asym_id 
_struct_sheet_range.end_label_seq_id 
_struct_sheet_range.pdbx_end_PDB_ins_code 
_struct_sheet_range.beg_auth_comp_id 
_struct_sheet_range.beg_auth_asym_id 
_struct_sheet_range.beg_auth_seq_id 
_struct_sheet_range.end_auth_comp_id 
_struct_sheet_range.end_auth_asym_id 
_struct_sheet_range.end_auth_seq_id 
AA1 1 ILE A 63  ? PRO A 67  ? ILE A 63  PRO A 67  
AA1 2 ILE A 73  ? VAL A 77  ? ILE A 73  VAL A 77  
AA2 1 PHE A 92  ? GLN A 99  ? PHE A 92  GLN A 99  
AA2 2 SER A 103 ? ARG A 110 ? SER A 103 ARG A 110 
AA2 3 ILE A 117 ? TRP A 122 ? ILE A 117 TRP A 122 
# 
loop_
_pdbx_struct_sheet_hbond.sheet_id 
_pdbx_struct_sheet_hbond.range_id_1 
_pdbx_struct_sheet_hbond.range_id_2 
_pdbx_struct_sheet_hbond.range_1_label_atom_id 
_pdbx_struct_sheet_hbond.range_1_label_comp_id 
_pdbx_struct_sheet_hbond.range_1_label_asym_id 
_pdbx_struct_sheet_hbond.range_1_label_seq_id 
_pdbx_struct_sheet_hbond.range_1_PDB_ins_code 
_pdbx_struct_sheet_hbond.range_1_auth_atom_id 
_pdbx_struct_sheet_hbond.range_1_auth_comp_id 
_pdbx_struct_sheet_hbond.range_1_auth_asym_id 
_pdbx_struct_sheet_hbond.range_1_auth_seq_id 
_pdbx_struct_sheet_hbond.range_2_label_atom_id 
_pdbx_struct_sheet_hbond.range_2_label_comp_id 
_pdbx_struct_sheet_hbond.range_2_label_asym_id 
_pdbx_struct_sheet_hbond.range_2_label_seq_id 
_pdbx_struct_sheet_hbond.range_2_PDB_ins_code 
_pdbx_struct_sheet_hbond.range_2_auth_atom_id 
_pdbx_struct_sheet_hbond.range_2_auth_comp_id 
_pdbx_struct_sheet_hbond.range_2_auth_asym_id 
_pdbx_struct_sheet_hbond.range_2_auth_seq_id 
AA1 1 2 N TYR A 64  ? N TYR A 64  O VAL A 76  ? O VAL A 76  
AA2 1 2 N ASP A 96  ? N ASP A 96  O ARG A 107 ? O ARG A 107 
AA2 2 3 N CYS A 104 ? N CYS A 104 O GLU A 121 ? O GLU A 121 
# 
_pdbx_entry_details.entry_id                   7UJL 
_pdbx_entry_details.compound_details           ? 
_pdbx_entry_details.source_details             ? 
_pdbx_entry_details.nonpolymer_details         ? 
_pdbx_entry_details.sequence_details           ? 
_pdbx_entry_details.has_ligand_of_interest     ? 
_pdbx_entry_details.has_protein_modification   N 
# 
loop_
_pdbx_validate_rmsd_angle.id 
_pdbx_validate_rmsd_angle.PDB_model_num 
_pdbx_validate_rmsd_angle.auth_atom_id_1 
_pdbx_validate_rmsd_angle.auth_asym_id_1 
_pdbx_validate_rmsd_angle.auth_comp_id_1 
_pdbx_validate_rmsd_angle.auth_seq_id_1 
_pdbx_validate_rmsd_angle.PDB_ins_code_1 
_pdbx_validate_rmsd_angle.label_alt_id_1 
_pdbx_validate_rmsd_angle.auth_atom_id_2 
_pdbx_validate_rmsd_angle.auth_asym_id_2 
_pdbx_validate_rmsd_angle.auth_comp_id_2 
_pdbx_validate_rmsd_angle.auth_seq_id_2 
_pdbx_validate_rmsd_angle.PDB_ins_code_2 
_pdbx_validate_rmsd_angle.label_alt_id_2 
_pdbx_validate_rmsd_angle.auth_atom_id_3 
_pdbx_validate_rmsd_angle.auth_asym_id_3 
_pdbx_validate_rmsd_angle.auth_comp_id_3 
_pdbx_validate_rmsd_angle.auth_seq_id_3 
_pdbx_validate_rmsd_angle.PDB_ins_code_3 
_pdbx_validate_rmsd_angle.label_alt_id_3 
_pdbx_validate_rmsd_angle.angle_value 
_pdbx_validate_rmsd_angle.angle_target_value 
_pdbx_validate_rmsd_angle.angle_deviation 
_pdbx_validate_rmsd_angle.angle_standard_deviation 
_pdbx_validate_rmsd_angle.linker_flag 
1  1 NE    A ARG 31 ? ? CZ    A ARG 31 ? ? NH2   A ARG 31 ? ? 123.59 120.30 3.29   0.50 N 
2  1 OP1   B DG  1  ? ? P     B DG  1  ? ? OP2   B DG  1  ? ? 106.94 119.60 -12.66 1.50 N 
3  1 N1    B DC  2  ? ? C2    B DC  2  ? ? O2    B DC  2  ? ? 124.06 118.90 5.16   0.60 N 
4  1 N3    B DC  2  ? ? C2    B DC  2  ? ? O2    B DC  2  ? ? 115.43 121.90 -6.47  0.70 N 
5  1 "C3'" B DC  2  ? ? "O3'" B DC  2  ? ? P     B DA  3  ? ? 128.61 119.70 8.91   1.20 Y 
6  1 C5    B DA  3  ? ? C6    B DA  3  ? ? N1    B DA  3  ? ? 122.21 117.70 4.51   0.50 N 
7  1 "O3'" B DA  3  ? ? P     B DG  4  ? ? OP1   B DG  4  ? ? 126.33 110.50 15.83  1.10 Y 
8  1 OP1   B DG  4  ? ? P     B DG  4  ? ? OP2   B DG  4  ? ? 106.46 119.60 -13.14 1.50 N 
9  1 OP1   C DC  1  ? ? P     C DC  1  ? ? OP2   C DC  1  ? ? 107.38 119.60 -12.22 1.50 N 
10 1 "O4'" C DT  2  ? ? "C4'" C DT  2  ? ? "C3'" C DT  2  ? ? 109.70 106.00 3.70   0.60 N 
11 1 N3    C DT  2  ? ? C2    C DT  2  ? ? O2    C DT  2  ? ? 118.57 122.30 -3.73  0.60 N 
12 1 C6    C DT  2  ? ? C5    C DT  2  ? ? C7    C DT  2  ? ? 119.01 122.90 -3.89  0.60 N 
13 1 "O4'" C DG  3  ? ? "C1'" C DG  3  ? ? N9    C DG  3  ? ? 111.94 108.30 3.64   0.30 N 
14 1 N1    C DG  3  ? ? C6    C DG  3  ? ? O6    C DG  3  ? ? 115.74 119.90 -4.16  0.60 N 
15 1 "O3'" C DG  3  ? ? P     C DC  4  ? ? OP1   C DC  4  ? ? 126.44 110.50 15.94  1.10 Y 
16 1 OP1   C DC  4  ? ? P     C DC  4  ? ? OP2   C DC  4  ? ? 107.68 119.60 -11.92 1.50 N 
# 
loop_
_pdbx_validate_torsion.id 
_pdbx_validate_torsion.PDB_model_num 
_pdbx_validate_torsion.auth_comp_id 
_pdbx_validate_torsion.auth_asym_id 
_pdbx_validate_torsion.auth_seq_id 
_pdbx_validate_torsion.PDB_ins_code 
_pdbx_validate_torsion.label_alt_id 
_pdbx_validate_torsion.phi 
_pdbx_validate_torsion.psi 
1 1 SER A 40  ? ? -49.42  150.75 
2 1 ASN A 71  ? ? 59.00   10.16  
3 1 GLU A 102 ? ? -142.37 -12.43 
4 1 PHE A 164 ? ? -125.93 -54.39 
# 
loop_
_pdbx_validate_planes.id 
_pdbx_validate_planes.PDB_model_num 
_pdbx_validate_planes.auth_comp_id 
_pdbx_validate_planes.auth_asym_id 
_pdbx_validate_planes.auth_seq_id 
_pdbx_validate_planes.PDB_ins_code 
_pdbx_validate_planes.label_alt_id 
_pdbx_validate_planes.rmsd 
_pdbx_validate_planes.type 
1 1 ARG A 127 ? ? 0.085 'SIDE CHAIN' 
2 1 DC  B 2   ? ? 0.124 'SIDE CHAIN' 
3 1 DG  C 3   ? ? 0.074 'SIDE CHAIN' 
# 
_pdbx_helical_symmetry.entry_id                  7UJL 
_pdbx_helical_symmetry.number_of_operations      60 
_pdbx_helical_symmetry.rotation_per_n_subunits   -12.947 
_pdbx_helical_symmetry.rise_per_n_subunits       2.078 
_pdbx_helical_symmetry.n_subunits_divisor        1 
_pdbx_helical_symmetry.dyad_axis                 no 
_pdbx_helical_symmetry.circular_symmetry         1 
# 
_em_3d_fitting.entry_id          7UJL 
_em_3d_fitting.id                1 
_em_3d_fitting.details           ? 
_em_3d_fitting.overall_b_value   ? 
_em_3d_fitting.ref_protocol      'FLEXIBLE FIT' 
_em_3d_fitting.ref_space         REAL 
_em_3d_fitting.target_criteria   'Correlation coefficient' 
_em_3d_fitting.method            ? 
# 
_em_3d_reconstruction.entry_id                    7UJL 
_em_3d_reconstruction.id                          1 
_em_3d_reconstruction.algorithm                   'FOURIER SPACE' 
_em_3d_reconstruction.details                     ? 
_em_3d_reconstruction.refinement_type             ? 
_em_3d_reconstruction.image_processing_id         1 
_em_3d_reconstruction.num_class_averages          2 
_em_3d_reconstruction.num_particles               26525 
_em_3d_reconstruction.resolution                  3.3 
_em_3d_reconstruction.resolution_method           'FSC 0.143 CUT-OFF' 
_em_3d_reconstruction.symmetry_type               HELICAL 
_em_3d_reconstruction.method                      ? 
_em_3d_reconstruction.nominal_pixel_size          ? 
_em_3d_reconstruction.actual_pixel_size           ? 
_em_3d_reconstruction.magnification_calibration   ? 
# 
_em_buffer.id            1 
_em_buffer.details       ? 
_em_buffer.pH            6.0 
_em_buffer.specimen_id   1 
_em_buffer.name          ? 
# 
loop_
_em_entity_assembly.id 
_em_entity_assembly.parent_id 
_em_entity_assembly.details 
_em_entity_assembly.name 
_em_entity_assembly.source 
_em_entity_assembly.type 
_em_entity_assembly.entity_id_list 
_em_entity_assembly.synonym 
_em_entity_assembly.oligomeric_details 
1 0 'Helical complex assembled through sequential addition of complementary oligonucleotides in a controlled environment' 
'RedBeta177 oligomeric helical assembly bound to two complementary 27mer ssDNA oligonucleotides' 'MULTIPLE SOURCES' COMPLEX 
'1, 2, 3' ? ? 
2 1 ?                                                                                                                     
'Red-beta annealase N-terminal domain'                                                           RECOMBINANT        COMPLEX 1 ? ? 
3 1 '27mer ssDNA oligonucleotide'                                                                                         
'Template ssDNA'                                                                                 RECOMBINANT        COMPLEX 2 ? ? 
4 1 '27mer ssDNA oligonucleotide'                                                                                         
'Complementary ssDNA'                                                                            RECOMBINANT        COMPLEX 3 ? ? 
# 
_em_image_scans.entry_id                7UJL 
_em_image_scans.id                      1 
_em_image_scans.dimension_height        3710 
_em_image_scans.dimension_width         3838 
_em_image_scans.frames_per_image        50 
_em_image_scans.image_recording_id      1 
_em_image_scans.sampling_size           ? 
_em_image_scans.scanner_model           ? 
_em_image_scans.used_frames_per_image   1-50 
_em_image_scans.citation_id             ? 
_em_image_scans.number_digital_images   ? 
_em_image_scans.od_range                ? 
_em_image_scans.quant_bit_size          ? 
_em_image_scans.details                 ? 
# 
_em_imaging.id                              1 
_em_imaging.entry_id                        7UJL 
_em_imaging.accelerating_voltage            300 
_em_imaging.alignment_procedure             ? 
_em_imaging.c2_aperture_diameter            ? 
_em_imaging.calibrated_defocus_max          ? 
_em_imaging.calibrated_defocus_min          ? 
_em_imaging.calibrated_magnification        59500 
_em_imaging.cryogen                         NITROGEN 
_em_imaging.details                         ? 
_em_imaging.electron_source                 'FIELD EMISSION GUN' 
_em_imaging.illumination_mode               'FLOOD BEAM' 
_em_imaging.microscope_model                'FEI TITAN KRIOS' 
_em_imaging.mode                            'BRIGHT FIELD' 
_em_imaging.nominal_cs                      2.7 
_em_imaging.nominal_defocus_max             2500 
_em_imaging.nominal_defocus_min             500 
_em_imaging.nominal_magnification           ? 
_em_imaging.recording_temperature_maximum   ? 
_em_imaging.recording_temperature_minimum   ? 
_em_imaging.residual_tilt                   ? 
_em_imaging.specimen_holder_model           'FEI TITAN KRIOS AUTOGRID HOLDER' 
_em_imaging.specimen_id                     1 
_em_imaging.citation_id                     ? 
_em_imaging.date                            ? 
_em_imaging.temperature                     ? 
_em_imaging.tilt_angle_min                  ? 
_em_imaging.tilt_angle_max                  ? 
_em_imaging.astigmatism                     ? 
_em_imaging.detector_distance               ? 
_em_imaging.electron_beam_tilt_params       ? 
_em_imaging.specimen_holder_type            ? 
# 
_em_sample_support.id               1 
_em_sample_support.specimen_id      1 
_em_sample_support.details          ? 
_em_sample_support.grid_material    GOLD 
_em_sample_support.grid_mesh_size   300 
_em_sample_support.grid_type        'Quantifoil R1.2/1.3' 
_em_sample_support.method           ? 
_em_sample_support.film_material    ? 
# 
_em_vitrification.id                    1 
_em_vitrification.specimen_id           1 
_em_vitrification.chamber_temperature   298 
_em_vitrification.cryogen_name          ETHANE 
_em_vitrification.details               
'Sample loading volume ranged between 2 and 3 microlitres. Samples were blotted for 5 seconds prior to vitrification.' 
_em_vitrification.humidity              100 
_em_vitrification.instrument            'FEI VITROBOT MARK IV' 
_em_vitrification.entry_id              7UJL 
_em_vitrification.citation_id           ? 
_em_vitrification.method                ? 
_em_vitrification.temp                  ? 
_em_vitrification.time_resolved_state   ? 
# 
_em_experiment.entry_id                7UJL 
_em_experiment.id                      1 
_em_experiment.aggregation_state       'HELICAL ARRAY' 
_em_experiment.reconstruction_method   HELICAL 
_em_experiment.entity_assembly_id      1 
# 
loop_
_pdbx_unobs_or_zero_occ_residues.id 
_pdbx_unobs_or_zero_occ_residues.PDB_model_num 
_pdbx_unobs_or_zero_occ_residues.polymer_flag 
_pdbx_unobs_or_zero_occ_residues.occupancy_flag 
_pdbx_unobs_or_zero_occ_residues.auth_asym_id 
_pdbx_unobs_or_zero_occ_residues.auth_comp_id 
_pdbx_unobs_or_zero_occ_residues.auth_seq_id 
_pdbx_unobs_or_zero_occ_residues.PDB_ins_code 
_pdbx_unobs_or_zero_occ_residues.label_asym_id 
_pdbx_unobs_or_zero_occ_residues.label_comp_id 
_pdbx_unobs_or_zero_occ_residues.label_seq_id 
1  1 Y 1 A MET 1   ? A MET 1   
2  1 Y 1 A SER 2   ? A SER 2   
3  1 Y 1 A THR 133 ? A THR 133 
4  1 Y 1 A ARG 134 ? A ARG 134 
5  1 Y 1 A GLU 135 ? A GLU 135 
6  1 Y 1 A GLY 136 ? A GLY 136 
7  1 Y 1 A ARG 137 ? A ARG 137 
8  1 Y 1 A GLU 138 ? A GLU 138 
9  1 Y 1 A TYR 170 ? A TYR 170 
10 1 Y 1 A ASP 171 ? A ASP 171 
11 1 Y 1 A LYS 172 ? A LYS 172 
12 1 Y 1 A ASP 173 ? A ASP 173 
13 1 Y 1 A GLU 174 ? A GLU 174 
14 1 Y 1 A ALA 175 ? A ALA 175 
15 1 Y 1 A GLU 176 ? A GLU 176 
16 1 Y 1 A ARG 177 ? A ARG 177 
17 1 Y 1 A SER 178 ? A SER 178 
18 1 Y 1 A SER 179 ? A SER 179 
19 1 Y 1 A HIS 180 ? A HIS 180 
20 1 Y 1 A HIS 181 ? A HIS 181 
21 1 Y 1 A HIS 182 ? A HIS 182 
22 1 Y 1 A HIS 183 ? A HIS 183 
23 1 Y 1 A HIS 184 ? A HIS 184 
24 1 Y 1 A HIS 185 ? A HIS 185 
25 1 Y 1 B DT  0   ? B DT  1   
26 1 Y 1 B DC  5   ? B DC  6   
27 1 Y 1 B DA  6   ? B DA  7   
28 1 Y 1 B DG  7   ? B DG  8   
29 1 Y 1 B DC  8   ? B DC  9   
30 1 Y 1 B DT  9   ? B DT  10  
31 1 Y 1 B DT  10  ? B DT  11  
32 1 Y 1 B DT  11  ? B DT  12  
33 1 Y 1 B DA  12  ? B DA  13  
34 1 Y 1 B DC  13  ? B DC  14  
35 1 Y 1 B DC  14  ? B DC  15  
36 1 Y 1 B DA  15  ? B DA  16  
37 1 Y 1 B DT  16  ? B DT  17  
38 1 Y 1 B DC  17  ? B DC  18  
39 1 Y 1 B DT  18  ? B DT  19  
40 1 Y 1 B DG  19  ? B DG  20  
41 1 Y 1 B DC  20  ? B DC  21  
42 1 Y 1 B DC  21  ? B DC  22  
43 1 Y 1 B DG  22  ? B DG  23  
44 1 Y 1 B DC  23  ? B DC  24  
45 1 Y 1 B DT  24  ? B DT  25  
46 1 Y 1 B DG  25  ? B DG  26  
47 1 Y 1 B DG  26  ? B DG  27  
48 1 Y 1 C DC  -18 ? C DC  1   
49 1 Y 1 C DC  -17 ? C DC  2   
50 1 Y 1 C DA  -16 ? C DA  3   
51 1 Y 1 C DG  -15 ? C DG  4   
52 1 Y 1 C DC  -14 ? C DC  5   
53 1 Y 1 C DG  -13 ? C DG  6   
54 1 Y 1 C DG  -12 ? C DG  7   
55 1 Y 1 C DC  -11 ? C DC  8   
56 1 Y 1 C DA  -10 ? C DA  9   
57 1 Y 1 C DG  -9  ? C DG  10  
58 1 Y 1 C DA  -8  ? C DA  11  
59 1 Y 1 C DT  -7  ? C DT  12  
60 1 Y 1 C DG  -6  ? C DG  13  
61 1 Y 1 C DG  -5  ? C DG  14  
62 1 Y 1 C DT  -4  ? C DT  15  
63 1 Y 1 C DA  -3  ? C DA  16  
64 1 Y 1 C DA  -2  ? C DA  17  
65 1 Y 1 C DA  -1  ? C DA  18  
66 1 Y 1 C DG  0   ? C DG  19  
67 1 Y 1 C DT  5   ? C DT  24  
68 1 Y 1 C DG  6   ? C DG  25  
69 1 Y 1 C DC  7   ? C DC  26  
70 1 Y 1 C DA  8   ? C DA  27  
# 
loop_
_chem_comp_atom.comp_id 
_chem_comp_atom.atom_id 
_chem_comp_atom.type_symbol 
_chem_comp_atom.pdbx_aromatic_flag 
_chem_comp_atom.pdbx_stereo_config 
_chem_comp_atom.pdbx_ordinal 
ALA N      N N N 1   
ALA CA     C N S 2   
ALA C      C N N 3   
ALA O      O N N 4   
ALA CB     C N N 5   
ALA OXT    O N N 6   
ALA H      H N N 7   
ALA H2     H N N 8   
ALA HA     H N N 9   
ALA HB1    H N N 10  
ALA HB2    H N N 11  
ALA HB3    H N N 12  
ALA HXT    H N N 13  
ARG N      N N N 14  
ARG CA     C N S 15  
ARG C      C N N 16  
ARG O      O N N 17  
ARG CB     C N N 18  
ARG CG     C N N 19  
ARG CD     C N N 20  
ARG NE     N N N 21  
ARG CZ     C N N 22  
ARG NH1    N N N 23  
ARG NH2    N N N 24  
ARG OXT    O N N 25  
ARG H      H N N 26  
ARG H2     H N N 27  
ARG HA     H N N 28  
ARG HB2    H N N 29  
ARG HB3    H N N 30  
ARG HG2    H N N 31  
ARG HG3    H N N 32  
ARG HD2    H N N 33  
ARG HD3    H N N 34  
ARG HE     H N N 35  
ARG HH11   H N N 36  
ARG HH12   H N N 37  
ARG HH21   H N N 38  
ARG HH22   H N N 39  
ARG HXT    H N N 40  
ASN N      N N N 41  
ASN CA     C N S 42  
ASN C      C N N 43  
ASN O      O N N 44  
ASN CB     C N N 45  
ASN CG     C N N 46  
ASN OD1    O N N 47  
ASN ND2    N N N 48  
ASN OXT    O N N 49  
ASN H      H N N 50  
ASN H2     H N N 51  
ASN HA     H N N 52  
ASN HB2    H N N 53  
ASN HB3    H N N 54  
ASN HD21   H N N 55  
ASN HD22   H N N 56  
ASN HXT    H N N 57  
ASP N      N N N 58  
ASP CA     C N S 59  
ASP C      C N N 60  
ASP O      O N N 61  
ASP CB     C N N 62  
ASP CG     C N N 63  
ASP OD1    O N N 64  
ASP OD2    O N N 65  
ASP OXT    O N N 66  
ASP H      H N N 67  
ASP H2     H N N 68  
ASP HA     H N N 69  
ASP HB2    H N N 70  
ASP HB3    H N N 71  
ASP HD2    H N N 72  
ASP HXT    H N N 73  
CYS N      N N N 74  
CYS CA     C N R 75  
CYS C      C N N 76  
CYS O      O N N 77  
CYS CB     C N N 78  
CYS SG     S N N 79  
CYS OXT    O N N 80  
CYS H      H N N 81  
CYS H2     H N N 82  
CYS HA     H N N 83  
CYS HB2    H N N 84  
CYS HB3    H N N 85  
CYS HG     H N N 86  
CYS HXT    H N N 87  
DA  OP3    O N N 88  
DA  P      P N N 89  
DA  OP1    O N N 90  
DA  OP2    O N N 91  
DA  "O5'"  O N N 92  
DA  "C5'"  C N N 93  
DA  "C4'"  C N R 94  
DA  "O4'"  O N N 95  
DA  "C3'"  C N S 96  
DA  "O3'"  O N N 97  
DA  "C2'"  C N N 98  
DA  "C1'"  C N R 99  
DA  N9     N Y N 100 
DA  C8     C Y N 101 
DA  N7     N Y N 102 
DA  C5     C Y N 103 
DA  C6     C Y N 104 
DA  N6     N N N 105 
DA  N1     N Y N 106 
DA  C2     C Y N 107 
DA  N3     N Y N 108 
DA  C4     C Y N 109 
DA  HOP3   H N N 110 
DA  HOP2   H N N 111 
DA  "H5'"  H N N 112 
DA  "H5''" H N N 113 
DA  "H4'"  H N N 114 
DA  "H3'"  H N N 115 
DA  "HO3'" H N N 116 
DA  "H2'"  H N N 117 
DA  "H2''" H N N 118 
DA  "H1'"  H N N 119 
DA  H8     H N N 120 
DA  H61    H N N 121 
DA  H62    H N N 122 
DA  H2     H N N 123 
DC  OP3    O N N 124 
DC  P      P N N 125 
DC  OP1    O N N 126 
DC  OP2    O N N 127 
DC  "O5'"  O N N 128 
DC  "C5'"  C N N 129 
DC  "C4'"  C N R 130 
DC  "O4'"  O N N 131 
DC  "C3'"  C N S 132 
DC  "O3'"  O N N 133 
DC  "C2'"  C N N 134 
DC  "C1'"  C N R 135 
DC  N1     N N N 136 
DC  C2     C N N 137 
DC  O2     O N N 138 
DC  N3     N N N 139 
DC  C4     C N N 140 
DC  N4     N N N 141 
DC  C5     C N N 142 
DC  C6     C N N 143 
DC  HOP3   H N N 144 
DC  HOP2   H N N 145 
DC  "H5'"  H N N 146 
DC  "H5''" H N N 147 
DC  "H4'"  H N N 148 
DC  "H3'"  H N N 149 
DC  "HO3'" H N N 150 
DC  "H2'"  H N N 151 
DC  "H2''" H N N 152 
DC  "H1'"  H N N 153 
DC  H41    H N N 154 
DC  H42    H N N 155 
DC  H5     H N N 156 
DC  H6     H N N 157 
DG  OP3    O N N 158 
DG  P      P N N 159 
DG  OP1    O N N 160 
DG  OP2    O N N 161 
DG  "O5'"  O N N 162 
DG  "C5'"  C N N 163 
DG  "C4'"  C N R 164 
DG  "O4'"  O N N 165 
DG  "C3'"  C N S 166 
DG  "O3'"  O N N 167 
DG  "C2'"  C N N 168 
DG  "C1'"  C N R 169 
DG  N9     N Y N 170 
DG  C8     C Y N 171 
DG  N7     N Y N 172 
DG  C5     C Y N 173 
DG  C6     C N N 174 
DG  O6     O N N 175 
DG  N1     N N N 176 
DG  C2     C N N 177 
DG  N2     N N N 178 
DG  N3     N N N 179 
DG  C4     C Y N 180 
DG  HOP3   H N N 181 
DG  HOP2   H N N 182 
DG  "H5'"  H N N 183 
DG  "H5''" H N N 184 
DG  "H4'"  H N N 185 
DG  "H3'"  H N N 186 
DG  "HO3'" H N N 187 
DG  "H2'"  H N N 188 
DG  "H2''" H N N 189 
DG  "H1'"  H N N 190 
DG  H8     H N N 191 
DG  H1     H N N 192 
DG  H21    H N N 193 
DG  H22    H N N 194 
DT  OP3    O N N 195 
DT  P      P N N 196 
DT  OP1    O N N 197 
DT  OP2    O N N 198 
DT  "O5'"  O N N 199 
DT  "C5'"  C N N 200 
DT  "C4'"  C N R 201 
DT  "O4'"  O N N 202 
DT  "C3'"  C N S 203 
DT  "O3'"  O N N 204 
DT  "C2'"  C N N 205 
DT  "C1'"  C N R 206 
DT  N1     N N N 207 
DT  C2     C N N 208 
DT  O2     O N N 209 
DT  N3     N N N 210 
DT  C4     C N N 211 
DT  O4     O N N 212 
DT  C5     C N N 213 
DT  C7     C N N 214 
DT  C6     C N N 215 
DT  HOP3   H N N 216 
DT  HOP2   H N N 217 
DT  "H5'"  H N N 218 
DT  "H5''" H N N 219 
DT  "H4'"  H N N 220 
DT  "H3'"  H N N 221 
DT  "HO3'" H N N 222 
DT  "H2'"  H N N 223 
DT  "H2''" H N N 224 
DT  "H1'"  H N N 225 
DT  H3     H N N 226 
DT  H71    H N N 227 
DT  H72    H N N 228 
DT  H73    H N N 229 
DT  H6     H N N 230 
GLN N      N N N 231 
GLN CA     C N S 232 
GLN C      C N N 233 
GLN O      O N N 234 
GLN CB     C N N 235 
GLN CG     C N N 236 
GLN CD     C N N 237 
GLN OE1    O N N 238 
GLN NE2    N N N 239 
GLN OXT    O N N 240 
GLN H      H N N 241 
GLN H2     H N N 242 
GLN HA     H N N 243 
GLN HB2    H N N 244 
GLN HB3    H N N 245 
GLN HG2    H N N 246 
GLN HG3    H N N 247 
GLN HE21   H N N 248 
GLN HE22   H N N 249 
GLN HXT    H N N 250 
GLU N      N N N 251 
GLU CA     C N S 252 
GLU C      C N N 253 
GLU O      O N N 254 
GLU CB     C N N 255 
GLU CG     C N N 256 
GLU CD     C N N 257 
GLU OE1    O N N 258 
GLU OE2    O N N 259 
GLU OXT    O N N 260 
GLU H      H N N 261 
GLU H2     H N N 262 
GLU HA     H N N 263 
GLU HB2    H N N 264 
GLU HB3    H N N 265 
GLU HG2    H N N 266 
GLU HG3    H N N 267 
GLU HE2    H N N 268 
GLU HXT    H N N 269 
GLY N      N N N 270 
GLY CA     C N N 271 
GLY C      C N N 272 
GLY O      O N N 273 
GLY OXT    O N N 274 
GLY H      H N N 275 
GLY H2     H N N 276 
GLY HA2    H N N 277 
GLY HA3    H N N 278 
GLY HXT    H N N 279 
HIS N      N N N 280 
HIS CA     C N S 281 
HIS C      C N N 282 
HIS O      O N N 283 
HIS CB     C N N 284 
HIS CG     C Y N 285 
HIS ND1    N Y N 286 
HIS CD2    C Y N 287 
HIS CE1    C Y N 288 
HIS NE2    N Y N 289 
HIS OXT    O N N 290 
HIS H      H N N 291 
HIS H2     H N N 292 
HIS HA     H N N 293 
HIS HB2    H N N 294 
HIS HB3    H N N 295 
HIS HD1    H N N 296 
HIS HD2    H N N 297 
HIS HE1    H N N 298 
HIS HE2    H N N 299 
HIS HXT    H N N 300 
ILE N      N N N 301 
ILE CA     C N S 302 
ILE C      C N N 303 
ILE O      O N N 304 
ILE CB     C N S 305 
ILE CG1    C N N 306 
ILE CG2    C N N 307 
ILE CD1    C N N 308 
ILE OXT    O N N 309 
ILE H      H N N 310 
ILE H2     H N N 311 
ILE HA     H N N 312 
ILE HB     H N N 313 
ILE HG12   H N N 314 
ILE HG13   H N N 315 
ILE HG21   H N N 316 
ILE HG22   H N N 317 
ILE HG23   H N N 318 
ILE HD11   H N N 319 
ILE HD12   H N N 320 
ILE HD13   H N N 321 
ILE HXT    H N N 322 
LEU N      N N N 323 
LEU CA     C N S 324 
LEU C      C N N 325 
LEU O      O N N 326 
LEU CB     C N N 327 
LEU CG     C N N 328 
LEU CD1    C N N 329 
LEU CD2    C N N 330 
LEU OXT    O N N 331 
LEU H      H N N 332 
LEU H2     H N N 333 
LEU HA     H N N 334 
LEU HB2    H N N 335 
LEU HB3    H N N 336 
LEU HG     H N N 337 
LEU HD11   H N N 338 
LEU HD12   H N N 339 
LEU HD13   H N N 340 
LEU HD21   H N N 341 
LEU HD22   H N N 342 
LEU HD23   H N N 343 
LEU HXT    H N N 344 
LYS N      N N N 345 
LYS CA     C N S 346 
LYS C      C N N 347 
LYS O      O N N 348 
LYS CB     C N N 349 
LYS CG     C N N 350 
LYS CD     C N N 351 
LYS CE     C N N 352 
LYS NZ     N N N 353 
LYS OXT    O N N 354 
LYS H      H N N 355 
LYS H2     H N N 356 
LYS HA     H N N 357 
LYS HB2    H N N 358 
LYS HB3    H N N 359 
LYS HG2    H N N 360 
LYS HG3    H N N 361 
LYS HD2    H N N 362 
LYS HD3    H N N 363 
LYS HE2    H N N 364 
LYS HE3    H N N 365 
LYS HZ1    H N N 366 
LYS HZ2    H N N 367 
LYS HZ3    H N N 368 
LYS HXT    H N N 369 
MET N      N N N 370 
MET CA     C N S 371 
MET C      C N N 372 
MET O      O N N 373 
MET CB     C N N 374 
MET CG     C N N 375 
MET SD     S N N 376 
MET CE     C N N 377 
MET OXT    O N N 378 
MET H      H N N 379 
MET H2     H N N 380 
MET HA     H N N 381 
MET HB2    H N N 382 
MET HB3    H N N 383 
MET HG2    H N N 384 
MET HG3    H N N 385 
MET HE1    H N N 386 
MET HE2    H N N 387 
MET HE3    H N N 388 
MET HXT    H N N 389 
PHE N      N N N 390 
PHE CA     C N S 391 
PHE C      C N N 392 
PHE O      O N N 393 
PHE CB     C N N 394 
PHE CG     C Y N 395 
PHE CD1    C Y N 396 
PHE CD2    C Y N 397 
PHE CE1    C Y N 398 
PHE CE2    C Y N 399 
PHE CZ     C Y N 400 
PHE OXT    O N N 401 
PHE H      H N N 402 
PHE H2     H N N 403 
PHE HA     H N N 404 
PHE HB2    H N N 405 
PHE HB3    H N N 406 
PHE HD1    H N N 407 
PHE HD2    H N N 408 
PHE HE1    H N N 409 
PHE HE2    H N N 410 
PHE HZ     H N N 411 
PHE HXT    H N N 412 
PRO N      N N N 413 
PRO CA     C N S 414 
PRO C      C N N 415 
PRO O      O N N 416 
PRO CB     C N N 417 
PRO CG     C N N 418 
PRO CD     C N N 419 
PRO OXT    O N N 420 
PRO H      H N N 421 
PRO HA     H N N 422 
PRO HB2    H N N 423 
PRO HB3    H N N 424 
PRO HG2    H N N 425 
PRO HG3    H N N 426 
PRO HD2    H N N 427 
PRO HD3    H N N 428 
PRO HXT    H N N 429 
SER N      N N N 430 
SER CA     C N S 431 
SER C      C N N 432 
SER O      O N N 433 
SER CB     C N N 434 
SER OG     O N N 435 
SER OXT    O N N 436 
SER H      H N N 437 
SER H2     H N N 438 
SER HA     H N N 439 
SER HB2    H N N 440 
SER HB3    H N N 441 
SER HG     H N N 442 
SER HXT    H N N 443 
THR N      N N N 444 
THR CA     C N S 445 
THR C      C N N 446 
THR O      O N N 447 
THR CB     C N R 448 
THR OG1    O N N 449 
THR CG2    C N N 450 
THR OXT    O N N 451 
THR H      H N N 452 
THR H2     H N N 453 
THR HA     H N N 454 
THR HB     H N N 455 
THR HG1    H N N 456 
THR HG21   H N N 457 
THR HG22   H N N 458 
THR HG23   H N N 459 
THR HXT    H N N 460 
TRP N      N N N 461 
TRP CA     C N S 462 
TRP C      C N N 463 
TRP O      O N N 464 
TRP CB     C N N 465 
TRP CG     C Y N 466 
TRP CD1    C Y N 467 
TRP CD2    C Y N 468 
TRP NE1    N Y N 469 
TRP CE2    C Y N 470 
TRP CE3    C Y N 471 
TRP CZ2    C Y N 472 
TRP CZ3    C Y N 473 
TRP CH2    C Y N 474 
TRP OXT    O N N 475 
TRP H      H N N 476 
TRP H2     H N N 477 
TRP HA     H N N 478 
TRP HB2    H N N 479 
TRP HB3    H N N 480 
TRP HD1    H N N 481 
TRP HE1    H N N 482 
TRP HE3    H N N 483 
TRP HZ2    H N N 484 
TRP HZ3    H N N 485 
TRP HH2    H N N 486 
TRP HXT    H N N 487 
TYR N      N N N 488 
TYR CA     C N S 489 
TYR C      C N N 490 
TYR O      O N N 491 
TYR CB     C N N 492 
TYR CG     C Y N 493 
TYR CD1    C Y N 494 
TYR CD2    C Y N 495 
TYR CE1    C Y N 496 
TYR CE2    C Y N 497 
TYR CZ     C Y N 498 
TYR OH     O N N 499 
TYR OXT    O N N 500 
TYR H      H N N 501 
TYR H2     H N N 502 
TYR HA     H N N 503 
TYR HB2    H N N 504 
TYR HB3    H N N 505 
TYR HD1    H N N 506 
TYR HD2    H N N 507 
TYR HE1    H N N 508 
TYR HE2    H N N 509 
TYR HH     H N N 510 
TYR HXT    H N N 511 
VAL N      N N N 512 
VAL CA     C N S 513 
VAL C      C N N 514 
VAL O      O N N 515 
VAL CB     C N N 516 
VAL CG1    C N N 517 
VAL CG2    C N N 518 
VAL OXT    O N N 519 
VAL H      H N N 520 
VAL H2     H N N 521 
VAL HA     H N N 522 
VAL HB     H N N 523 
VAL HG11   H N N 524 
VAL HG12   H N N 525 
VAL HG13   H N N 526 
VAL HG21   H N N 527 
VAL HG22   H N N 528 
VAL HG23   H N N 529 
VAL HXT    H N N 530 
# 
loop_
_chem_comp_bond.comp_id 
_chem_comp_bond.atom_id_1 
_chem_comp_bond.atom_id_2 
_chem_comp_bond.value_order 
_chem_comp_bond.pdbx_aromatic_flag 
_chem_comp_bond.pdbx_stereo_config 
_chem_comp_bond.pdbx_ordinal 
ALA N     CA     sing N N 1   
ALA N     H      sing N N 2   
ALA N     H2     sing N N 3   
ALA CA    C      sing N N 4   
ALA CA    CB     sing N N 5   
ALA CA    HA     sing N N 6   
ALA C     O      doub N N 7   
ALA C     OXT    sing N N 8   
ALA CB    HB1    sing N N 9   
ALA CB    HB2    sing N N 10  
ALA CB    HB3    sing N N 11  
ALA OXT   HXT    sing N N 12  
ARG N     CA     sing N N 13  
ARG N     H      sing N N 14  
ARG N     H2     sing N N 15  
ARG CA    C      sing N N 16  
ARG CA    CB     sing N N 17  
ARG CA    HA     sing N N 18  
ARG C     O      doub N N 19  
ARG C     OXT    sing N N 20  
ARG CB    CG     sing N N 21  
ARG CB    HB2    sing N N 22  
ARG CB    HB3    sing N N 23  
ARG CG    CD     sing N N 24  
ARG CG    HG2    sing N N 25  
ARG CG    HG3    sing N N 26  
ARG CD    NE     sing N N 27  
ARG CD    HD2    sing N N 28  
ARG CD    HD3    sing N N 29  
ARG NE    CZ     sing N N 30  
ARG NE    HE     sing N N 31  
ARG CZ    NH1    sing N N 32  
ARG CZ    NH2    doub N N 33  
ARG NH1   HH11   sing N N 34  
ARG NH1   HH12   sing N N 35  
ARG NH2   HH21   sing N N 36  
ARG NH2   HH22   sing N N 37  
ARG OXT   HXT    sing N N 38  
ASN N     CA     sing N N 39  
ASN N     H      sing N N 40  
ASN N     H2     sing N N 41  
ASN CA    C      sing N N 42  
ASN CA    CB     sing N N 43  
ASN CA    HA     sing N N 44  
ASN C     O      doub N N 45  
ASN C     OXT    sing N N 46  
ASN CB    CG     sing N N 47  
ASN CB    HB2    sing N N 48  
ASN CB    HB3    sing N N 49  
ASN CG    OD1    doub N N 50  
ASN CG    ND2    sing N N 51  
ASN ND2   HD21   sing N N 52  
ASN ND2   HD22   sing N N 53  
ASN OXT   HXT    sing N N 54  
ASP N     CA     sing N N 55  
ASP N     H      sing N N 56  
ASP N     H2     sing N N 57  
ASP CA    C      sing N N 58  
ASP CA    CB     sing N N 59  
ASP CA    HA     sing N N 60  
ASP C     O      doub N N 61  
ASP C     OXT    sing N N 62  
ASP CB    CG     sing N N 63  
ASP CB    HB2    sing N N 64  
ASP CB    HB3    sing N N 65  
ASP CG    OD1    doub N N 66  
ASP CG    OD2    sing N N 67  
ASP OD2   HD2    sing N N 68  
ASP OXT   HXT    sing N N 69  
CYS N     CA     sing N N 70  
CYS N     H      sing N N 71  
CYS N     H2     sing N N 72  
CYS CA    C      sing N N 73  
CYS CA    CB     sing N N 74  
CYS CA    HA     sing N N 75  
CYS C     O      doub N N 76  
CYS C     OXT    sing N N 77  
CYS CB    SG     sing N N 78  
CYS CB    HB2    sing N N 79  
CYS CB    HB3    sing N N 80  
CYS SG    HG     sing N N 81  
CYS OXT   HXT    sing N N 82  
DA  OP3   P      sing N N 83  
DA  OP3   HOP3   sing N N 84  
DA  P     OP1    doub N N 85  
DA  P     OP2    sing N N 86  
DA  P     "O5'"  sing N N 87  
DA  OP2   HOP2   sing N N 88  
DA  "O5'" "C5'"  sing N N 89  
DA  "C5'" "C4'"  sing N N 90  
DA  "C5'" "H5'"  sing N N 91  
DA  "C5'" "H5''" sing N N 92  
DA  "C4'" "O4'"  sing N N 93  
DA  "C4'" "C3'"  sing N N 94  
DA  "C4'" "H4'"  sing N N 95  
DA  "O4'" "C1'"  sing N N 96  
DA  "C3'" "O3'"  sing N N 97  
DA  "C3'" "C2'"  sing N N 98  
DA  "C3'" "H3'"  sing N N 99  
DA  "O3'" "HO3'" sing N N 100 
DA  "C2'" "C1'"  sing N N 101 
DA  "C2'" "H2'"  sing N N 102 
DA  "C2'" "H2''" sing N N 103 
DA  "C1'" N9     sing N N 104 
DA  "C1'" "H1'"  sing N N 105 
DA  N9    C8     sing Y N 106 
DA  N9    C4     sing Y N 107 
DA  C8    N7     doub Y N 108 
DA  C8    H8     sing N N 109 
DA  N7    C5     sing Y N 110 
DA  C5    C6     sing Y N 111 
DA  C5    C4     doub Y N 112 
DA  C6    N6     sing N N 113 
DA  C6    N1     doub Y N 114 
DA  N6    H61    sing N N 115 
DA  N6    H62    sing N N 116 
DA  N1    C2     sing Y N 117 
DA  C2    N3     doub Y N 118 
DA  C2    H2     sing N N 119 
DA  N3    C4     sing Y N 120 
DC  OP3   P      sing N N 121 
DC  OP3   HOP3   sing N N 122 
DC  P     OP1    doub N N 123 
DC  P     OP2    sing N N 124 
DC  P     "O5'"  sing N N 125 
DC  OP2   HOP2   sing N N 126 
DC  "O5'" "C5'"  sing N N 127 
DC  "C5'" "C4'"  sing N N 128 
DC  "C5'" "H5'"  sing N N 129 
DC  "C5'" "H5''" sing N N 130 
DC  "C4'" "O4'"  sing N N 131 
DC  "C4'" "C3'"  sing N N 132 
DC  "C4'" "H4'"  sing N N 133 
DC  "O4'" "C1'"  sing N N 134 
DC  "C3'" "O3'"  sing N N 135 
DC  "C3'" "C2'"  sing N N 136 
DC  "C3'" "H3'"  sing N N 137 
DC  "O3'" "HO3'" sing N N 138 
DC  "C2'" "C1'"  sing N N 139 
DC  "C2'" "H2'"  sing N N 140 
DC  "C2'" "H2''" sing N N 141 
DC  "C1'" N1     sing N N 142 
DC  "C1'" "H1'"  sing N N 143 
DC  N1    C2     sing N N 144 
DC  N1    C6     sing N N 145 
DC  C2    O2     doub N N 146 
DC  C2    N3     sing N N 147 
DC  N3    C4     doub N N 148 
DC  C4    N4     sing N N 149 
DC  C4    C5     sing N N 150 
DC  N4    H41    sing N N 151 
DC  N4    H42    sing N N 152 
DC  C5    C6     doub N N 153 
DC  C5    H5     sing N N 154 
DC  C6    H6     sing N N 155 
DG  OP3   P      sing N N 156 
DG  OP3   HOP3   sing N N 157 
DG  P     OP1    doub N N 158 
DG  P     OP2    sing N N 159 
DG  P     "O5'"  sing N N 160 
DG  OP2   HOP2   sing N N 161 
DG  "O5'" "C5'"  sing N N 162 
DG  "C5'" "C4'"  sing N N 163 
DG  "C5'" "H5'"  sing N N 164 
DG  "C5'" "H5''" sing N N 165 
DG  "C4'" "O4'"  sing N N 166 
DG  "C4'" "C3'"  sing N N 167 
DG  "C4'" "H4'"  sing N N 168 
DG  "O4'" "C1'"  sing N N 169 
DG  "C3'" "O3'"  sing N N 170 
DG  "C3'" "C2'"  sing N N 171 
DG  "C3'" "H3'"  sing N N 172 
DG  "O3'" "HO3'" sing N N 173 
DG  "C2'" "C1'"  sing N N 174 
DG  "C2'" "H2'"  sing N N 175 
DG  "C2'" "H2''" sing N N 176 
DG  "C1'" N9     sing N N 177 
DG  "C1'" "H1'"  sing N N 178 
DG  N9    C8     sing Y N 179 
DG  N9    C4     sing Y N 180 
DG  C8    N7     doub Y N 181 
DG  C8    H8     sing N N 182 
DG  N7    C5     sing Y N 183 
DG  C5    C6     sing N N 184 
DG  C5    C4     doub Y N 185 
DG  C6    O6     doub N N 186 
DG  C6    N1     sing N N 187 
DG  N1    C2     sing N N 188 
DG  N1    H1     sing N N 189 
DG  C2    N2     sing N N 190 
DG  C2    N3     doub N N 191 
DG  N2    H21    sing N N 192 
DG  N2    H22    sing N N 193 
DG  N3    C4     sing N N 194 
DT  OP3   P      sing N N 195 
DT  OP3   HOP3   sing N N 196 
DT  P     OP1    doub N N 197 
DT  P     OP2    sing N N 198 
DT  P     "O5'"  sing N N 199 
DT  OP2   HOP2   sing N N 200 
DT  "O5'" "C5'"  sing N N 201 
DT  "C5'" "C4'"  sing N N 202 
DT  "C5'" "H5'"  sing N N 203 
DT  "C5'" "H5''" sing N N 204 
DT  "C4'" "O4'"  sing N N 205 
DT  "C4'" "C3'"  sing N N 206 
DT  "C4'" "H4'"  sing N N 207 
DT  "O4'" "C1'"  sing N N 208 
DT  "C3'" "O3'"  sing N N 209 
DT  "C3'" "C2'"  sing N N 210 
DT  "C3'" "H3'"  sing N N 211 
DT  "O3'" "HO3'" sing N N 212 
DT  "C2'" "C1'"  sing N N 213 
DT  "C2'" "H2'"  sing N N 214 
DT  "C2'" "H2''" sing N N 215 
DT  "C1'" N1     sing N N 216 
DT  "C1'" "H1'"  sing N N 217 
DT  N1    C2     sing N N 218 
DT  N1    C6     sing N N 219 
DT  C2    O2     doub N N 220 
DT  C2    N3     sing N N 221 
DT  N3    C4     sing N N 222 
DT  N3    H3     sing N N 223 
DT  C4    O4     doub N N 224 
DT  C4    C5     sing N N 225 
DT  C5    C7     sing N N 226 
DT  C5    C6     doub N N 227 
DT  C7    H71    sing N N 228 
DT  C7    H72    sing N N 229 
DT  C7    H73    sing N N 230 
DT  C6    H6     sing N N 231 
GLN N     CA     sing N N 232 
GLN N     H      sing N N 233 
GLN N     H2     sing N N 234 
GLN CA    C      sing N N 235 
GLN CA    CB     sing N N 236 
GLN CA    HA     sing N N 237 
GLN C     O      doub N N 238 
GLN C     OXT    sing N N 239 
GLN CB    CG     sing N N 240 
GLN CB    HB2    sing N N 241 
GLN CB    HB3    sing N N 242 
GLN CG    CD     sing N N 243 
GLN CG    HG2    sing N N 244 
GLN CG    HG3    sing N N 245 
GLN CD    OE1    doub N N 246 
GLN CD    NE2    sing N N 247 
GLN NE2   HE21   sing N N 248 
GLN NE2   HE22   sing N N 249 
GLN OXT   HXT    sing N N 250 
GLU N     CA     sing N N 251 
GLU N     H      sing N N 252 
GLU N     H2     sing N N 253 
GLU CA    C      sing N N 254 
GLU CA    CB     sing N N 255 
GLU CA    HA     sing N N 256 
GLU C     O      doub N N 257 
GLU C     OXT    sing N N 258 
GLU CB    CG     sing N N 259 
GLU CB    HB2    sing N N 260 
GLU CB    HB3    sing N N 261 
GLU CG    CD     sing N N 262 
GLU CG    HG2    sing N N 263 
GLU CG    HG3    sing N N 264 
GLU CD    OE1    doub N N 265 
GLU CD    OE2    sing N N 266 
GLU OE2   HE2    sing N N 267 
GLU OXT   HXT    sing N N 268 
GLY N     CA     sing N N 269 
GLY N     H      sing N N 270 
GLY N     H2     sing N N 271 
GLY CA    C      sing N N 272 
GLY CA    HA2    sing N N 273 
GLY CA    HA3    sing N N 274 
GLY C     O      doub N N 275 
GLY C     OXT    sing N N 276 
GLY OXT   HXT    sing N N 277 
HIS N     CA     sing N N 278 
HIS N     H      sing N N 279 
HIS N     H2     sing N N 280 
HIS CA    C      sing N N 281 
HIS CA    CB     sing N N 282 
HIS CA    HA     sing N N 283 
HIS C     O      doub N N 284 
HIS C     OXT    sing N N 285 
HIS CB    CG     sing N N 286 
HIS CB    HB2    sing N N 287 
HIS CB    HB3    sing N N 288 
HIS CG    ND1    sing Y N 289 
HIS CG    CD2    doub Y N 290 
HIS ND1   CE1    doub Y N 291 
HIS ND1   HD1    sing N N 292 
HIS CD2   NE2    sing Y N 293 
HIS CD2   HD2    sing N N 294 
HIS CE1   NE2    sing Y N 295 
HIS CE1   HE1    sing N N 296 
HIS NE2   HE2    sing N N 297 
HIS OXT   HXT    sing N N 298 
ILE N     CA     sing N N 299 
ILE N     H      sing N N 300 
ILE N     H2     sing N N 301 
ILE CA    C      sing N N 302 
ILE CA    CB     sing N N 303 
ILE CA    HA     sing N N 304 
ILE C     O      doub N N 305 
ILE C     OXT    sing N N 306 
ILE CB    CG1    sing N N 307 
ILE CB    CG2    sing N N 308 
ILE CB    HB     sing N N 309 
ILE CG1   CD1    sing N N 310 
ILE CG1   HG12   sing N N 311 
ILE CG1   HG13   sing N N 312 
ILE CG2   HG21   sing N N 313 
ILE CG2   HG22   sing N N 314 
ILE CG2   HG23   sing N N 315 
ILE CD1   HD11   sing N N 316 
ILE CD1   HD12   sing N N 317 
ILE CD1   HD13   sing N N 318 
ILE OXT   HXT    sing N N 319 
LEU N     CA     sing N N 320 
LEU N     H      sing N N 321 
LEU N     H2     sing N N 322 
LEU CA    C      sing N N 323 
LEU CA    CB     sing N N 324 
LEU CA    HA     sing N N 325 
LEU C     O      doub N N 326 
LEU C     OXT    sing N N 327 
LEU CB    CG     sing N N 328 
LEU CB    HB2    sing N N 329 
LEU CB    HB3    sing N N 330 
LEU CG    CD1    sing N N 331 
LEU CG    CD2    sing N N 332 
LEU CG    HG     sing N N 333 
LEU CD1   HD11   sing N N 334 
LEU CD1   HD12   sing N N 335 
LEU CD1   HD13   sing N N 336 
LEU CD2   HD21   sing N N 337 
LEU CD2   HD22   sing N N 338 
LEU CD2   HD23   sing N N 339 
LEU OXT   HXT    sing N N 340 
LYS N     CA     sing N N 341 
LYS N     H      sing N N 342 
LYS N     H2     sing N N 343 
LYS CA    C      sing N N 344 
LYS CA    CB     sing N N 345 
LYS CA    HA     sing N N 346 
LYS C     O      doub N N 347 
LYS C     OXT    sing N N 348 
LYS CB    CG     sing N N 349 
LYS CB    HB2    sing N N 350 
LYS CB    HB3    sing N N 351 
LYS CG    CD     sing N N 352 
LYS CG    HG2    sing N N 353 
LYS CG    HG3    sing N N 354 
LYS CD    CE     sing N N 355 
LYS CD    HD2    sing N N 356 
LYS CD    HD3    sing N N 357 
LYS CE    NZ     sing N N 358 
LYS CE    HE2    sing N N 359 
LYS CE    HE3    sing N N 360 
LYS NZ    HZ1    sing N N 361 
LYS NZ    HZ2    sing N N 362 
LYS NZ    HZ3    sing N N 363 
LYS OXT   HXT    sing N N 364 
MET N     CA     sing N N 365 
MET N     H      sing N N 366 
MET N     H2     sing N N 367 
MET CA    C      sing N N 368 
MET CA    CB     sing N N 369 
MET CA    HA     sing N N 370 
MET C     O      doub N N 371 
MET C     OXT    sing N N 372 
MET CB    CG     sing N N 373 
MET CB    HB2    sing N N 374 
MET CB    HB3    sing N N 375 
MET CG    SD     sing N N 376 
MET CG    HG2    sing N N 377 
MET CG    HG3    sing N N 378 
MET SD    CE     sing N N 379 
MET CE    HE1    sing N N 380 
MET CE    HE2    sing N N 381 
MET CE    HE3    sing N N 382 
MET OXT   HXT    sing N N 383 
PHE N     CA     sing N N 384 
PHE N     H      sing N N 385 
PHE N     H2     sing N N 386 
PHE CA    C      sing N N 387 
PHE CA    CB     sing N N 388 
PHE CA    HA     sing N N 389 
PHE C     O      doub N N 390 
PHE C     OXT    sing N N 391 
PHE CB    CG     sing N N 392 
PHE CB    HB2    sing N N 393 
PHE CB    HB3    sing N N 394 
PHE CG    CD1    doub Y N 395 
PHE CG    CD2    sing Y N 396 
PHE CD1   CE1    sing Y N 397 
PHE CD1   HD1    sing N N 398 
PHE CD2   CE2    doub Y N 399 
PHE CD2   HD2    sing N N 400 
PHE CE1   CZ     doub Y N 401 
PHE CE1   HE1    sing N N 402 
PHE CE2   CZ     sing Y N 403 
PHE CE2   HE2    sing N N 404 
PHE CZ    HZ     sing N N 405 
PHE OXT   HXT    sing N N 406 
PRO N     CA     sing N N 407 
PRO N     CD     sing N N 408 
PRO N     H      sing N N 409 
PRO CA    C      sing N N 410 
PRO CA    CB     sing N N 411 
PRO CA    HA     sing N N 412 
PRO C     O      doub N N 413 
PRO C     OXT    sing N N 414 
PRO CB    CG     sing N N 415 
PRO CB    HB2    sing N N 416 
PRO CB    HB3    sing N N 417 
PRO CG    CD     sing N N 418 
PRO CG    HG2    sing N N 419 
PRO CG    HG3    sing N N 420 
PRO CD    HD2    sing N N 421 
PRO CD    HD3    sing N N 422 
PRO OXT   HXT    sing N N 423 
SER N     CA     sing N N 424 
SER N     H      sing N N 425 
SER N     H2     sing N N 426 
SER CA    C      sing N N 427 
SER CA    CB     sing N N 428 
SER CA    HA     sing N N 429 
SER C     O      doub N N 430 
SER C     OXT    sing N N 431 
SER CB    OG     sing N N 432 
SER CB    HB2    sing N N 433 
SER CB    HB3    sing N N 434 
SER OG    HG     sing N N 435 
SER OXT   HXT    sing N N 436 
THR N     CA     sing N N 437 
THR N     H      sing N N 438 
THR N     H2     sing N N 439 
THR CA    C      sing N N 440 
THR CA    CB     sing N N 441 
THR CA    HA     sing N N 442 
THR C     O      doub N N 443 
THR C     OXT    sing N N 444 
THR CB    OG1    sing N N 445 
THR CB    CG2    sing N N 446 
THR CB    HB     sing N N 447 
THR OG1   HG1    sing N N 448 
THR CG2   HG21   sing N N 449 
THR CG2   HG22   sing N N 450 
THR CG2   HG23   sing N N 451 
THR OXT   HXT    sing N N 452 
TRP N     CA     sing N N 453 
TRP N     H      sing N N 454 
TRP N     H2     sing N N 455 
TRP CA    C      sing N N 456 
TRP CA    CB     sing N N 457 
TRP CA    HA     sing N N 458 
TRP C     O      doub N N 459 
TRP C     OXT    sing N N 460 
TRP CB    CG     sing N N 461 
TRP CB    HB2    sing N N 462 
TRP CB    HB3    sing N N 463 
TRP CG    CD1    doub Y N 464 
TRP CG    CD2    sing Y N 465 
TRP CD1   NE1    sing Y N 466 
TRP CD1   HD1    sing N N 467 
TRP CD2   CE2    doub Y N 468 
TRP CD2   CE3    sing Y N 469 
TRP NE1   CE2    sing Y N 470 
TRP NE1   HE1    sing N N 471 
TRP CE2   CZ2    sing Y N 472 
TRP CE3   CZ3    doub Y N 473 
TRP CE3   HE3    sing N N 474 
TRP CZ2   CH2    doub Y N 475 
TRP CZ2   HZ2    sing N N 476 
TRP CZ3   CH2    sing Y N 477 
TRP CZ3   HZ3    sing N N 478 
TRP CH2   HH2    sing N N 479 
TRP OXT   HXT    sing N N 480 
TYR N     CA     sing N N 481 
TYR N     H      sing N N 482 
TYR N     H2     sing N N 483 
TYR CA    C      sing N N 484 
TYR CA    CB     sing N N 485 
TYR CA    HA     sing N N 486 
TYR C     O      doub N N 487 
TYR C     OXT    sing N N 488 
TYR CB    CG     sing N N 489 
TYR CB    HB2    sing N N 490 
TYR CB    HB3    sing N N 491 
TYR CG    CD1    doub Y N 492 
TYR CG    CD2    sing Y N 493 
TYR CD1   CE1    sing Y N 494 
TYR CD1   HD1    sing N N 495 
TYR CD2   CE2    doub Y N 496 
TYR CD2   HD2    sing N N 497 
TYR CE1   CZ     doub Y N 498 
TYR CE1   HE1    sing N N 499 
TYR CE2   CZ     sing Y N 500 
TYR CE2   HE2    sing N N 501 
TYR CZ    OH     sing N N 502 
TYR OH    HH     sing N N 503 
TYR OXT   HXT    sing N N 504 
VAL N     CA     sing N N 505 
VAL N     H      sing N N 506 
VAL N     H2     sing N N 507 
VAL CA    C      sing N N 508 
VAL CA    CB     sing N N 509 
VAL CA    HA     sing N N 510 
VAL C     O      doub N N 511 
VAL C     OXT    sing N N 512 
VAL CB    CG1    sing N N 513 
VAL CB    CG2    sing N N 514 
VAL CB    HB     sing N N 515 
VAL CG1   HG11   sing N N 516 
VAL CG1   HG12   sing N N 517 
VAL CG1   HG13   sing N N 518 
VAL CG2   HG21   sing N N 519 
VAL CG2   HG22   sing N N 520 
VAL CG2   HG23   sing N N 521 
VAL OXT   HXT    sing N N 522 
# 
_em_admin.entry_id           7UJL 
_em_admin.current_status     REL 
_em_admin.deposition_date    2022-03-31 
_em_admin.deposition_site    RCSB 
_em_admin.last_update        2024-11-06 
_em_admin.map_release_date   2022-10-05 
_em_admin.title              'Bacteriophage Lambda Red-Beta N-terminal domain helical assembly in complex with dsDNA' 
# 
loop_
_em_buffer_component.buffer_id 
_em_buffer_component.id 
_em_buffer_component.concentration 
_em_buffer_component.concentration_units 
_em_buffer_component.formula 
_em_buffer_component.name 
1 1 20 mM KH2PO4 'potassium phosphate' 
1 2 5  mM MgCl2  'magnesium chloride'  
# 
_em_ctf_correction.id                       1 
_em_ctf_correction.em_image_processing_id   1 
_em_ctf_correction.type                     'PHASE FLIPPING AND AMPLITUDE CORRECTION' 
_em_ctf_correction.details                  ? 
# 
loop_
_em_entity_assembly_molwt.entity_assembly_id 
_em_entity_assembly_molwt.id 
_em_entity_assembly_molwt.experimental_flag 
_em_entity_assembly_molwt.units 
_em_entity_assembly_molwt.value 
1 1 NO KILODALTONS/NANOMETER 114.18 
1 2 NO KILODALTONS/NANOMETER 102.26 
# 
loop_
_em_entity_assembly_naturalsource.id 
_em_entity_assembly_naturalsource.entity_assembly_id 
_em_entity_assembly_naturalsource.cell 
_em_entity_assembly_naturalsource.cellular_location 
_em_entity_assembly_naturalsource.ncbi_tax_id 
_em_entity_assembly_naturalsource.organ 
_em_entity_assembly_naturalsource.organelle 
_em_entity_assembly_naturalsource.organism 
_em_entity_assembly_naturalsource.strain 
_em_entity_assembly_naturalsource.tissue 
1 2 ? ? 10710 ? ? 'Escherichia virus Lambda' ? ? 
2 3 ? ? 562   ? ? 'Escherichia coli'         ? ? 
3 4 ? ? 562   ? ? 'Escherichia coli'         ? ? 
# 
loop_
_em_entity_assembly_recombinant.id 
_em_entity_assembly_recombinant.entity_assembly_id 
_em_entity_assembly_recombinant.cell 
_em_entity_assembly_recombinant.ncbi_tax_id 
_em_entity_assembly_recombinant.organism 
_em_entity_assembly_recombinant.plasmid 
_em_entity_assembly_recombinant.strain 
2 2 ? 469008 'Escherichia coli BL21(DE3)' pET24a ? 
3 4 ? 562    'Escherichia coli'           ?      ? 
# 
_em_helical_entity.id                             1 
_em_helical_entity.image_processing_id            1 
_em_helical_entity.angular_rotation_per_subunit   -12.947 
_em_helical_entity.axial_rise_per_subunit         2.078 
_em_helical_entity.axial_symmetry                 C1 
_em_helical_entity.details                        ? 
# 
_em_image_processing.id                   1 
_em_image_processing.image_recording_id   1 
_em_image_processing.details              ? 
# 
_em_image_recording.id                                  1 
_em_image_recording.imaging_id                          1 
_em_image_recording.avg_electron_dose_per_image         50 
_em_image_recording.average_exposure_time               9 
_em_image_recording.details                             ? 
_em_image_recording.detector_mode                       COUNTING 
_em_image_recording.film_or_detector_model              'GATAN K2 SUMMIT (4k x 4k)' 
_em_image_recording.num_diffraction_images              ? 
_em_image_recording.num_grids_imaged                    1 
_em_image_recording.num_real_images                     4710 
_em_image_recording.avg_electron_dose_per_subtomogram   ? 
# 
_em_imaging_optics.id                         1 
_em_imaging_optics.imaging_id                 1 
_em_imaging_optics.chr_aberration_corrector   ? 
_em_imaging_optics.energyfilter_lower         ? 
_em_imaging_optics.energyfilter_name          'GIF Quantum LS' 
_em_imaging_optics.energyfilter_upper         ? 
_em_imaging_optics.energyfilter_slit_width    ? 
_em_imaging_optics.phase_plate                ? 
_em_imaging_optics.sph_aberration_corrector   ? 
_em_imaging_optics.details                    'Installed but not used' 
# 
_em_particle_selection.id                       1 
_em_particle_selection.image_processing_id      1 
_em_particle_selection.details                  '922280 particles were initially selected using cryoSPARC filament tracing' 
_em_particle_selection.method                   ? 
_em_particle_selection.num_particles_selected   922280 
_em_particle_selection.reference_model          ? 
# 
loop_
_em_software.id 
_em_software.category 
_em_software.details 
_em_software.name 
_em_software.version 
_em_software.image_processing_id 
_em_software.fitting_id 
_em_software.imaging_id 
1  'PARTICLE SELECTION'       ? cryoSPARC 3.0 1 ? ? 
2  'IMAGE ACQUISITION'        ? EPU       ?   ? ? 1 
3  MASKING                    ? ?         ?   ? ? ? 
4  'CTF CORRECTION'           ? cryoSPARC 3.0 1 ? ? 
5  'LAYERLINE INDEXING'       ? ?         ?   ? ? ? 
6  'DIFFRACTION INDEXING'     ? ?         ?   ? ? ? 
7  'MODEL FITTING'            ? ISOLDE    ?   ? 1 ? 
8  OTHER                      ? ?         ?   ? ? ? 
9  'MODEL REFINEMENT'         ? PHENIX    ?   ? 1 ? 
10 'INITIAL EULER ASSIGNMENT' ? cryoSPARC 3.0 1 ? ? 
11 'FINAL EULER ASSIGNMENT'   ? cryoSPARC 3.0 1 ? ? 
12 CLASSIFICATION             ? RELION    3.1 1 ? ? 
13 RECONSTRUCTION             ? cryoSPARC 3.0 1 ? ? 
# 
_em_specimen.id                      1 
_em_specimen.experiment_id           1 
_em_specimen.concentration           2.6 
_em_specimen.details                 ? 
_em_specimen.embedding_applied       NO 
_em_specimen.shadowing_applied       NO 
_em_specimen.staining_applied        NO 
_em_specimen.vitrification_applied   YES 
# 
_ndb_struct_conf_na.entry_id   7UJL 
_ndb_struct_conf_na.feature    'double helix' 
# 
loop_
_ndb_struct_na_base_pair.model_number 
_ndb_struct_na_base_pair.i_label_asym_id 
_ndb_struct_na_base_pair.i_label_comp_id 
_ndb_struct_na_base_pair.i_label_seq_id 
_ndb_struct_na_base_pair.i_symmetry 
_ndb_struct_na_base_pair.j_label_asym_id 
_ndb_struct_na_base_pair.j_label_comp_id 
_ndb_struct_na_base_pair.j_label_seq_id 
_ndb_struct_na_base_pair.j_symmetry 
_ndb_struct_na_base_pair.shear 
_ndb_struct_na_base_pair.stretch 
_ndb_struct_na_base_pair.stagger 
_ndb_struct_na_base_pair.buckle 
_ndb_struct_na_base_pair.propeller 
_ndb_struct_na_base_pair.opening 
_ndb_struct_na_base_pair.pair_number 
_ndb_struct_na_base_pair.pair_name 
_ndb_struct_na_base_pair.i_auth_asym_id 
_ndb_struct_na_base_pair.i_auth_seq_id 
_ndb_struct_na_base_pair.i_PDB_ins_code 
_ndb_struct_na_base_pair.j_auth_asym_id 
_ndb_struct_na_base_pair.j_auth_seq_id 
_ndb_struct_na_base_pair.j_PDB_ins_code 
_ndb_struct_na_base_pair.hbond_type_28 
_ndb_struct_na_base_pair.hbond_type_12 
1 B DG 2 1_555 C DC 23 1_555 -0.689 -0.011 -0.123 2.952   27.054 6.257   1 B_DG1:DC4_C B 1 ? C 4 ? 19 1 
1 B DC 3 1_555 C DG 22 1_555 0.203  -0.099 -0.073 -14.782 18.716 -3.531  2 B_DC2:DG3_C B 2 ? C 3 ? 19 1 
1 B DA 4 1_555 C DT 21 1_555 0.255  0.417  0.874  -2.969  32.400 -19.343 3 B_DA3:DT2_C B 3 ? C 2 ? 20 1 
1 B DG 5 1_555 C DC 20 1_555 -0.429 -0.226 -0.057 2.228   29.619 -8.048  4 B_DG4:DC1_C B 4 ? C 1 ? 19 1 
# 
loop_
_ndb_struct_na_base_pair_step.model_number 
_ndb_struct_na_base_pair_step.i_label_asym_id_1 
_ndb_struct_na_base_pair_step.i_label_comp_id_1 
_ndb_struct_na_base_pair_step.i_label_seq_id_1 
_ndb_struct_na_base_pair_step.i_symmetry_1 
_ndb_struct_na_base_pair_step.j_label_asym_id_1 
_ndb_struct_na_base_pair_step.j_label_comp_id_1 
_ndb_struct_na_base_pair_step.j_label_seq_id_1 
_ndb_struct_na_base_pair_step.j_symmetry_1 
_ndb_struct_na_base_pair_step.i_label_asym_id_2 
_ndb_struct_na_base_pair_step.i_label_comp_id_2 
_ndb_struct_na_base_pair_step.i_label_seq_id_2 
_ndb_struct_na_base_pair_step.i_symmetry_2 
_ndb_struct_na_base_pair_step.j_label_asym_id_2 
_ndb_struct_na_base_pair_step.j_label_comp_id_2 
_ndb_struct_na_base_pair_step.j_label_seq_id_2 
_ndb_struct_na_base_pair_step.j_symmetry_2 
_ndb_struct_na_base_pair_step.shift 
_ndb_struct_na_base_pair_step.slide 
_ndb_struct_na_base_pair_step.rise 
_ndb_struct_na_base_pair_step.tilt 
_ndb_struct_na_base_pair_step.roll 
_ndb_struct_na_base_pair_step.twist 
_ndb_struct_na_base_pair_step.x_displacement 
_ndb_struct_na_base_pair_step.y_displacement 
_ndb_struct_na_base_pair_step.helical_rise 
_ndb_struct_na_base_pair_step.inclination 
_ndb_struct_na_base_pair_step.tip 
_ndb_struct_na_base_pair_step.helical_twist 
_ndb_struct_na_base_pair_step.step_number 
_ndb_struct_na_base_pair_step.step_name 
_ndb_struct_na_base_pair_step.i_auth_asym_id_1 
_ndb_struct_na_base_pair_step.i_auth_seq_id_1 
_ndb_struct_na_base_pair_step.i_PDB_ins_code_1 
_ndb_struct_na_base_pair_step.j_auth_asym_id_1 
_ndb_struct_na_base_pair_step.j_auth_seq_id_1 
_ndb_struct_na_base_pair_step.j_PDB_ins_code_1 
_ndb_struct_na_base_pair_step.i_auth_asym_id_2 
_ndb_struct_na_base_pair_step.i_auth_seq_id_2 
_ndb_struct_na_base_pair_step.i_PDB_ins_code_2 
_ndb_struct_na_base_pair_step.j_auth_asym_id_2 
_ndb_struct_na_base_pair_step.j_auth_seq_id_2 
_ndb_struct_na_base_pair_step.j_PDB_ins_code_2 
1 B DC 3 1_555 C DG 22 1_555 B DA 4 1_555 C DT 21 1_555 -1.109 3.228 3.689 -8.087 18.426 11.802 -2.992 -2.076 4.806 54.859 24.079  
23.297 1 BB_DC2DA3:DT2DG3_CC B 2 ? C 3 ? B 3 ? C 2 ? 
1 B DA 4 1_555 C DT 21 1_555 B DG 5 1_555 C DC 20 1_555 0.625  2.428 3.965 2.855  24.538 0.456  -9.187 0.269  2.557 88.363 -10.282 
24.708 2 BB_DA3DG4:DC1DT2_CC B 3 ? C 2 ? B 4 ? C 1 ? 
# 
_pdbx_audit_support.funding_organization   'National Health and Medical Research Council (NHMRC, Australia)' 
_pdbx_audit_support.country                Australia 
_pdbx_audit_support.grant_number           GNT1184012 
_pdbx_audit_support.ordinal                1 
# 
_atom_sites.entry_id                    7UJL 
_atom_sites.Cartn_transf_matrix[1][1]   ? 
_atom_sites.Cartn_transf_matrix[1][2]   ? 
_atom_sites.Cartn_transf_matrix[1][3]   ? 
_atom_sites.Cartn_transf_matrix[2][1]   ? 
_atom_sites.Cartn_transf_matrix[2][2]   ? 
_atom_sites.Cartn_transf_matrix[2][3]   ? 
_atom_sites.Cartn_transf_matrix[3][1]   ? 
_atom_sites.Cartn_transf_matrix[3][2]   ? 
_atom_sites.Cartn_transf_matrix[3][3]   ? 
_atom_sites.Cartn_transf_vector[1]      ? 
_atom_sites.Cartn_transf_vector[2]      ? 
_atom_sites.Cartn_transf_vector[3]      ? 
_atom_sites.fract_transf_matrix[1][1]   1.000000 
_atom_sites.fract_transf_matrix[1][2]   0.000000 
_atom_sites.fract_transf_matrix[1][3]   0.000000 
_atom_sites.fract_transf_matrix[2][1]   0.000000 
_atom_sites.fract_transf_matrix[2][2]   1.000000 
_atom_sites.fract_transf_matrix[2][3]   0.000000 
_atom_sites.fract_transf_matrix[3][1]   0.000000 
_atom_sites.fract_transf_matrix[3][2]   0.000000 
_atom_sites.fract_transf_matrix[3][3]   1.000000 
_atom_sites.fract_transf_vector[1]      0.00000 
_atom_sites.fract_transf_vector[2]      0.00000 
_atom_sites.fract_transf_vector[3]      0.00000 
_atom_sites.solution_primary            ? 
_atom_sites.solution_secondary          ? 
_atom_sites.solution_hydrogens          ? 
_atom_sites.special_details             ? 
# 
loop_
_atom_type.symbol 
C 
H 
N 
O 
P 
S 
# 
loop_
_atom_site.group_PDB 
_atom_site.id 
_atom_site.type_symbol 
_atom_site.label_atom_id 
_atom_site.label_alt_id 
_atom_site.label_comp_id 
_atom_site.label_asym_id 
_atom_site.label_entity_id 
_atom_site.label_seq_id 
_atom_site.pdbx_PDB_ins_code 
_atom_site.Cartn_x 
_atom_site.Cartn_y 
_atom_site.Cartn_z 
_atom_site.occupancy 
_atom_site.B_iso_or_equiv 
_atom_site.pdbx_formal_charge 
_atom_site.auth_seq_id 
_atom_site.auth_comp_id 
_atom_site.auth_asym_id 
_atom_site.auth_atom_id 
_atom_site.pdbx_PDB_model_num 
ATOM 1    N N     . THR A 1 3   ? -5.886  19.477  18.862  1.00 30.00 ? 3   THR A N     1 
ATOM 2    C CA    . THR A 1 3   ? -4.654  19.447  19.678  1.00 30.00 ? 3   THR A CA    1 
ATOM 3    C C     . THR A 1 3   ? -3.591  18.481  19.151  1.00 30.00 ? 3   THR A C     1 
ATOM 4    O O     . THR A 1 3   ? -2.567  18.951  18.704  1.00 30.00 ? 3   THR A O     1 
ATOM 5    C CB    . THR A 1 3   ? -4.920  19.184  21.174  1.00 30.00 ? 3   THR A CB    1 
ATOM 6    O OG1   . THR A 1 3   ? -5.858  20.147  21.616  1.00 30.00 ? 3   THR A OG1   1 
ATOM 7    C CG2   . THR A 1 3   ? -3.686  19.326  22.047  1.00 30.00 ? 3   THR A CG2   1 
ATOM 8    N N     . ALA A 1 4   ? -3.771  17.147  19.175  1.00 30.00 ? 4   ALA A N     1 
ATOM 9    C CA    . ALA A 1 4   ? -2.709  16.137  18.960  1.00 30.00 ? 4   ALA A CA    1 
ATOM 10   C C     . ALA A 1 4   ? -2.009  16.250  17.592  1.00 30.00 ? 4   ALA A C     1 
ATOM 11   O O     . ALA A 1 4   ? -0.815  16.008  17.502  1.00 30.00 ? 4   ALA A O     1 
ATOM 12   C CB    . ALA A 1 4   ? -3.276  14.726  19.175  1.00 30.00 ? 4   ALA A CB    1 
ATOM 13   N N     . LEU A 1 5   ? -2.725  16.676  16.545  1.00 30.00 ? 5   LEU A N     1 
ATOM 14   C CA    . LEU A 1 5   ? -2.153  16.887  15.210  1.00 30.00 ? 5   LEU A CA    1 
ATOM 15   C C     . LEU A 1 5   ? -1.070  17.978  15.181  1.00 30.00 ? 5   LEU A C     1 
ATOM 16   O O     . LEU A 1 5   ? -0.130  17.875  14.401  1.00 30.00 ? 5   LEU A O     1 
ATOM 17   C CB    . LEU A 1 5   ? -3.263  17.244  14.204  1.00 30.00 ? 5   LEU A CB    1 
ATOM 18   C CG    . LEU A 1 5   ? -4.352  16.184  13.984  1.00 30.00 ? 5   LEU A CG    1 
ATOM 19   C CD1   . LEU A 1 5   ? -5.275  16.633  12.857  1.00 30.00 ? 5   LEU A CD1   1 
ATOM 20   C CD2   . LEU A 1 5   ? -3.759  14.839  13.589  1.00 30.00 ? 5   LEU A CD2   1 
ATOM 21   N N     . ALA A 1 6   ? -1.157  19.005  16.029  1.00 30.00 ? 6   ALA A N     1 
ATOM 22   C CA    . ALA A 1 6   ? -0.174  20.056  16.088  1.00 30.00 ? 6   ALA A CA    1 
ATOM 23   C C     . ALA A 1 6   ? 1.161   19.519  16.645  1.00 30.00 ? 6   ALA A C     1 
ATOM 24   O O     . ALA A 1 6   ? 2.183   19.850  16.074  1.00 30.00 ? 6   ALA A O     1 
ATOM 25   C CB    . ALA A 1 6   ? -0.740  21.224  16.901  1.00 30.00 ? 6   ALA A CB    1 
ATOM 26   N N     . THR A 1 7   ? 1.189   18.651  17.689  1.00 30.00 ? 7   THR A N     1 
ATOM 27   C CA    . THR A 1 7   ? 2.424   17.980  18.145  1.00 30.00 ? 7   THR A CA    1 
ATOM 28   C C     . THR A 1 7   ? 2.947   16.976  17.121  1.00 30.00 ? 7   THR A C     1 
ATOM 29   O O     . THR A 1 7   ? 4.136   16.930  16.876  1.00 30.00 ? 7   THR A O     1 
ATOM 30   C CB    . THR A 1 7   ? 2.338   17.369  19.572  1.00 30.00 ? 7   THR A CB    1 
ATOM 31   O OG1   . THR A 1 7   ? 3.555   16.765  19.957  1.00 30.00 ? 7   THR A OG1   1 
ATOM 32   C CG2   . THR A 1 7   ? 1.311   16.280  19.779  1.00 30.00 ? 7   THR A CG2   1 
ATOM 33   N N     . LEU A 1 8   ? 2.083   16.239  16.409  1.00 30.00 ? 8   LEU A N     1 
ATOM 34   C CA    . LEU A 1 8   ? 2.548   15.384  15.311  1.00 30.00 ? 8   LEU A CA    1 
ATOM 35   C C     . LEU A 1 8   ? 3.241   16.209  14.213  1.00 30.00 ? 8   LEU A C     1 
ATOM 36   O O     . LEU A 1 8   ? 4.387   15.936  13.867  1.00 30.00 ? 8   LEU A O     1 
ATOM 37   C CB    . LEU A 1 8   ? 1.385   14.540  14.757  1.00 30.00 ? 8   LEU A CB    1 
ATOM 38   C CG    . LEU A 1 8   ? 1.787   13.678  13.540  1.00 30.00 ? 8   LEU A CG    1 
ATOM 39   C CD1   . LEU A 1 8   ? 2.872   12.657  13.887  1.00 30.00 ? 8   LEU A CD1   1 
ATOM 40   C CD2   . LEU A 1 8   ? 0.584   12.922  12.988  1.00 30.00 ? 8   LEU A CD2   1 
ATOM 41   N N     . ALA A 1 9   ? 2.584   17.249  13.699  1.00 30.00 ? 9   ALA A N     1 
ATOM 42   C CA    . ALA A 1 9   ? 3.147   18.120  12.668  1.00 30.00 ? 9   ALA A CA    1 
ATOM 43   C C     . ALA A 1 9   ? 4.442   18.791  13.141  1.00 30.00 ? 9   ALA A C     1 
ATOM 44   O O     . ALA A 1 9   ? 5.433   18.810  12.414  1.00 30.00 ? 9   ALA A O     1 
ATOM 45   C CB    . ALA A 1 9   ? 2.079   19.146  12.273  1.00 30.00 ? 9   ALA A CB    1 
ATOM 46   N N     . GLY A 1 10  ? 4.473   19.269  14.387  1.00 30.00 ? 10  GLY A N     1 
ATOM 47   C CA    . GLY A 1 10  ? 5.645   19.821  15.004  1.00 30.00 ? 10  GLY A CA    1 
ATOM 48   C C     . GLY A 1 10  ? 6.802   18.801  15.108  1.00 30.00 ? 10  GLY A C     1 
ATOM 49   O O     . GLY A 1 10  ? 7.903   19.144  14.736  1.00 30.00 ? 10  GLY A O     1 
ATOM 50   N N     . LYS A 1 11  ? 6.561   17.622  15.661  1.00 30.00 ? 11  LYS A N     1 
ATOM 51   C CA    . LYS A 1 11  ? 7.639   16.655  15.849  1.00 30.00 ? 11  LYS A CA    1 
ATOM 52   C C     . LYS A 1 11  ? 8.207   16.227  14.516  1.00 30.00 ? 11  LYS A C     1 
ATOM 53   O O     . LYS A 1 11  ? 9.412   16.086  14.372  1.00 30.00 ? 11  LYS A O     1 
ATOM 54   C CB    . LYS A 1 11  ? 7.146   15.435  16.620  1.00 30.00 ? 11  LYS A CB    1 
ATOM 55   C CG    . LYS A 1 11  ? 7.205   15.589  18.128  1.00 30.00 ? 11  LYS A CG    1 
ATOM 56   C CD    . LYS A 1 11  ? 6.417   14.494  18.826  1.00 30.00 ? 11  LYS A CD    1 
ATOM 57   C CE    . LYS A 1 11  ? 6.441   14.680  20.334  1.00 30.00 ? 11  LYS A CE    1 
ATOM 58   N NZ    . LYS A 1 11  ? 7.209   13.601  21.019  1.00 30.00 ? 11  LYS A NZ    1 
ATOM 59   N N     . LEU A 1 12  ? 7.341   16.028  13.532  1.00 30.00 ? 12  LEU A N     1 
ATOM 60   C CA    . LEU A 1 12  ? 7.798   15.643  12.207  1.00 30.00 ? 12  LEU A CA    1 
ATOM 61   C C     . LEU A 1 12  ? 8.665   16.740  11.607  1.00 30.00 ? 12  LEU A C     1 
ATOM 62   O O     . LEU A 1 12  ? 9.678   16.455  10.977  1.00 30.00 ? 12  LEU A O     1 
ATOM 63   C CB    . LEU A 1 12  ? 6.606   15.358  11.298  1.00 30.00 ? 12  LEU A CB    1 
ATOM 64   C CG    . LEU A 1 12  ? 5.907   14.010  11.444  1.00 30.00 ? 12  LEU A CG    1 
ATOM 65   C CD1   . LEU A 1 12  ? 4.759   13.904  10.454  1.00 30.00 ? 12  LEU A CD1   1 
ATOM 66   C CD2   . LEU A 1 12  ? 6.895   12.873  11.246  1.00 30.00 ? 12  LEU A CD2   1 
ATOM 67   N N     . ALA A 1 13  ? 8.268   17.994  11.788  1.00 30.00 ? 13  ALA A N     1 
ATOM 68   C CA    . ALA A 1 13  ? 9.071   19.109  11.299  1.00 30.00 ? 13  ALA A CA    1 
ATOM 69   C C     . ALA A 1 13  ? 10.410  19.167  12.001  1.00 30.00 ? 13  ALA A C     1 
ATOM 70   O O     . ALA A 1 13  ? 11.428  19.446  11.387  1.00 30.00 ? 13  ALA A O     1 
ATOM 71   C CB    . ALA A 1 13  ? 8.329   20.419  11.473  1.00 30.00 ? 13  ALA A CB    1 
ATOM 72   N N     . GLU A 1 14  ? 10.412  19.027  13.329  1.00 30.00 ? 14  GLU A N     1 
ATOM 73   C CA    . GLU A 1 14  ? 11.627  19.009  14.149  1.00 30.00 ? 14  GLU A CA    1 
ATOM 74   C C     . GLU A 1 14  ? 12.546  17.875  13.661  1.00 30.00 ? 14  GLU A C     1 
ATOM 75   O O     . GLU A 1 14  ? 13.767  18.007  13.710  1.00 30.00 ? 14  GLU A O     1 
ATOM 76   C CB    . GLU A 1 14  ? 11.289  18.785  15.637  1.00 30.00 ? 14  GLU A CB    1 
ATOM 77   C CG    . GLU A 1 14  ? 10.538  19.948  16.320  1.00 30.00 ? 14  GLU A CG    1 
ATOM 78   C CD    . GLU A 1 14  ? 9.537   19.496  17.416  1.00 30.00 ? 14  GLU A CD    1 
ATOM 79   O OE1   . GLU A 1 14  ? 9.732   18.410  18.014  1.00 30.00 ? 14  GLU A OE1   1 
ATOM 80   O OE2   . GLU A 1 14  ? 8.569   20.251  17.670  1.00 30.00 ? 14  GLU A OE2   1 
ATOM 81   N N     . ARG A 1 15  ? 11.992  16.794  13.089  1.00 30.00 ? 15  ARG A N     1 
ATOM 82   C CA    . ARG A 1 15  ? 12.850  15.705  12.578  1.00 30.00 ? 15  ARG A CA    1 
ATOM 83   C C     . ARG A 1 15  ? 13.687  16.174  11.383  1.00 30.00 ? 15  ARG A C     1 
ATOM 84   O O     . ARG A 1 15  ? 14.822  15.725  11.268  1.00 30.00 ? 15  ARG A O     1 
ATOM 85   C CB    . ARG A 1 15  ? 12.004  14.492  12.223  1.00 30.00 ? 15  ARG A CB    1 
ATOM 86   C CG    . ARG A 1 15  ? 12.860  13.239  11.895  1.00 30.00 ? 15  ARG A CG    1 
ATOM 87   C CD    . ARG A 1 15  ? 12.001  12.024  11.625  1.00 30.00 ? 15  ARG A CD    1 
ATOM 88   N NE    . ARG A 1 15  ? 12.819  10.831  11.277  1.00 30.00 ? 15  ARG A NE    1 
ATOM 89   C CZ    . ARG A 1 15  ? 12.411  9.623   10.976  1.00 30.00 ? 15  ARG A CZ    1 
ATOM 90   N NH1   . ARG A 1 15  ? 13.246  8.671   10.685  1.00 30.00 ? 15  ARG A NH1   1 
ATOM 91   N NH2   . ARG A 1 15  ? 11.162  9.336   10.957  1.00 30.00 ? 15  ARG A NH2   1 
ATOM 92   N N     . VAL A 1 16  ? 13.174  17.104  10.528  1.00 30.00 ? 16  VAL A N     1 
ATOM 93   C CA    . VAL A 1 16  ? 13.909  17.726  9.403   1.00 30.00 ? 16  VAL A CA    1 
ATOM 94   C C     . VAL A 1 16  ? 14.568  19.051  9.771   1.00 30.00 ? 16  VAL A C     1 
ATOM 95   O O     . VAL A 1 16  ? 15.014  19.802  8.893   1.00 30.00 ? 16  VAL A O     1 
ATOM 96   C CB    . VAL A 1 16  ? 13.067  17.880  8.121   1.00 30.00 ? 16  VAL A CB    1 
ATOM 97   C CG1   . VAL A 1 16  ? 12.566  16.507  7.697   1.00 30.00 ? 16  VAL A CG1   1 
ATOM 98   C CG2   . VAL A 1 16  ? 11.884  18.853  8.233   1.00 30.00 ? 16  VAL A CG2   1 
ATOM 99   N N     . GLY A 1 17  ? 14.645  19.356  11.069  1.00 30.00 ? 17  GLY A N     1 
ATOM 100  C CA    . GLY A 1 17  ? 15.278  20.564  11.569  1.00 30.00 ? 17  GLY A CA    1 
ATOM 101  C C     . GLY A 1 17  ? 14.477  21.886  11.369  1.00 30.00 ? 17  GLY A C     1 
ATOM 102  O O     . GLY A 1 17  ? 14.996  22.977  11.559  1.00 30.00 ? 17  GLY A O     1 
ATOM 103  N N     . MET A 1 18  ? 13.217  21.818  10.986  1.00 30.00 ? 18  MET A N     1 
ATOM 104  C CA    . MET A 1 18  ? 12.324  22.984  10.760  1.00 30.00 ? 18  MET A CA    1 
ATOM 105  C C     . MET A 1 18  ? 11.597  23.341  12.057  1.00 30.00 ? 18  MET A C     1 
ATOM 106  O O     . MET A 1 18  ? 10.438  23.045  12.237  1.00 30.00 ? 18  MET A O     1 
ATOM 107  C CB    . MET A 1 18  ? 11.394  22.677  9.595   1.00 30.00 ? 18  MET A CB    1 
ATOM 108  C CG    . MET A 1 18  ? 10.566  23.907  9.138   1.00 30.00 ? 18  MET A CG    1 
ATOM 109  S SD    . MET A 1 18  ? 11.436  25.130  8.135   1.00 30.00 ? 18  MET A SD    1 
ATOM 110  C CE    . MET A 1 18  ? 11.542  24.242  6.568   1.00 30.00 ? 18  MET A CE    1 
ATOM 111  N N     . ASP A 1 19  ? 12.271  23.946  13.002  1.00 30.00 ? 19  ASP A N     1 
ATOM 112  C CA    . ASP A 1 19  ? 11.690  24.337  14.284  1.00 30.00 ? 19  ASP A CA    1 
ATOM 113  C C     . ASP A 1 19  ? 10.644  25.485  14.130  1.00 30.00 ? 19  ASP A C     1 
ATOM 114  O O     . ASP A 1 19  ? 10.785  26.424  13.312  1.00 30.00 ? 19  ASP A O     1 
ATOM 115  C CB    . ASP A 1 19  ? 12.767  24.754  15.267  1.00 30.00 ? 19  ASP A CB    1 
ATOM 116  C CG    . ASP A 1 19  ? 13.783  23.634  15.652  1.00 30.00 ? 19  ASP A CG    1 
ATOM 117  O OD1   . ASP A 1 19  ? 13.523  22.421  15.474  1.00 30.00 ? 19  ASP A OD1   1 
ATOM 118  O OD2   . ASP A 1 19  ? 14.844  23.973  16.183  1.00 30.00 ? 19  ASP A OD2   1 
ATOM 119  N N     . SER A 1 20  ? 9.629   25.452  14.986  1.00 30.00 ? 20  SER A N     1 
ATOM 120  C CA    . SER A 1 20  ? 8.628   26.554  15.112  1.00 30.00 ? 20  SER A CA    1 
ATOM 121  C C     . SER A 1 20  ? 7.830   26.917  13.829  1.00 30.00 ? 20  SER A C     1 
ATOM 122  O O     . SER A 1 20  ? 7.698   28.091  13.396  1.00 30.00 ? 20  SER A O     1 
ATOM 123  C CB    . SER A 1 20  ? 9.245   27.771  15.780  1.00 30.00 ? 20  SER A CB    1 
ATOM 124  O OG    . SER A 1 20  ? 8.248   28.638  16.300  1.00 30.00 ? 20  SER A OG    1 
ATOM 125  N N     . VAL A 1 21  ? 7.291   25.884  13.201  1.00 30.00 ? 21  VAL A N     1 
ATOM 126  C CA    . VAL A 1 21  ? 6.316   26.077  12.099  1.00 30.00 ? 21  VAL A CA    1 
ATOM 127  C C     . VAL A 1 21  ? 4.957   26.538  12.613  1.00 30.00 ? 21  VAL A C     1 
ATOM 128  O O     . VAL A 1 21  ? 4.606   26.257  13.763  1.00 30.00 ? 21  VAL A O     1 
ATOM 129  C CB    . VAL A 1 21  ? 6.158   24.768  11.312  1.00 30.00 ? 21  VAL A CB    1 
ATOM 130  C CG1   . VAL A 1 21  ? 7.444   24.413  10.586  1.00 30.00 ? 21  VAL A CG1   1 
ATOM 131  C CG2   . VAL A 1 21  ? 5.747   23.553  12.182  1.00 30.00 ? 21  VAL A CG2   1 
ATOM 132  N N     . ASP A 1 22  ? 4.158   27.201  11.745  1.00 30.00 ? 22  ASP A N     1 
ATOM 133  C CA    . ASP A 1 22  ? 2.734   27.405  11.961  1.00 30.00 ? 22  ASP A CA    1 
ATOM 134  C C     . ASP A 1 22  ? 2.016   26.081  11.693  1.00 30.00 ? 22  ASP A C     1 
ATOM 135  O O     . ASP A 1 22  ? 2.023   25.641  10.546  1.00 30.00 ? 22  ASP A O     1 
ATOM 136  C CB    . ASP A 1 22  ? 2.227   28.562  11.028  1.00 30.00 ? 22  ASP A CB    1 
ATOM 137  C CG    . ASP A 1 22  ? 0.738   28.852  11.115  1.00 30.00 ? 22  ASP A CG    1 
ATOM 138  O OD1   . ASP A 1 22  ? 0.076   28.276  12.009  1.00 30.00 ? 22  ASP A OD1   1 
ATOM 139  O OD2   . ASP A 1 22  ? 0.224   29.681  10.289  1.00 30.00 ? 22  ASP A OD2   1 
ATOM 140  N N     . PRO A 1 23  ? 1.420   25.399  12.696  1.00 30.00 ? 23  PRO A N     1 
ATOM 141  C CA    . PRO A 1 23  ? 0.936   24.038  12.533  1.00 30.00 ? 23  PRO A CA    1 
ATOM 142  C C     . PRO A 1 23  ? -0.282  23.962  11.630  1.00 30.00 ? 23  PRO A C     1 
ATOM 143  O O     . PRO A 1 23  ? -0.397  22.968  10.939  1.00 30.00 ? 23  PRO A O     1 
ATOM 144  C CB    . PRO A 1 23  ? 0.672   23.504  13.954  1.00 30.00 ? 23  PRO A CB    1 
ATOM 145  C CG    . PRO A 1 23  ? 0.370   24.775  14.734  1.00 30.00 ? 23  PRO A CG    1 
ATOM 146  C CD    . PRO A 1 23  ? 1.291   25.799  14.081  1.00 30.00 ? 23  PRO A CD    1 
ATOM 147  N N     . GLN A 1 24  ? -1.194  24.957  11.574  1.00 30.00 ? 24  GLN A N     1 
ATOM 148  C CA    . GLN A 1 24  ? -2.477  24.811  10.901  1.00 30.00 ? 24  GLN A CA    1 
ATOM 149  C C     . GLN A 1 24  ? -2.363  24.558  9.387   1.00 30.00 ? 24  GLN A C     1 
ATOM 150  O O     . GLN A 1 24  ? -2.994  23.664  8.850   1.00 30.00 ? 24  GLN A O     1 
ATOM 151  C CB    . GLN A 1 24  ? -3.342  26.073  11.176  1.00 30.00 ? 24  GLN A CB    1 
ATOM 152  C CG    . GLN A 1 24  ? -4.682  26.136  10.437  1.00 30.00 ? 24  GLN A CG    1 
ATOM 153  C CD    . GLN A 1 24  ? -5.572  24.940  10.745  1.00 30.00 ? 24  GLN A CD    1 
ATOM 154  O OE1   . GLN A 1 24  ? -5.415  24.184  11.726  1.00 30.00 ? 24  GLN A OE1   1 
ATOM 155  N NE2   . GLN A 1 24  ? -6.558  24.741  9.915   1.00 30.00 ? 24  GLN A NE2   1 
ATOM 156  N N     . GLU A 1 25  ? -1.515  25.313  8.690   1.00 30.00 ? 25  GLU A N     1 
ATOM 157  C CA    . GLU A 1 25  ? -1.301  25.110  7.252   1.00 30.00 ? 25  GLU A CA    1 
ATOM 158  C C     . GLU A 1 25  ? -0.541  23.811  6.968   1.00 30.00 ? 25  GLU A C     1 
ATOM 159  O O     . GLU A 1 25  ? -0.803  23.125  5.984   1.00 30.00 ? 25  GLU A O     1 
ATOM 160  C CB    . GLU A 1 25  ? -0.536  26.300  6.658   1.00 30.00 ? 25  GLU A CB    1 
ATOM 161  C CG    . GLU A 1 25  ? -1.234  27.658  6.836   1.00 30.00 ? 25  GLU A CG    1 
ATOM 162  C CD    . GLU A 1 25  ? -2.664  27.717  6.268   1.00 30.00 ? 25  GLU A CD    1 
ATOM 163  O OE1   . GLU A 1 25  ? -3.001  26.935  5.352   1.00 30.00 ? 25  GLU A OE1   1 
ATOM 164  O OE2   . GLU A 1 25  ? -3.455  28.573  6.724   1.00 30.00 ? 25  GLU A OE2   1 
ATOM 165  N N     . LEU A 1 26  ? 0.379   23.433  7.862   1.00 30.00 ? 26  LEU A N     1 
ATOM 166  C CA    . LEU A 1 26  ? 1.116   22.182  7.750   1.00 30.00 ? 26  LEU A CA    1 
ATOM 167  C C     . LEU A 1 26  ? 0.217   20.966  8.001   1.00 30.00 ? 26  LEU A C     1 
ATOM 168  O O     . LEU A 1 26  ? 0.248   20.030  7.210   1.00 30.00 ? 26  LEU A O     1 
ATOM 169  C CB    . LEU A 1 26  ? 2.330   22.210  8.692   1.00 30.00 ? 26  LEU A CB    1 
ATOM 170  C CG    . LEU A 1 26  ? 3.193   20.940  8.597   1.00 30.00 ? 26  LEU A CG    1 
ATOM 171  C CD1   . LEU A 1 26  ? 3.693   20.698  7.175   1.00 30.00 ? 26  LEU A CD1   1 
ATOM 172  C CD2   . LEU A 1 26  ? 4.408   21.065  9.504   1.00 30.00 ? 26  LEU A CD2   1 
ATOM 173  N N     . ILE A 1 27  ? -0.601  21.000  9.047   1.00 30.00 ? 27  ILE A N     1 
ATOM 174  C CA    . ILE A 1 27  ? -1.532  19.905  9.304   1.00 30.00 ? 27  ILE A CA    1 
ATOM 175  C C     . ILE A 1 27  ? -2.409  19.708  8.085   1.00 30.00 ? 27  ILE A C     1 
ATOM 176  O O     . ILE A 1 27  ? -2.565  18.593  7.603   1.00 30.00 ? 27  ILE A O     1 
ATOM 177  C CB    . ILE A 1 27  ? -2.431  20.183  10.520  1.00 30.00 ? 27  ILE A CB    1 
ATOM 178  C CG1   . ILE A 1 27  ? -1.633  20.114  11.817  1.00 30.00 ? 27  ILE A CG1   1 
ATOM 179  C CG2   . ILE A 1 27  ? -3.579  19.192  10.589  1.00 30.00 ? 27  ILE A CG2   1 
ATOM 180  C CD1   . ILE A 1 27  ? -2.292  20.862  12.954  1.00 30.00 ? 27  ILE A CD1   1 
ATOM 181  N N     . THR A 1 28  ? -2.977  20.794  7.576   1.00 30.00 ? 28  THR A N     1 
ATOM 182  C CA    . THR A 1 28  ? -3.861  20.695  6.426   1.00 30.00 ? 28  THR A CA    1 
ATOM 183  C C     . THR A 1 28  ? -3.124  20.105  5.240   1.00 30.00 ? 28  THR A C     1 
ATOM 184  O O     . THR A 1 28  ? -3.655  19.248  4.541   1.00 30.00 ? 28  THR A O     1 
ATOM 185  C CB    . THR A 1 28  ? -4.440  22.061  6.042   1.00 30.00 ? 28  THR A CB    1 
ATOM 186  O OG1   . THR A 1 28  ? -4.985  22.691  7.207   1.00 30.00 ? 28  THR A OG1   1 
ATOM 187  C CG2   . THR A 1 28  ? -5.540  21.906  5.007   1.00 30.00 ? 28  THR A CG2   1 
ATOM 188  N N     . THR A 1 29  ? -1.896  20.552  5.013   1.00 30.00 ? 29  THR A N     1 
ATOM 189  C CA    . THR A 1 29  ? -1.115  20.038  3.903   1.00 30.00 ? 29  THR A CA    1 
ATOM 190  C C     . THR A 1 29  ? -0.896  18.557  4.091   1.00 30.00 ? 29  THR A C     1 
ATOM 191  O O     . THR A 1 29  ? -1.134  17.777  3.177   1.00 30.00 ? 29  THR A O     1 
ATOM 192  C CB    . THR A 1 29  ? 0.245   20.738  3.790   1.00 30.00 ? 29  THR A CB    1 
ATOM 193  O OG1   . THR A 1 29  ? 0.042   22.108  3.424   1.00 30.00 ? 29  THR A OG1   1 
ATOM 194  C CG2   . THR A 1 29  ? 1.119   20.070  2.742   1.00 30.00 ? 29  THR A CG2   1 
ATOM 195  N N     . LEU A 1 30  ? -0.478  18.153  5.280   1.00 30.00 ? 30  LEU A N     1 
ATOM 196  C CA    . LEU A 1 30  ? -0.158  16.745  5.502   1.00 30.00 ? 30  LEU A CA    1 
ATOM 197  C C     . LEU A 1 30  ? -1.391  15.860  5.439   1.00 30.00 ? 30  LEU A C     1 
ATOM 198  O O     . LEU A 1 30  ? -1.313  14.728  4.982   1.00 30.00 ? 30  LEU A O     1 
ATOM 199  C CB    . LEU A 1 30  ? 0.564   16.553  6.830   1.00 30.00 ? 30  LEU A CB    1 
ATOM 200  C CG    . LEU A 1 30  ? 2.012   17.025  6.876   1.00 30.00 ? 30  LEU A CG    1 
ATOM 201  C CD1   . LEU A 1 30  ? 2.548   16.926  8.294   1.00 30.00 ? 30  LEU A CD1   1 
ATOM 202  C CD2   . LEU A 1 30  ? 2.868   16.215  5.917   1.00 30.00 ? 30  LEU A CD2   1 
ATOM 203  N N     . ARG A 1 31  ? -2.528  16.324  5.959   1.00 30.00 ? 31  ARG A N     1 
ATOM 204  C CA    . ARG A 1 31  ? -3.763  15.542  5.987   1.00 30.00 ? 31  ARG A CA    1 
ATOM 205  C C     . ARG A 1 31  ? -4.198  15.227  4.563   1.00 30.00 ? 31  ARG A C     1 
ATOM 206  O O     . ARG A 1 31  ? -4.419  14.066  4.265   1.00 30.00 ? 31  ARG A O     1 
ATOM 207  C CB    . ARG A 1 31  ? -4.828  16.270  6.818   1.00 30.00 ? 31  ARG A CB    1 
ATOM 208  C CG    . ARG A 1 31  ? -6.077  15.404  7.039   1.00 30.00 ? 31  ARG A CG    1 
ATOM 209  C CD    . ARG A 1 31  ? -7.043  16.024  8.057   1.00 30.00 ? 31  ARG A CD    1 
ATOM 210  N NE    . ARG A 1 31  ? -7.571  17.305  7.561   1.00 30.00 ? 31  ARG A NE    1 
ATOM 211  C CZ    . ARG A 1 31  ? -7.484  18.474  8.162   1.00 30.00 ? 31  ARG A CZ    1 
ATOM 212  N NH1   . ARG A 1 31  ? -7.738  19.557  7.488   1.00 30.00 ? 31  ARG A NH1   1 
ATOM 213  N NH2   . ARG A 1 31  ? -7.141  18.619  9.405   1.00 30.00 ? 31  ARG A NH2   1 
ATOM 214  N N     . GLN A 1 32  ? -4.177  16.217  3.671   1.00 30.00 ? 32  GLN A N     1 
ATOM 215  C CA    . GLN A 1 32  ? -4.478  16.063  2.242   1.00 30.00 ? 32  GLN A CA    1 
ATOM 216  C C     . GLN A 1 32  ? -3.418  15.295  1.430   1.00 30.00 ? 32  GLN A C     1 
ATOM 217  O O     . GLN A 1 32  ? -3.646  14.994  0.259   1.00 30.00 ? 32  GLN A O     1 
ATOM 218  C CB    . GLN A 1 32  ? -4.681  17.455  1.634   1.00 30.00 ? 32  GLN A CB    1 
ATOM 219  C CG    . GLN A 1 32  ? -5.929  18.143  2.198   1.00 30.00 ? 32  GLN A CG    1 
ATOM 220  C CD    . GLN A 1 32  ? -6.107  19.556  1.666   1.00 30.00 ? 32  GLN A CD    1 
ATOM 221  O OE1   . GLN A 1 32  ? -5.180  20.268  1.333   1.00 30.00 ? 32  GLN A OE1   1 
ATOM 222  N NE2   . GLN A 1 32  ? -7.322  20.042  1.575   1.00 30.00 ? 32  GLN A NE2   1 
ATOM 223  N N     . THR A 1 33  ? -2.262  14.978  2.017   1.00 30.00 ? 33  THR A N     1 
ATOM 224  C CA    . THR A 1 33  ? -1.209  14.180  1.368   1.00 30.00 ? 33  THR A CA    1 
ATOM 225  C C     . THR A 1 33  ? -1.475  12.678  1.508   1.00 30.00 ? 33  THR A C     1 
ATOM 226  O O     . THR A 1 33  ? -1.536  11.973  0.497   1.00 30.00 ? 33  THR A O     1 
ATOM 227  C CB    . THR A 1 33  ? 0.172   14.569  1.907   1.00 30.00 ? 33  THR A CB    1 
ATOM 228  O OG1   . THR A 1 33  ? 0.433   15.912  1.596   1.00 30.00 ? 33  THR A OG1   1 
ATOM 229  C CG2   . THR A 1 33  ? 1.312   13.761  1.297   1.00 30.00 ? 33  THR A CG2   1 
ATOM 230  N N     . ALA A 1 34  ? -1.675  12.230  2.752   1.00 30.00 ? 34  ALA A N     1 
ATOM 231  C CA    . ALA A 1 34  ? -1.975  10.846  3.094   1.00 30.00 ? 34  ALA A CA    1 
ATOM 232  C C     . ALA A 1 34  ? -3.433  10.479  2.789   1.00 30.00 ? 34  ALA A C     1 
ATOM 233  O O     . ALA A 1 34  ? -3.684  9.576   1.993   1.00 30.00 ? 34  ALA A O     1 
ATOM 234  C CB    . ALA A 1 34  ? -1.623  10.639  4.570   1.00 30.00 ? 34  ALA A CB    1 
ATOM 235  N N     . PHE A 1 35  ? -4.392  11.208  3.361   1.00 30.00 ? 35  PHE A N     1 
ATOM 236  C CA    . PHE A 1 35  ? -5.781  11.178  2.920   1.00 30.00 ? 35  PHE A CA    1 
ATOM 237  C C     . PHE A 1 35  ? -5.946  12.160  1.774   1.00 30.00 ? 35  PHE A C     1 
ATOM 238  O O     . PHE A 1 35  ? -6.214  13.337  1.990   1.00 30.00 ? 35  PHE A O     1 
ATOM 239  C CB    . PHE A 1 35  ? -6.728  11.548  4.068   1.00 30.00 ? 35  PHE A CB    1 
ATOM 240  C CG    . PHE A 1 35  ? -7.298  10.355  4.776   1.00 30.00 ? 35  PHE A CG    1 
ATOM 241  C CD1   . PHE A 1 35  ? -8.361  9.648   4.189   1.00 30.00 ? 35  PHE A CD1   1 
ATOM 242  C CD2   . PHE A 1 35  ? -6.800  9.974   6.026   1.00 30.00 ? 35  PHE A CD2   1 
ATOM 243  C CE1   . PHE A 1 35  ? -8.927  8.553   4.856   1.00 30.00 ? 35  PHE A CE1   1 
ATOM 244  C CE2   . PHE A 1 35  ? -7.375  8.886   6.693   1.00 30.00 ? 35  PHE A CE2   1 
ATOM 245  C CZ    . PHE A 1 35  ? -8.429  8.171   6.109   1.00 30.00 ? 35  PHE A CZ    1 
ATOM 246  N N     . LYS A 1 36  ? -5.826  11.696  0.533   1.00 30.00 ? 36  LYS A N     1 
ATOM 247  C CA    . LYS A 1 36  ? -6.325  12.518  -0.567  1.00 30.00 ? 36  LYS A CA    1 
ATOM 248  C C     . LYS A 1 36  ? -7.849  12.635  -0.409  1.00 30.00 ? 36  LYS A C     1 
ATOM 249  O O     . LYS A 1 36  ? -8.522  11.636  -0.186  1.00 30.00 ? 36  LYS A O     1 
ATOM 250  C CB    . LYS A 1 36  ? -5.830  11.972  -1.913  1.00 30.00 ? 36  LYS A CB    1 
ATOM 251  C CG    . LYS A 1 36  ? -5.970  13.039  -3.008  1.00 30.00 ? 36  LYS A CG    1 
ATOM 252  C CD    . LYS A 1 36  ? -5.121  12.730  -4.252  1.00 30.00 ? 36  LYS A CD    1 
ATOM 253  C CE    . LYS A 1 36  ? -5.244  13.887  -5.257  1.00 30.00 ? 36  LYS A CE    1 
ATOM 254  N NZ    . LYS A 1 36  ? -4.249  13.790  -6.358  1.00 30.00 ? 36  LYS A NZ    1 
ATOM 255  N N     . GLY A 1 37  ? -8.384  13.845  -0.548  1.00 30.00 ? 37  GLY A N     1 
ATOM 256  C CA    . GLY A 1 37  ? -9.802  14.116  -0.412  1.00 30.00 ? 37  GLY A CA    1 
ATOM 257  C C     . GLY A 1 37  ? -10.190 14.467  1.010   1.00 30.00 ? 37  GLY A C     1 
ATOM 258  O O     . GLY A 1 37  ? -9.332  14.567  1.886   1.00 30.00 ? 37  GLY A O     1 
ATOM 259  N N     . ASP A 1 38  ? -11.470 14.727  1.254   1.00 30.00 ? 38  ASP A N     1 
ATOM 260  C CA    . ASP A 1 38  ? -11.952 15.125  2.577   1.00 30.00 ? 38  ASP A CA    1 
ATOM 261  C C     . ASP A 1 38  ? -11.811 14.006  3.615   1.00 30.00 ? 38  ASP A C     1 
ATOM 262  O O     . ASP A 1 38  ? -12.113 12.844  3.345   1.00 30.00 ? 38  ASP A O     1 
ATOM 263  C CB    . ASP A 1 38  ? -13.394 15.623  2.479   1.00 30.00 ? 38  ASP A CB    1 
ATOM 264  C CG    . ASP A 1 38  ? -13.506 16.704  1.405   1.00 30.00 ? 38  ASP A CG    1 
ATOM 265  O OD1   . ASP A 1 38  ? -13.682 16.324  0.225   1.00 30.00 ? 38  ASP A OD1   1 
ATOM 266  O OD2   . ASP A 1 38  ? -13.324 17.886  1.773   1.00 30.00 ? 38  ASP A OD2   1 
ATOM 267  N N     . ALA A 1 39  ? -11.378 14.359  4.827   1.00 30.00 ? 39  ALA A N     1 
ATOM 268  C CA    . ALA A 1 39  ? -11.151 13.387  5.886   1.00 30.00 ? 39  ALA A CA    1 
ATOM 269  C C     . ALA A 1 39  ? -11.173 14.002  7.266   1.00 30.00 ? 39  ALA A C     1 
ATOM 270  O O     . ALA A 1 39  ? -10.302 14.804  7.593   1.00 30.00 ? 39  ALA A O     1 
ATOM 271  C CB    . ALA A 1 39  ? -9.826  12.683  5.676   1.00 30.00 ? 39  ALA A CB    1 
ATOM 272  N N     . SER A 1 40  ? -12.158 13.641  8.082   1.00 30.00 ? 40  SER A N     1 
ATOM 273  C CA    . SER A 1 40  ? -12.179 14.101  9.475   1.00 30.00 ? 40  SER A CA    1 
ATOM 274  C C     . SER A 1 40  ? -10.827 13.862  10.154  1.00 30.00 ? 40  SER A C     1 
ATOM 275  O O     . SER A 1 40  ? -10.147 12.876  9.871   1.00 30.00 ? 40  SER A O     1 
ATOM 276  C CB    . SER A 1 40  ? -13.285 13.371  10.240  1.00 30.00 ? 40  SER A CB    1 
ATOM 277  O OG    . SER A 1 40  ? -13.287 13.733  11.608  1.00 30.00 ? 40  SER A OG    1 
ATOM 278  N N     . ASP A 1 41  ? -10.465 14.691  11.131  1.00 30.00 ? 41  ASP A N     1 
ATOM 279  C CA    . ASP A 1 41  ? -9.281  14.444  11.957  1.00 30.00 ? 41  ASP A CA    1 
ATOM 280  C C     . ASP A 1 41  ? -9.354  13.088  12.676  1.00 30.00 ? 41  ASP A C     1 
ATOM 281  O O     . ASP A 1 41  ? -8.349  12.392  12.778  1.00 30.00 ? 41  ASP A O     1 
ATOM 282  C CB    . ASP A 1 41  ? -9.094  15.579  12.966  1.00 30.00 ? 41  ASP A CB    1 
ATOM 283  C CG    . ASP A 1 41  ? -8.845  16.943  12.309  1.00 30.00 ? 41  ASP A CG    1 
ATOM 284  O OD1   . ASP A 1 41  ? -8.391  17.001  11.144  1.00 30.00 ? 41  ASP A OD1   1 
ATOM 285  O OD2   . ASP A 1 41  ? -9.107  17.965  12.982  1.00 30.00 ? 41  ASP A OD2   1 
ATOM 286  N N     . ALA A 1 42  ? -10.545 12.640  13.086  1.00 30.00 ? 42  ALA A N     1 
ATOM 287  C CA    . ALA A 1 42  ? -10.724 11.310  13.661  1.00 30.00 ? 42  ALA A CA    1 
ATOM 288  C C     . ALA A 1 42  ? -10.388 10.184  12.667  1.00 30.00 ? 42  ALA A C     1 
ATOM 289  O O     . ALA A 1 42  ? -9.810  9.169   13.049  1.00 30.00 ? 42  ALA A O     1 
ATOM 290  C CB    . ALA A 1 42  ? -12.164 11.201  14.155  1.00 30.00 ? 42  ALA A CB    1 
ATOM 291  N N     . GLN A 1 43  ? -10.683 10.369  11.377  1.00 30.00 ? 43  GLN A N     1 
ATOM 292  C CA    . GLN A 1 43  ? -10.283 9.427   10.332  1.00 30.00 ? 43  GLN A CA    1 
ATOM 293  C C     . GLN A 1 43  ? -8.777  9.498   10.064  1.00 30.00 ? 43  GLN A C     1 
ATOM 294  O O     . GLN A 1 43  ? -8.137  8.467   9.880   1.00 30.00 ? 43  GLN A O     1 
ATOM 295  C CB    . GLN A 1 43  ? -11.083 9.690   9.050   1.00 30.00 ? 43  GLN A CB    1 
ATOM 296  C CG    . GLN A 1 43  ? -12.567 9.342   9.226   1.00 30.00 ? 43  GLN A CG    1 
ATOM 297  C CD    . GLN A 1 43  ? -13.409 9.819   8.053   1.00 30.00 ? 43  GLN A CD    1 
ATOM 298  O OE1   . GLN A 1 43  ? -13.433 10.991  7.716   1.00 30.00 ? 43  GLN A OE1   1 
ATOM 299  N NE2   . GLN A 1 43  ? -14.137 8.946   7.395   1.00 30.00 ? 43  GLN A NE2   1 
ATOM 300  N N     . PHE A 1 44  ? -8.184  10.691  10.100  1.00 30.00 ? 44  PHE A N     1 
ATOM 301  C CA    . PHE A 1 44  ? -6.746  10.862  9.912   1.00 30.00 ? 44  PHE A CA    1 
ATOM 302  C C     . PHE A 1 44  ? -5.932  10.193  11.027  1.00 30.00 ? 44  PHE A C     1 
ATOM 303  O O     . PHE A 1 44  ? -5.026  9.413   10.741  1.00 30.00 ? 44  PHE A O     1 
ATOM 304  C CB    . PHE A 1 44  ? -6.442  12.354  9.766   1.00 30.00 ? 44  PHE A CB    1 
ATOM 305  C CG    . PHE A 1 44  ? -4.985  12.736  9.579   1.00 30.00 ? 44  PHE A CG    1 
ATOM 306  C CD1   . PHE A 1 44  ? -4.091  11.928  8.848   1.00 30.00 ? 44  PHE A CD1   1 
ATOM 307  C CD2   . PHE A 1 44  ? -4.529  13.951  10.119  1.00 30.00 ? 44  PHE A CD2   1 
ATOM 308  C CE1   . PHE A 1 44  ? -2.749  12.318  8.696   1.00 30.00 ? 44  PHE A CE1   1 
ATOM 309  C CE2   . PHE A 1 44  ? -3.191  14.343  9.961   1.00 30.00 ? 44  PHE A CE2   1 
ATOM 310  C CZ    . PHE A 1 44  ? -2.298  13.519  9.262   1.00 30.00 ? 44  PHE A CZ    1 
ATOM 311  N N     . ILE A 1 45  ? -6.284  10.392  12.298  1.00 30.00 ? 45  ILE A N     1 
ATOM 312  C CA    . ILE A 1 45  ? -5.585  9.719   13.403  1.00 30.00 ? 45  ILE A CA    1 
ATOM 313  C C     . ILE A 1 45  ? -5.854  8.207   13.426  1.00 30.00 ? 45  ILE A C     1 
ATOM 314  O O     . ILE A 1 45  ? -4.974  7.443   13.818  1.00 30.00 ? 45  ILE A O     1 
ATOM 315  C CB    . ILE A 1 45  ? -5.857  10.397  14.759  1.00 30.00 ? 45  ILE A CB    1 
ATOM 316  C CG1   . ILE A 1 45  ? -7.275  10.111  15.270  1.00 30.00 ? 45  ILE A CG1   1 
ATOM 317  C CG2   . ILE A 1 45  ? -5.572  11.904  14.675  1.00 30.00 ? 45  ILE A CG2   1 
ATOM 318  C CD1   . ILE A 1 45  ? -7.681  10.900  16.517  1.00 30.00 ? 45  ILE A CD1   1 
ATOM 319  N N     . ALA A 1 46  ? -7.012  7.742   12.944  1.00 30.00 ? 46  ALA A N     1 
ATOM 320  C CA    . ALA A 1 46  ? -7.261  6.314   12.769  1.00 30.00 ? 46  ALA A CA    1 
ATOM 321  C C     . ALA A 1 46  ? -6.319  5.684   11.727  1.00 30.00 ? 46  ALA A C     1 
ATOM 322  O O     . ALA A 1 46  ? -5.756  4.621   11.981  1.00 30.00 ? 46  ALA A O     1 
ATOM 323  C CB    . ALA A 1 46  ? -8.735  6.095   12.425  1.00 30.00 ? 46  ALA A CB    1 
ATOM 324  N N     . LEU A 1 47  ? -6.065  6.343   10.590  1.00 30.00 ? 47  LEU A N     1 
ATOM 325  C CA    . LEU A 1 47  ? -5.083  5.865   9.607   1.00 30.00 ? 47  LEU A CA    1 
ATOM 326  C C     . LEU A 1 47  ? -3.686  5.729   10.217  1.00 30.00 ? 47  LEU A C     1 
ATOM 327  O O     . LEU A 1 47  ? -3.036  4.706   10.015  1.00 30.00 ? 47  LEU A O     1 
ATOM 328  C CB    . LEU A 1 47  ? -5.082  6.795   8.383   1.00 30.00 ? 47  LEU A CB    1 
ATOM 329  C CG    . LEU A 1 47  ? -3.923  6.577   7.392   1.00 30.00 ? 47  LEU A CG    1 
ATOM 330  C CD1   . LEU A 1 47  ? -3.900  5.172   6.799   1.00 30.00 ? 47  LEU A CD1   1 
ATOM 331  C CD2   . LEU A 1 47  ? -4.044  7.566   6.237   1.00 30.00 ? 47  LEU A CD2   1 
ATOM 332  N N     . LEU A 1 48  ? -3.225  6.707   10.998  1.00 30.00 ? 48  LEU A N     1 
ATOM 333  C CA    . LEU A 1 48  ? -1.930  6.601   11.660  1.00 30.00 ? 48  LEU A CA    1 
ATOM 334  C C     . LEU A 1 48  ? -1.802  5.337   12.577  1.00 30.00 ? 48  LEU A C     1 
ATOM 335  O O     . LEU A 1 48  ? -0.806  4.604   12.503  1.00 30.00 ? 48  LEU A O     1 
ATOM 336  C CB    . LEU A 1 48  ? -1.663  7.893   12.435  1.00 30.00 ? 48  LEU A CB    1 
ATOM 337  C CG    . LEU A 1 48  ? -0.888  8.989   11.681  1.00 30.00 ? 48  LEU A CG    1 
ATOM 338  C CD1   . LEU A 1 48  ? 0.529   8.522   11.401  1.00 30.00 ? 48  LEU A CD1   1 
ATOM 339  C CD2   . LEU A 1 48  ? -1.530  9.467   10.369  1.00 30.00 ? 48  LEU A CD2   1 
ATOM 340  N N     . ILE A 1 49  ? -2.791  5.036   13.416  1.00 30.00 ? 49  ILE A N     1 
ATOM 341  C CA    . ILE A 1 49  ? -2.696  3.842   14.326  1.00 30.00 ? 49  ILE A CA    1 
ATOM 342  C C     . ILE A 1 49  ? -2.842  2.514   13.603  1.00 30.00 ? 49  ILE A C     1 
ATOM 343  O O     . ILE A 1 49  ? -2.140  1.534   13.932  1.00 30.00 ? 49  ILE A O     1 
ATOM 344  C CB    . ILE A 1 49  ? -3.617  3.933   15.550  1.00 30.00 ? 49  ILE A CB    1 
ATOM 345  C CG1   . ILE A 1 49  ? -5.093  3.899   15.165  1.00 30.00 ? 49  ILE A CG1   1 
ATOM 346  C CG2   . ILE A 1 49  ? -3.320  5.224   16.322  1.00 30.00 ? 49  ILE A CG2   1 
ATOM 347  C CD1   . ILE A 1 49  ? -6.013  3.943   16.383  1.00 30.00 ? 49  ILE A CD1   1 
ATOM 348  N N     . VAL A 1 50  ? -3.701  2.459   12.580  1.00 30.00 ? 50  VAL A N     1 
ATOM 349  C CA    . VAL A 1 50  ? -3.869  1.266   11.742  1.00 30.00 ? 50  VAL A CA    1 
ATOM 350  C C     . VAL A 1 50  ? -2.608  0.980   10.933  1.00 30.00 ? 50  VAL A C     1 
ATOM 351  O O     . VAL A 1 50  ? -2.150  -0.158  10.920  1.00 30.00 ? 50  VAL A O     1 
ATOM 352  C CB    . VAL A 1 50  ? -5.106  1.394   10.844  1.00 30.00 ? 50  VAL A CB    1 
ATOM 353  C CG1   . VAL A 1 50  ? -5.183  0.273   9.809   1.00 30.00 ? 50  VAL A CG1   1 
ATOM 354  C CG2   . VAL A 1 50  ? -6.382  1.316   11.685  1.00 30.00 ? 50  VAL A CG2   1 
ATOM 355  N N     . ALA A 1 51  ? -1.979  1.985   10.317  1.00 30.00 ? 51  ALA A N     1 
ATOM 356  C CA    . ALA A 1 51  ? -0.743  1.782   9.586   1.00 30.00 ? 51  ALA A CA    1 
ATOM 357  C C     . ALA A 1 51  ? 0.370   1.215   10.495  1.00 30.00 ? 51  ALA A C     1 
ATOM 358  O O     . ALA A 1 51  ? 1.103   0.297   10.110  1.00 30.00 ? 51  ALA A O     1 
ATOM 359  C CB    . ALA A 1 51  ? -0.390  3.120   8.900   1.00 30.00 ? 51  ALA A CB    1 
ATOM 360  N N     . ASN A 1 52  ? 0.443   1.670   11.743  1.00 30.00 ? 52  ASN A N     1 
ATOM 361  C CA    . ASN A 1 52  ? 1.354   1.069   12.739  1.00 30.00 ? 52  ASN A CA    1 
ATOM 362  C C     . ASN A 1 52  ? 1.052   -0.412  13.086  1.00 30.00 ? 52  ASN A C     1 
ATOM 363  O O     . ASN A 1 52  ? 1.962   -1.228  13.325  1.00 30.00 ? 52  ASN A O     1 
ATOM 364  C CB    . ASN A 1 52  ? 1.324   1.931   13.983  1.00 30.00 ? 52  ASN A CB    1 
ATOM 365  C CG    . ASN A 1 52  ? 2.243   1.341   15.054  1.00 30.00 ? 52  ASN A CG    1 
ATOM 366  O OD1   . ASN A 1 52  ? 3.438   1.300   14.887  1.00 30.00 ? 52  ASN A OD1   1 
ATOM 367  N ND2   . ASN A 1 52  ? 1.745   0.849   16.166  1.00 30.00 ? 52  ASN A ND2   1 
ATOM 368  N N     . GLN A 1 53  ? -0.208  -0.783  13.075  1.00 30.00 ? 53  GLN A N     1 
ATOM 369  C CA    . GLN A 1 53  ? -0.608  -2.180  13.346  1.00 30.00 ? 53  GLN A CA    1 
ATOM 370  C C     . GLN A 1 53  ? -0.161  -3.132  12.237  1.00 30.00 ? 53  GLN A C     1 
ATOM 371  O O     . GLN A 1 53  ? 0.356   -4.237  12.531  1.00 30.00 ? 53  GLN A O     1 
ATOM 372  C CB    . GLN A 1 53  ? -2.116  -2.186  13.524  1.00 30.00 ? 53  GLN A CB    1 
ATOM 373  C CG    . GLN A 1 53  ? -2.514  -3.304  14.516  1.00 30.00 ? 53  GLN A CG    1 
ATOM 374  C CD    . GLN A 1 53  ? -2.109  -3.026  15.951  1.00 30.00 ? 53  GLN A CD    1 
ATOM 375  O OE1   . GLN A 1 53  ? -2.078  -1.884  16.391  1.00 30.00 ? 53  GLN A OE1   1 
ATOM 376  N NE2   . GLN A 1 53  ? -1.773  -4.055  16.745  1.00 30.00 ? 53  GLN A NE2   1 
ATOM 377  N N     . TYR A 1 54  ? -0.281  -2.688  10.962  1.00 30.00 ? 54  TYR A N     1 
ATOM 378  C CA    . TYR A 1 54  ? 0.296   -3.426  9.833   1.00 30.00 ? 54  TYR A CA    1 
ATOM 379  C C     . TYR A 1 54  ? 1.814   -3.410  9.805   1.00 30.00 ? 54  TYR A C     1 
ATOM 380  O O     . TYR A 1 54  ? 2.425   -4.287  9.196   1.00 30.00 ? 54  TYR A O     1 
ATOM 381  C CB    . TYR A 1 54  ? -0.231  -2.794  8.514   1.00 30.00 ? 54  TYR A CB    1 
ATOM 382  C CG    . TYR A 1 54  ? -1.577  -3.257  8.083   1.00 30.00 ? 54  TYR A CG    1 
ATOM 383  C CD1   . TYR A 1 54  ? -2.729  -2.589  8.513   1.00 30.00 ? 54  TYR A CD1   1 
ATOM 384  C CD2   . TYR A 1 54  ? -1.669  -4.312  7.179   1.00 30.00 ? 54  TYR A CD2   1 
ATOM 385  C CE1   . TYR A 1 54  ? -3.970  -2.946  8.026   1.00 30.00 ? 54  TYR A CE1   1 
ATOM 386  C CE2   . TYR A 1 54  ? -2.907  -4.672  6.687   1.00 30.00 ? 54  TYR A CE2   1 
ATOM 387  C CZ    . TYR A 1 54  ? -4.059  -3.982  7.097   1.00 30.00 ? 54  TYR A CZ    1 
ATOM 388  O OH    . TYR A 1 54  ? -5.248  -4.323  6.591   1.00 30.00 ? 54  TYR A OH    1 
ATOM 389  N N     . GLY A 1 55  ? 2.435   -2.425  10.421  1.00 30.00 ? 55  GLY A N     1 
ATOM 390  C CA    . GLY A 1 55  ? 3.870   -2.251  10.366  1.00 30.00 ? 55  GLY A CA    1 
ATOM 391  C C     . GLY A 1 55  ? 4.344   -1.541  9.080   1.00 30.00 ? 55  GLY A C     1 
ATOM 392  O O     . GLY A 1 55  ? 5.443   -1.830  8.639   1.00 30.00 ? 55  GLY A O     1 
ATOM 393  N N     . LEU A 1 56  ? 3.548   -0.621  8.517   1.00 30.00 ? 56  LEU A N     1 
ATOM 394  C CA    . LEU A 1 56  ? 3.771   0.048   7.226   1.00 30.00 ? 56  LEU A CA    1 
ATOM 395  C C     . LEU A 1 56  ? 3.698   1.577   7.335   1.00 30.00 ? 56  LEU A C     1 
ATOM 396  O O     . LEU A 1 56  ? 3.046   2.122   8.219   1.00 30.00 ? 56  LEU A O     1 
ATOM 397  C CB    . LEU A 1 56  ? 2.725   -0.427  6.203   1.00 30.00 ? 56  LEU A CB    1 
ATOM 398  C CG    . LEU A 1 56  ? 2.751   -1.921  5.866   1.00 30.00 ? 56  LEU A CG    1 
ATOM 399  C CD1   . LEU A 1 56  ? 1.637   -2.226  4.875   1.00 30.00 ? 56  LEU A CD1   1 
ATOM 400  C CD2   . LEU A 1 56  ? 4.065   -2.339  5.233   1.00 30.00 ? 56  LEU A CD2   1 
ATOM 401  N N     . ASN A 1 57  ? 4.330   2.290   6.404   1.00 30.00 ? 57  ASN A N     1 
ATOM 402  C CA    . ASN A 1 57  ? 4.469   3.744   6.425   1.00 30.00 ? 57  ASN A CA    1 
ATOM 403  C C     . ASN A 1 57  ? 3.466   4.454   5.481   1.00 30.00 ? 57  ASN A C     1 
ATOM 404  O O     . ASN A 1 57  ? 3.485   4.217   4.272   1.00 30.00 ? 57  ASN A O     1 
ATOM 405  C CB    . ASN A 1 57  ? 5.925   4.041   6.052   1.00 30.00 ? 57  ASN A CB    1 
ATOM 406  C CG    . ASN A 1 57  ? 6.277   5.506   6.145   1.00 30.00 ? 57  ASN A CG    1 
ATOM 407  O OD1   . ASN A 1 57  ? 5.693   6.362   5.501   1.00 30.00 ? 57  ASN A OD1   1 
ATOM 408  N ND2   . ASN A 1 57  ? 7.260   5.854   6.935   1.00 30.00 ? 57  ASN A ND2   1 
ATOM 409  N N     . PRO A 1 58  ? 2.620   5.374   5.982   1.00 30.00 ? 58  PRO A N     1 
ATOM 410  C CA    . PRO A 1 58  ? 1.586   6.030   5.179   1.00 30.00 ? 58  PRO A CA    1 
ATOM 411  C C     . PRO A 1 58  ? 2.134   7.104   4.232   1.00 30.00 ? 58  PRO A C     1 
ATOM 412  O O     . PRO A 1 58  ? 1.698   7.188   3.087   1.00 30.00 ? 58  PRO A O     1 
ATOM 413  C CB    . PRO A 1 58  ? 0.586   6.604   6.186   1.00 30.00 ? 58  PRO A CB    1 
ATOM 414  C CG    . PRO A 1 58  ? 1.420   6.831   7.441   1.00 30.00 ? 58  PRO A CG    1 
ATOM 415  C CD    . PRO A 1 58  ? 2.447   5.703   7.388   1.00 30.00 ? 58  PRO A CD    1 
ATOM 416  N N     . TRP A 1 59  ? 3.137   7.885   4.645   1.00 30.00 ? 59  TRP A N     1 
ATOM 417  C CA    . TRP A 1 59  ? 3.737   8.958   3.830   1.00 30.00 ? 59  TRP A CA    1 
ATOM 418  C C     . TRP A 1 59  ? 4.407   8.444   2.552   1.00 30.00 ? 59  TRP A C     1 
ATOM 419  O O     . TRP A 1 59  ? 4.461   9.132   1.540   1.00 30.00 ? 59  TRP A O     1 
ATOM 420  C CB    . TRP A 1 59  ? 4.766   9.704   4.682   1.00 30.00 ? 59  TRP A CB    1 
ATOM 421  C CG    . TRP A 1 59  ? 4.246   10.177  6.001   1.00 30.00 ? 59  TRP A CG    1 
ATOM 422  C CD1   . TRP A 1 59  ? 4.667   9.774   7.220   1.00 30.00 ? 59  TRP A CD1   1 
ATOM 423  C CD2   . TRP A 1 59  ? 3.158   11.109  6.245   1.00 30.00 ? 59  TRP A CD2   1 
ATOM 424  N NE1   . TRP A 1 59  ? 3.909   10.387  8.196   1.00 30.00 ? 59  TRP A NE1   1 
ATOM 425  C CE2   . TRP A 1 59  ? 2.943   11.196  7.650   1.00 30.00 ? 59  TRP A CE2   1 
ATOM 426  C CE3   . TRP A 1 59  ? 2.305   11.855  5.410   1.00 30.00 ? 59  TRP A CE3   1 
ATOM 427  C CZ2   . TRP A 1 59  ? 1.916   11.967  8.203   1.00 30.00 ? 59  TRP A CZ2   1 
ATOM 428  C CZ3   . TRP A 1 59  ? 1.273   12.634  5.953   1.00 30.00 ? 59  TRP A CZ3   1 
ATOM 429  C CH2   . TRP A 1 59  ? 1.072   12.681  7.341   1.00 30.00 ? 59  TRP A CH2   1 
ATOM 430  N N     . THR A 1 60  ? 4.964   7.239   2.654   1.00 30.00 ? 60  THR A N     1 
ATOM 431  C CA    . THR A 1 60  ? 5.663   6.509   1.588   1.00 30.00 ? 60  THR A CA    1 
ATOM 432  C C     . THR A 1 60  ? 4.686   5.814   0.633   1.00 30.00 ? 60  THR A C     1 
ATOM 433  O O     . THR A 1 60  ? 5.095   5.280   -0.385  1.00 30.00 ? 60  THR A O     1 
ATOM 434  C CB    . THR A 1 60  ? 6.621   5.499   2.237   1.00 30.00 ? 60  THR A CB    1 
ATOM 435  O OG1   . THR A 1 60  ? 7.448   6.179   3.145   1.00 30.00 ? 60  THR A OG1   1 
ATOM 436  C CG2   . THR A 1 60  ? 7.569   4.774   1.300   1.00 30.00 ? 60  THR A CG2   1 
ATOM 437  N N     . LYS A 1 61  ? 3.379   5.824   0.934   1.00 30.00 ? 61  LYS A N     1 
ATOM 438  C CA    . LYS A 1 61  ? 2.317   5.126   0.190   1.00 30.00 ? 61  LYS A CA    1 
ATOM 439  C C     . LYS A 1 61  ? 2.481   3.607   0.130   1.00 30.00 ? 61  LYS A C     1 
ATOM 440  O O     . LYS A 1 61  ? 1.984   2.952   -0.772  1.00 30.00 ? 61  LYS A O     1 
ATOM 441  C CB    . LYS A 1 61  ? 2.051   5.790   -1.178  1.00 30.00 ? 61  LYS A CB    1 
ATOM 442  C CG    . LYS A 1 61  ? 1.791   7.307   -1.108  1.00 30.00 ? 61  LYS A CG    1 
ATOM 443  C CD    . LYS A 1 61  ? 0.597   7.670   -0.211  1.00 30.00 ? 61  LYS A CD    1 
ATOM 444  C CE    . LYS A 1 61  ? 0.523   9.167   0.103   1.00 30.00 ? 61  LYS A CE    1 
ATOM 445  N NZ    . LYS A 1 61  ? -0.193  9.934   -0.940  1.00 30.00 ? 61  LYS A NZ    1 
ATOM 446  N N     . GLU A 1 62  ? 3.074   3.023   1.168   1.00 30.00 ? 62  GLU A N     1 
ATOM 447  C CA    . GLU A 1 62  ? 3.052   1.574   1.374   1.00 30.00 ? 62  GLU A CA    1 
ATOM 448  C C     . GLU A 1 62  ? 1.640   1.068   1.711   1.00 30.00 ? 62  GLU A C     1 
ATOM 449  O O     . GLU A 1 62  ? 1.273   -0.054  1.366   1.00 30.00 ? 62  GLU A O     1 
ATOM 450  C CB    . GLU A 1 62  ? 3.995   1.214   2.520   1.00 30.00 ? 62  GLU A CB    1 
ATOM 451  C CG    . GLU A 1 62  ? 5.464   1.599   2.290   1.00 30.00 ? 62  GLU A CG    1 
ATOM 452  C CD    . GLU A 1 62  ? 6.326   1.344   3.532   1.00 30.00 ? 62  GLU A CD    1 
ATOM 453  O OE1   . GLU A 1 62  ? 5.814   0.809   4.538   1.00 30.00 ? 62  GLU A OE1   1 
ATOM 454  O OE2   . GLU A 1 62  ? 7.533   1.666   3.546   1.00 30.00 ? 62  GLU A OE2   1 
ATOM 455  N N     . ILE A 1 63  ? 0.837   1.904   2.376   1.00 30.00 ? 63  ILE A N     1 
ATOM 456  C CA    . ILE A 1 63  ? -0.561  1.652   2.731   1.00 30.00 ? 63  ILE A CA    1 
ATOM 457  C C     . ILE A 1 63  ? -1.420  2.893   2.480   1.00 30.00 ? 63  ILE A C     1 
ATOM 458  O O     . ILE A 1 63  ? -1.059  3.994   2.880   1.00 30.00 ? 63  ILE A O     1 
ATOM 459  C CB    . ILE A 1 63  ? -0.650  1.134   4.183   1.00 30.00 ? 63  ILE A CB    1 
ATOM 460  C CG1   . ILE A 1 63  ? -2.098  0.767   4.552   1.00 30.00 ? 63  ILE A CG1   1 
ATOM 461  C CG2   . ILE A 1 63  ? -0.081  2.119   5.215   1.00 30.00 ? 63  ILE A CG2   1 
ATOM 462  C CD1   . ILE A 1 63  ? -2.208  -0.107  5.804   1.00 30.00 ? 63  ILE A CD1   1 
ATOM 463  N N     . TYR A 1 64  ? -2.562  2.718   1.827   1.00 30.00 ? 64  TYR A N     1 
ATOM 464  C CA    . TYR A 1 64  ? -3.582  3.763   1.594   1.00 30.00 ? 64  TYR A CA    1 
ATOM 465  C C     . TYR A 1 64  ? -4.754  3.547   2.534   1.00 30.00 ? 64  TYR A C     1 
ATOM 466  O O     . TYR A 1 64  ? -4.906  2.451   3.114   1.00 30.00 ? 64  TYR A O     1 
ATOM 467  C CB    . TYR A 1 64  ? -4.070  3.752   0.140   1.00 30.00 ? 64  TYR A CB    1 
ATOM 468  C CG    . TYR A 1 64  ? -3.016  3.717   -0.936  1.00 30.00 ? 64  TYR A CG    1 
ATOM 469  C CD1   . TYR A 1 64  ? -2.466  4.930   -1.408  1.00 30.00 ? 64  TYR A CD1   1 
ATOM 470  C CD2   . TYR A 1 64  ? -2.667  2.487   -1.531  1.00 30.00 ? 64  TYR A CD2   1 
ATOM 471  C CE1   . TYR A 1 64  ? -1.580  4.916   -2.495  1.00 30.00 ? 64  TYR A CE1   1 
ATOM 472  C CE2   . TYR A 1 64  ? -1.778  2.469   -2.613  1.00 30.00 ? 64  TYR A CE2   1 
ATOM 473  C CZ    . TYR A 1 64  ? -1.236  3.686   -3.096  1.00 30.00 ? 64  TYR A CZ    1 
ATOM 474  O OH    . TYR A 1 64  ? -0.405  3.672   -4.160  1.00 30.00 ? 64  TYR A OH    1 
ATOM 475  N N     . ALA A 1 65  ? -5.646  4.525   2.621   1.00 30.00 ? 65  ALA A N     1 
ATOM 476  C CA    . ALA A 1 65  ? -7.002  4.328   3.108   1.00 30.00 ? 65  ALA A CA    1 
ATOM 477  C C     . ALA A 1 65  ? -7.963  5.309   2.439   1.00 30.00 ? 65  ALA A C     1 
ATOM 478  O O     . ALA A 1 65  ? -7.542  6.366   1.973   1.00 30.00 ? 65  ALA A O     1 
ATOM 479  C CB    . ALA A 1 65  ? -7.040  4.481   4.629   1.00 30.00 ? 65  ALA A CB    1 
ATOM 480  N N     . PHE A 1 66  ? -9.251  4.982   2.419   1.00 30.00 ? 66  PHE A N     1 
ATOM 481  C CA    . PHE A 1 66  ? -10.305 5.887   1.959   1.00 30.00 ? 66  PHE A CA    1 
ATOM 482  C C     . PHE A 1 66  ? -11.427 6.010   2.997   1.00 30.00 ? 66  PHE A C     1 
ATOM 483  O O     . PHE A 1 66  ? -11.646 5.075   3.772   1.00 30.00 ? 66  PHE A O     1 
ATOM 484  C CB    . PHE A 1 66  ? -10.793 5.478   0.565   1.00 30.00 ? 66  PHE A CB    1 
ATOM 485  C CG    . PHE A 1 66  ? -11.389 4.094   0.421   1.00 30.00 ? 66  PHE A CG    1 
ATOM 486  C CD1   . PHE A 1 66  ? -12.763 3.894   0.650   1.00 30.00 ? 66  PHE A CD1   1 
ATOM 487  C CD2   . PHE A 1 66  ? -10.594 3.023   -0.027  1.00 30.00 ? 66  PHE A CD2   1 
ATOM 488  C CE1   . PHE A 1 66  ? -13.336 2.630   0.432   1.00 30.00 ? 66  PHE A CE1   1 
ATOM 489  C CE2   . PHE A 1 66  ? -11.170 1.762   -0.248  1.00 30.00 ? 66  PHE A CE2   1 
ATOM 490  C CZ    . PHE A 1 66  ? -12.542 1.568   -0.024  1.00 30.00 ? 66  PHE A CZ    1 
ATOM 491  N N     . PRO A 1 67  ? -12.110 7.163   3.088   1.00 30.00 ? 67  PRO A N     1 
ATOM 492  C CA    . PRO A 1 67  ? -13.154 7.375   4.079   1.00 30.00 ? 67  PRO A CA    1 
ATOM 493  C C     . PRO A 1 67  ? -14.374 6.512   3.762   1.00 30.00 ? 67  PRO A C     1 
ATOM 494  O O     . PRO A 1 67  ? -14.877 6.506   2.642   1.00 30.00 ? 67  PRO A O     1 
ATOM 495  C CB    . PRO A 1 67  ? -13.475 8.869   4.029   1.00 30.00 ? 67  PRO A CB    1 
ATOM 496  C CG    . PRO A 1 67  ? -13.130 9.256   2.596   1.00 30.00 ? 67  PRO A CG    1 
ATOM 497  C CD    . PRO A 1 67  ? -11.939 8.357   2.276   1.00 30.00 ? 67  PRO A CD    1 
ATOM 498  N N     . ASP A 1 68  ? -14.865 5.786   4.759   1.00 30.00 ? 68  ASP A N     1 
ATOM 499  C CA    . ASP A 1 68  ? -16.096 5.013   4.637   1.00 30.00 ? 68  ASP A CA    1 
ATOM 500  C C     . ASP A 1 68  ? -17.331 5.929   4.700   1.00 30.00 ? 68  ASP A C     1 
ATOM 501  O O     . ASP A 1 68  ? -17.283 7.028   5.264   1.00 30.00 ? 68  ASP A O     1 
ATOM 502  C CB    . ASP A 1 68  ? -16.131 3.963   5.758   1.00 30.00 ? 68  ASP A CB    1 
ATOM 503  C CG    . ASP A 1 68  ? -17.122 2.820   5.510   1.00 30.00 ? 68  ASP A CG    1 
ATOM 504  O OD1   . ASP A 1 68  ? -17.685 2.728   4.396   1.00 30.00 ? 68  ASP A OD1   1 
ATOM 505  O OD2   . ASP A 1 68  ? -17.275 1.952   6.396   1.00 30.00 ? 68  ASP A OD2   1 
ATOM 506  N N     . LYS A 1 69  ? -18.470 5.450   4.203   1.00 30.00 ? 69  LYS A N     1 
ATOM 507  C CA    . LYS A 1 69  ? -19.780 6.001   4.577   1.00 30.00 ? 69  LYS A CA    1 
ATOM 508  C C     . LYS A 1 69  ? -19.985 5.792   6.083   1.00 30.00 ? 69  LYS A C     1 
ATOM 509  O O     . LYS A 1 69  ? -19.535 4.792   6.637   1.00 30.00 ? 69  LYS A O     1 
ATOM 510  C CB    . LYS A 1 69  ? -20.881 5.344   3.727   1.00 30.00 ? 69  LYS A CB    1 
ATOM 511  C CG    . LYS A 1 69  ? -20.822 5.869   2.281   1.00 30.00 ? 69  LYS A CG    1 
ATOM 512  C CD    . LYS A 1 69  ? -21.651 5.023   1.307   1.00 30.00 ? 69  LYS A CD    1 
ATOM 513  C CE    . LYS A 1 69  ? -21.600 5.669   -0.084  1.00 30.00 ? 69  LYS A CE    1 
ATOM 514  N NZ    . LYS A 1 69  ? -22.135 4.775   -1.142  1.00 30.00 ? 69  LYS A NZ    1 
ATOM 515  N N     . GLN A 1 70  ? -20.616 6.751   6.758   1.00 30.00 ? 70  GLN A N     1 
ATOM 516  C CA    . GLN A 1 70  ? -20.732 6.782   8.227   1.00 30.00 ? 70  GLN A CA    1 
ATOM 517  C C     . GLN A 1 70  ? -19.372 6.799   8.962   1.00 30.00 ? 70  GLN A C     1 
ATOM 518  O O     . GLN A 1 70  ? -19.167 6.105   9.952   1.00 30.00 ? 70  GLN A O     1 
ATOM 519  C CB    . GLN A 1 70  ? -21.687 5.686   8.736   1.00 30.00 ? 70  GLN A CB    1 
ATOM 520  C CG    . GLN A 1 70  ? -23.074 5.702   8.075   1.00 30.00 ? 70  GLN A CG    1 
ATOM 521  C CD    . GLN A 1 70  ? -23.940 4.547   8.561   1.00 30.00 ? 70  GLN A CD    1 
ATOM 522  O OE1   . GLN A 1 70  ? -24.327 3.666   7.806   1.00 30.00 ? 70  GLN A OE1   1 
ATOM 523  N NE2   . GLN A 1 70  ? -24.257 4.482   9.837   1.00 30.00 ? 70  GLN A NE2   1 
ATOM 524  N N     . ASN A 1 71  ? -18.428 7.611   8.479   1.00 30.00 ? 71  ASN A N     1 
ATOM 525  C CA    . ASN A 1 71  ? -17.192 8.043   9.156   1.00 30.00 ? 71  ASN A CA    1 
ATOM 526  C C     . ASN A 1 71  ? -16.168 6.977   9.624   1.00 30.00 ? 71  ASN A C     1 
ATOM 527  O O     . ASN A 1 71  ? -15.180 7.331   10.264  1.00 30.00 ? 71  ASN A O     1 
ATOM 528  C CB    . ASN A 1 71  ? -17.514 9.115   10.217  1.00 30.00 ? 71  ASN A CB    1 
ATOM 529  C CG    . ASN A 1 71  ? -18.184 8.577   11.471  1.00 30.00 ? 71  ASN A CG    1 
ATOM 530  O OD1   . ASN A 1 71  ? -17.606 7.835   12.248  1.00 30.00 ? 71  ASN A OD1   1 
ATOM 531  N ND2   . ASN A 1 71  ? -19.412 8.966   11.730  1.00 30.00 ? 71  ASN A ND2   1 
ATOM 532  N N     . GLY A 1 72  ? -16.299 5.707   9.243   1.00 30.00 ? 72  GLY A N     1 
ATOM 533  C CA    . GLY A 1 72  ? -15.196 4.740   9.341   1.00 30.00 ? 72  GLY A CA    1 
ATOM 534  C C     . GLY A 1 72  ? -14.073 5.016   8.330   1.00 30.00 ? 72  GLY A C     1 
ATOM 535  O O     . GLY A 1 72  ? -14.090 6.024   7.619   1.00 30.00 ? 72  GLY A O     1 
ATOM 536  N N     . ILE A 1 73  ? -13.115 4.098   8.206   1.00 30.00 ? 73  ILE A N     1 
ATOM 537  C CA    . ILE A 1 73  ? -12.111 4.097   7.126   1.00 30.00 ? 73  ILE A CA    1 
ATOM 538  C C     . ILE A 1 73  ? -11.940 2.691   6.546   1.00 30.00 ? 73  ILE A C     1 
ATOM 539  O O     . ILE A 1 73  ? -12.229 1.701   7.211   1.00 30.00 ? 73  ILE A O     1 
ATOM 540  C CB    . ILE A 1 73  ? -10.756 4.685   7.582   1.00 30.00 ? 73  ILE A CB    1 
ATOM 541  C CG1   . ILE A 1 73  ? -10.010 3.801   8.601   1.00 30.00 ? 73  ILE A CG1   1 
ATOM 542  C CG2   . ILE A 1 73  ? -10.935 6.114   8.108   1.00 30.00 ? 73  ILE A CG2   1 
ATOM 543  C CD1   . ILE A 1 73  ? -8.570  4.251   8.865   1.00 30.00 ? 73  ILE A CD1   1 
ATOM 544  N N     . VAL A 1 74  ? -11.442 2.584   5.315   1.00 30.00 ? 74  VAL A N     1 
ATOM 545  C CA    . VAL A 1 74  ? -11.082 1.303   4.696   1.00 30.00 ? 74  VAL A CA    1 
ATOM 546  C C     . VAL A 1 74  ? -9.593  1.306   4.346   1.00 30.00 ? 74  VAL A C     1 
ATOM 547  O O     . VAL A 1 74  ? -9.199  2.091   3.490   1.00 30.00 ? 74  VAL A O     1 
ATOM 548  C CB    . VAL A 1 74  ? -11.933 1.055   3.443   1.00 30.00 ? 74  VAL A CB    1 
ATOM 549  C CG1   . VAL A 1 74  ? -11.636 -0.331  2.864   1.00 30.00 ? 74  VAL A CG1   1 
ATOM 550  C CG2   . VAL A 1 74  ? -13.432 1.127   3.750   1.00 30.00 ? 74  VAL A CG2   1 
ATOM 551  N N     . PRO A 1 75  ? -8.745  0.471   4.969   1.00 30.00 ? 75  PRO A N     1 
ATOM 552  C CA    . PRO A 1 75  ? -7.329  0.363   4.624   1.00 30.00 ? 75  PRO A CA    1 
ATOM 553  C C     . PRO A 1 75  ? -7.093  -0.438  3.343   1.00 30.00 ? 75  PRO A C     1 
ATOM 554  O O     . PRO A 1 75  ? -7.851  -1.354  3.037   1.00 30.00 ? 75  PRO A O     1 
ATOM 555  C CB    . PRO A 1 75  ? -6.653  -0.328  5.809   1.00 30.00 ? 75  PRO A CB    1 
ATOM 556  C CG    . PRO A 1 75  ? -7.652  -0.158  6.944   1.00 30.00 ? 75  PRO A CG    1 
ATOM 557  C CD    . PRO A 1 75  ? -8.987  -0.209  6.222   1.00 30.00 ? 75  PRO A CD    1 
ATOM 558  N N     . VAL A 1 76  ? -6.003  -0.153  2.630   1.00 30.00 ? 76  VAL A N     1 
ATOM 559  C CA    . VAL A 1 76  ? -5.608  -0.829  1.398   1.00 30.00 ? 76  VAL A CA    1 
ATOM 560  C C     . VAL A 1 76  ? -4.103  -0.919  1.326   1.00 30.00 ? 76  VAL A C     1 
ATOM 561  O O     . VAL A 1 76  ? -3.467  0.093   1.061   1.00 30.00 ? 76  VAL A O     1 
ATOM 562  C CB    . VAL A 1 76  ? -6.166  -0.066  0.146   1.00 30.00 ? 76  VAL A CB    1 
ATOM 563  C CG1   . VAL A 1 76  ? -5.842  -0.832  -1.128  1.00 30.00 ? 76  VAL A CG1   1 
ATOM 564  C CG2   . VAL A 1 76  ? -7.668  0.166   0.165   1.00 30.00 ? 76  VAL A CG2   1 
ATOM 565  N N     . VAL A 1 77  ? -3.491  -2.110  1.566   1.00 30.00 ? 77  VAL A N     1 
ATOM 566  C CA    . VAL A 1 77  ? -2.062  -2.301  1.379   1.00 30.00 ? 77  VAL A CA    1 
ATOM 567  C C     . VAL A 1 77  ? -1.736  -2.218  -0.110  1.00 30.00 ? 77  VAL A C     1 
ATOM 568  O O     . VAL A 1 77  ? -2.375  -2.872  -0.906  1.00 30.00 ? 77  VAL A O     1 
ATOM 569  C CB    . VAL A 1 77  ? -1.534  -3.625  2.029   1.00 30.00 ? 77  VAL A CB    1 
ATOM 570  C CG1   . VAL A 1 77  ? -0.042  -3.827  1.860   1.00 30.00 ? 77  VAL A CG1   1 
ATOM 571  C CG2   . VAL A 1 77  ? -1.797  -3.683  3.528   1.00 30.00 ? 77  VAL A CG2   1 
ATOM 572  N N     . GLY A 1 78  ? -0.754  -1.404  -0.496  1.00 30.00 ? 78  GLY A N     1 
ATOM 573  C CA    . GLY A 1 78  ? -0.353  -1.233  -1.895  1.00 30.00 ? 78  GLY A CA    1 
ATOM 574  C C     . GLY A 1 78  ? 0.752   -2.193  -2.338  1.00 30.00 ? 78  GLY A C     1 
ATOM 575  O O     . GLY A 1 78  ? 1.317   -2.938  -1.537  1.00 30.00 ? 78  GLY A O     1 
ATOM 576  N N     . VAL A 1 79  ? 1.122   -2.135  -3.614  1.00 30.00 ? 79  VAL A N     1 
ATOM 577  C CA    . VAL A 1 79  ? 2.216   -2.925  -4.195  1.00 30.00 ? 79  VAL A CA    1 
ATOM 578  C C     . VAL A 1 79  ? 3.550   -2.656  -3.503  1.00 30.00 ? 79  VAL A C     1 
ATOM 579  O O     . VAL A 1 79  ? 4.317   -3.588  -3.270  1.00 30.00 ? 79  VAL A O     1 
ATOM 580  C CB    . VAL A 1 79  ? 2.298   -2.739  -5.718  1.00 30.00 ? 79  VAL A CB    1 
ATOM 581  C CG1   . VAL A 1 79  ? 2.566   -1.306  -6.141  1.00 30.00 ? 79  VAL A CG1   1 
ATOM 582  C CG2   . VAL A 1 79  ? 3.317   -3.642  -6.324  1.00 30.00 ? 79  VAL A CG2   1 
ATOM 583  N N     . ASP A 1 80  ? 3.804   -1.431  -3.044  1.00 30.00 ? 80  ASP A N     1 
ATOM 584  C CA    . ASP A 1 80  ? 4.987   -1.117  -2.239  1.00 30.00 ? 80  ASP A CA    1 
ATOM 585  C C     . ASP A 1 80  ? 4.933   -1.643  -0.800  1.00 30.00 ? 80  ASP A C     1 
ATOM 586  O O     . ASP A 1 80  ? 5.969   -1.977  -0.232  1.00 30.00 ? 80  ASP A O     1 
ATOM 587  C CB    . ASP A 1 80  ? 5.248   0.385   -2.283  1.00 30.00 ? 80  ASP A CB    1 
ATOM 588  C CG    . ASP A 1 80  ? 5.831   0.788   -3.636  1.00 30.00 ? 80  ASP A CG    1 
ATOM 589  O OD1   . ASP A 1 80  ? 6.777   0.094   -4.082  1.00 30.00 ? 80  ASP A OD1   1 
ATOM 590  O OD2   . ASP A 1 80  ? 5.315   1.761   -4.218  1.00 30.00 ? 80  ASP A OD2   1 
ATOM 591  N N     . GLY A 1 81  ? 3.750   -1.832  -0.217  1.00 30.00 ? 81  GLY A N     1 
ATOM 592  C CA    . GLY A 1 81  ? 3.622   -2.489  1.081   1.00 30.00 ? 81  GLY A CA    1 
ATOM 593  C C     . GLY A 1 81  ? 4.051   -3.951  1.018   1.00 30.00 ? 81  GLY A C     1 
ATOM 594  O O     . GLY A 1 81  ? 4.876   -4.398  1.806   1.00 30.00 ? 81  GLY A O     1 
ATOM 595  N N     . TRP A 1 82  ? 3.569   -4.701  0.033   1.00 30.00 ? 82  TRP A N     1 
ATOM 596  C CA    . TRP A 1 82  ? 4.018   -6.098  -0.183  1.00 30.00 ? 82  TRP A CA    1 
ATOM 597  C C     . TRP A 1 82  ? 5.457   -6.191  -0.631  1.00 30.00 ? 82  TRP A C     1 
ATOM 598  O O     . TRP A 1 82  ? 6.191   -7.076  -0.141  1.00 30.00 ? 82  TRP A O     1 
ATOM 599  C CB    . TRP A 1 82  ? 3.092   -6.750  -1.178  1.00 30.00 ? 82  TRP A CB    1 
ATOM 600  C CG    . TRP A 1 82  ? 1.772   -6.999  -0.554  1.00 30.00 ? 82  TRP A CG    1 
ATOM 601  C CD1   . TRP A 1 82  ? 0.636   -6.290  -0.829  1.00 30.00 ? 82  TRP A CD1   1 
ATOM 602  C CD2   . TRP A 1 82  ? 1.468   -7.947  0.535   1.00 30.00 ? 82  TRP A CD2   1 
ATOM 603  N NE1   . TRP A 1 82  ? -0.352  -6.776  -0.005  1.00 30.00 ? 82  TRP A NE1   1 
ATOM 604  C CE2   . TRP A 1 82  ? 0.114   -7.762  0.879   1.00 30.00 ? 82  TRP A CE2   1 
ATOM 605  C CE3   . TRP A 1 82  ? 2.210   -8.906  1.299   1.00 30.00 ? 82  TRP A CE3   1 
ATOM 606  C CZ2   . TRP A 1 82  ? -0.463  -8.484  1.934   1.00 30.00 ? 82  TRP A CZ2   1 
ATOM 607  C CZ3   . TRP A 1 82  ? 1.647   -9.639  2.373   1.00 30.00 ? 82  TRP A CZ3   1 
ATOM 608  C CH2   . TRP A 1 82  ? 0.304   -9.420  2.692   1.00 30.00 ? 82  TRP A CH2   1 
ATOM 609  N N     . SER A 1 83  ? 5.919   -5.250  -1.457  1.00 30.00 ? 83  SER A N     1 
ATOM 610  C CA    . SER A 1 83  ? 7.321   -5.148  -1.867  1.00 30.00 ? 83  SER A CA    1 
ATOM 611  C C     . SER A 1 83  ? 8.268   -4.907  -0.696  1.00 30.00 ? 83  SER A C     1 
ATOM 612  O O     . SER A 1 83  ? 9.322   -5.527  -0.645  1.00 30.00 ? 83  SER A O     1 
ATOM 613  C CB    . SER A 1 83  ? 7.486   -4.026  -2.879  1.00 30.00 ? 83  SER A CB    1 
ATOM 614  O OG    . SER A 1 83  ? 8.816   -3.995  -3.335  1.00 30.00 ? 83  SER A OG    1 
ATOM 615  N N     . ARG A 1 84  ? 7.900   -4.100  0.306   1.00 30.00 ? 84  ARG A N     1 
ATOM 616  C CA    . ARG A 1 84  ? 8.614   -4.056  1.589   1.00 30.00 ? 84  ARG A CA    1 
ATOM 617  C C     . ARG A 1 84  ? 8.612   -5.430  2.258   1.00 30.00 ? 84  ARG A C     1 
ATOM 618  O O     . ARG A 1 84  ? 9.679   -5.961  2.534   1.00 30.00 ? 84  ARG A O     1 
ATOM 619  C CB    . ARG A 1 84  ? 7.992   -2.978  2.487   1.00 30.00 ? 84  ARG A CB    1 
ATOM 620  C CG    . ARG A 1 84  ? 8.462   -3.086  3.944   1.00 30.00 ? 84  ARG A CG    1 
ATOM 621  C CD    . ARG A 1 84  ? 7.563   -2.302  4.896   1.00 30.00 ? 84  ARG A CD    1 
ATOM 622  N NE    . ARG A 1 84  ? 7.974   -0.911  5.014   1.00 30.00 ? 84  ARG A NE    1 
ATOM 623  C CZ    . ARG A 1 84  ? 9.041   -0.470  5.624   1.00 30.00 ? 84  ARG A CZ    1 
ATOM 624  N NH1   . ARG A 1 84  ? 9.337   0.781   5.477   1.00 30.00 ? 84  ARG A NH1   1 
ATOM 625  N NH2   . ARG A 1 84  ? 9.820   -1.236  6.331   1.00 30.00 ? 84  ARG A NH2   1 
ATOM 626  N N     . ILE A 1 85  ? 7.437   -6.005  2.518   1.00 30.00 ? 85  ILE A N     1 
ATOM 627  C CA    . ILE A 1 85  ? 7.274   -7.208  3.354   1.00 30.00 ? 85  ILE A CA    1 
ATOM 628  C C     . ILE A 1 85  ? 8.099   -8.400  2.852   1.00 30.00 ? 85  ILE A C     1 
ATOM 629  O O     . ILE A 1 85  ? 8.734   -9.065  3.661   1.00 30.00 ? 85  ILE A O     1 
ATOM 630  C CB    . ILE A 1 85  ? 5.773   -7.546  3.494   1.00 30.00 ? 85  ILE A CB    1 
ATOM 631  C CG1   . ILE A 1 85  ? 5.089   -6.516  4.418   1.00 30.00 ? 85  ILE A CG1   1 
ATOM 632  C CG2   . ILE A 1 85  ? 5.536   -8.966  4.030   1.00 30.00 ? 85  ILE A CG2   1 
ATOM 633  C CD1   . ILE A 1 85  ? 3.561   -6.511  4.318   1.00 30.00 ? 85  ILE A CD1   1 
ATOM 634  N N     . ILE A 1 86  ? 8.142   -8.674  1.545   1.00 30.00 ? 86  ILE A N     1 
ATOM 635  C CA    . ILE A 1 86  ? 8.984   -9.759  1.011   1.00 30.00 ? 86  ILE A CA    1 
ATOM 636  C C     . ILE A 1 86  ? 10.454  -9.419  0.983   1.00 30.00 ? 86  ILE A C     1 
ATOM 637  O O     . ILE A 1 86  ? 11.280  -10.337 1.053   1.00 30.00 ? 86  ILE A O     1 
ATOM 638  C CB    . ILE A 1 86  ? 8.489   -10.229 -0.358  1.00 30.00 ? 86  ILE A CB    1 
ATOM 639  C CG1   . ILE A 1 86  ? 8.762   -9.230  -1.520  1.00 30.00 ? 86  ILE A CG1   1 
ATOM 640  C CG2   . ILE A 1 86  ? 7.019   -10.571 -0.281  1.00 30.00 ? 86  ILE A CG2   1 
ATOM 641  C CD1   . ILE A 1 86  ? 8.282   -9.698  -2.884  1.00 30.00 ? 86  ILE A CD1   1 
ATOM 642  N N     . ASN A 1 87  ? 10.859  -8.146  0.913   1.00 30.00 ? 87  ASN A N     1 
ATOM 643  C CA    . ASN A 1 87  ? 12.276  -7.766  0.826   1.00 30.00 ? 87  ASN A CA    1 
ATOM 644  C C     . ASN A 1 87  ? 12.982  -7.579  2.172   1.00 30.00 ? 87  ASN A C     1 
ATOM 645  O O     . ASN A 1 87  ? 14.194  -7.746  2.222   1.00 30.00 ? 87  ASN A O     1 
ATOM 646  C CB    . ASN A 1 87  ? 12.434  -6.518  -0.047  1.00 30.00 ? 87  ASN A CB    1 
ATOM 647  C CG    . ASN A 1 87  ? 12.353  -6.855  -1.518  1.00 30.00 ? 87  ASN A CG    1 
ATOM 648  O OD1   . ASN A 1 87  ? 13.139  -7.616  -2.045  1.00 30.00 ? 87  ASN A OD1   1 
ATOM 649  N ND2   . ASN A 1 87  ? 11.418  -6.307  -2.242  1.00 30.00 ? 87  ASN A ND2   1 
ATOM 650  N N     . GLU A 1 88  ? 12.284  -7.265  3.266   1.00 30.00 ? 88  GLU A N     1 
ATOM 651  C CA    . GLU A 1 88  ? 12.911  -7.194  4.599   1.00 30.00 ? 88  GLU A CA    1 
ATOM 652  C C     . GLU A 1 88  ? 12.842  -8.501  5.409   1.00 30.00 ? 88  GLU A C     1 
ATOM 653  O O     . GLU A 1 88  ? 13.173  -8.536  6.589   1.00 30.00 ? 88  GLU A O     1 
ATOM 654  C CB    . GLU A 1 88  ? 12.518  -5.910  5.337   1.00 30.00 ? 88  GLU A CB    1 
ATOM 655  C CG    . GLU A 1 88  ? 11.078  -5.775  5.844   1.00 30.00 ? 88  GLU A CG    1 
ATOM 656  C CD    . GLU A 1 88  ? 10.750  -4.322  6.252   1.00 30.00 ? 88  GLU A CD    1 
ATOM 657  O OE1   . GLU A 1 88  ? 11.623  -3.426  6.177   1.00 30.00 ? 88  GLU A OE1   1 
ATOM 658  O OE2   . GLU A 1 88  ? 9.582   -4.041  6.602   1.00 30.00 ? 88  GLU A OE2   1 
ATOM 659  N N     . ASN A 1 89  ? 12.487  -9.612  4.764   1.00 30.00 ? 89  ASN A N     1 
ATOM 660  C CA    . ASN A 1 89  ? 12.514  -10.989 5.326   1.00 30.00 ? 89  ASN A CA    1 
ATOM 661  C C     . ASN A 1 89  ? 13.724  -11.796 4.827   1.00 30.00 ? 89  ASN A C     1 
ATOM 662  O O     . ASN A 1 89  ? 13.939  -11.906 3.626   1.00 30.00 ? 89  ASN A O     1 
ATOM 663  C CB    . ASN A 1 89  ? 11.209  -11.641 4.942   1.00 30.00 ? 89  ASN A CB    1 
ATOM 664  C CG    . ASN A 1 89  ? 11.078  -13.035 5.573   1.00 30.00 ? 89  ASN A CG    1 
ATOM 665  O OD1   . ASN A 1 89  ? 11.895  -13.934 5.386   1.00 30.00 ? 89  ASN A OD1   1 
ATOM 666  N ND2   . ASN A 1 89  ? 10.072  -13.263 6.360   1.00 30.00 ? 89  ASN A ND2   1 
ATOM 667  N N     . GLN A 1 90  ? 14.515  -12.395 5.745   1.00 30.00 ? 90  GLN A N     1 
ATOM 668  C CA    . GLN A 1 90  ? 15.778  -13.069 5.424   1.00 30.00 ? 90  GLN A CA    1 
ATOM 669  C C     . GLN A 1 90  ? 15.655  -14.389 4.656   1.00 30.00 ? 90  GLN A C     1 
ATOM 670  O O     . GLN A 1 90  ? 16.619  -14.854 4.061   1.00 30.00 ? 90  GLN A O     1 
ATOM 671  C CB    . GLN A 1 90  ? 16.552  -13.362 6.729   1.00 30.00 ? 90  GLN A CB    1 
ATOM 672  C CG    . GLN A 1 90  ? 16.898  -12.093 7.501   1.00 30.00 ? 90  GLN A CG    1 
ATOM 673  C CD    . GLN A 1 90  ? 17.783  -11.123 6.725   1.00 30.00 ? 90  GLN A CD    1 
ATOM 674  O OE1   . GLN A 1 90  ? 18.508  -11.484 5.818   1.00 30.00 ? 90  GLN A OE1   1 
ATOM 675  N NE2   . GLN A 1 90  ? 17.771  -9.844  7.056   1.00 30.00 ? 90  GLN A NE2   1 
ATOM 676  N N     . GLN A 1 91  ? 14.500  -15.013 4.671   1.00 30.00 ? 91  GLN A N     1 
ATOM 677  C CA    . GLN A 1 91  ? 14.287  -16.322 4.062   1.00 30.00 ? 91  GLN A CA    1 
ATOM 678  C C     . GLN A 1 91  ? 13.857  -16.214 2.594   1.00 30.00 ? 91  GLN A C     1 
ATOM 679  O O     . GLN A 1 91  ? 13.771  -17.251 1.956   1.00 30.00 ? 91  GLN A O     1 
ATOM 680  C CB    . GLN A 1 91  ? 13.268  -17.119 4.875   1.00 30.00 ? 91  GLN A CB    1 
ATOM 681  C CG    . GLN A 1 91  ? 13.620  -17.335 6.364   1.00 30.00 ? 91  GLN A CG    1 
ATOM 682  C CD    . GLN A 1 91  ? 14.954  -18.041 6.609   1.00 30.00 ? 91  GLN A CD    1 
ATOM 683  O OE1   . GLN A 1 91  ? 15.780  -17.580 7.355   1.00 30.00 ? 91  GLN A OE1   1 
ATOM 684  N NE2   . GLN A 1 91  ? 15.238  -19.162 5.987   1.00 30.00 ? 91  GLN A NE2   1 
ATOM 685  N N     . PHE A 1 92  ? 13.560  -15.013 2.024   1.00 30.00 ? 92  PHE A N     1 
ATOM 686  C CA    . PHE A 1 92  ? 13.219  -14.857 0.603   1.00 30.00 ? 92  PHE A CA    1 
ATOM 687  C C     . PHE A 1 92  ? 14.385  -15.295 -0.279  1.00 30.00 ? 92  PHE A C     1 
ATOM 688  O O     . PHE A 1 92  ? 15.522  -15.043 0.049   1.00 30.00 ? 92  PHE A O     1 
ATOM 689  C CB    . PHE A 1 92  ? 12.768  -13.390 0.320   1.00 30.00 ? 92  PHE A CB    1 
ATOM 690  C CG    . PHE A 1 92  ? 12.286  -13.035 -1.087  1.00 30.00 ? 92  PHE A CG    1 
ATOM 691  C CD1   . PHE A 1 92  ? 11.523  -13.924 -1.823  1.00 30.00 ? 92  PHE A CD1   1 
ATOM 692  C CD2   . PHE A 1 92  ? 12.559  -11.755 -1.647  1.00 30.00 ? 92  PHE A CD2   1 
ATOM 693  C CE1   . PHE A 1 92  ? 11.068  -13.545 -3.109  1.00 30.00 ? 92  PHE A CE1   1 
ATOM 694  C CE2   . PHE A 1 92  ? 12.092  -11.371 -2.929  1.00 30.00 ? 92  PHE A CE2   1 
ATOM 695  C CZ    . PHE A 1 92  ? 11.349  -12.272 -3.663  1.00 30.00 ? 92  PHE A CZ    1 
ATOM 696  N N     . ASP A 1 93  ? 14.124  -15.959 -1.388  1.00 30.00 ? 93  ASP A N     1 
ATOM 697  C CA    . ASP A 1 93  ? 15.148  -16.564 -2.241  1.00 30.00 ? 93  ASP A CA    1 
ATOM 698  C C     . ASP A 1 93  ? 14.928  -16.227 -3.734  1.00 30.00 ? 93  ASP A C     1 
ATOM 699  O O     . ASP A 1 93  ? 15.360  -16.973 -4.601  1.00 30.00 ? 93  ASP A O     1 
ATOM 700  C CB    . ASP A 1 93  ? 15.244  -18.091 -1.946  1.00 30.00 ? 93  ASP A CB    1 
ATOM 701  C CG    . ASP A 1 93  ? 16.500  -18.765 -2.501  1.00 30.00 ? 93  ASP A CG    1 
ATOM 702  O OD1   . ASP A 1 93  ? 17.551  -18.128 -2.505  1.00 30.00 ? 93  ASP A OD1   1 
ATOM 703  O OD2   . ASP A 1 93  ? 16.459  -19.957 -2.890  1.00 30.00 ? 93  ASP A OD2   1 
ATOM 704  N N     . GLY A 1 94  ? 14.243  -15.100 -4.052  1.00 30.00 ? 94  GLY A N     1 
ATOM 705  C CA    . GLY A 1 94  ? 13.914  -14.669 -5.422  1.00 30.00 ? 94  GLY A CA    1 
ATOM 706  C C     . GLY A 1 94  ? 12.592  -15.180 -5.906  1.00 30.00 ? 94  GLY A C     1 
ATOM 707  O O     . GLY A 1 94  ? 11.866  -15.856 -5.185  1.00 30.00 ? 94  GLY A O     1 
ATOM 708  N N     . MET A 1 95  ? 12.239  -14.789 -7.133  1.00 30.00 ? 95  MET A N     1 
ATOM 709  C CA    . MET A 1 95  ? 10.909  -14.896 -7.681  1.00 30.00 ? 95  MET A CA    1 
ATOM 710  C C     . MET A 1 95  ? 10.962  -14.911 -9.205  1.00 30.00 ? 95  MET A C     1 
ATOM 711  O O     . MET A 1 95  ? 11.848  -14.313 -9.797  1.00 30.00 ? 95  MET A O     1 
ATOM 712  C CB    . MET A 1 95  ? 10.127  -13.666 -7.170  1.00 30.00 ? 95  MET A CB    1 
ATOM 713  C CG    . MET A 1 95  ? 8.797   -13.342 -7.836  1.00 30.00 ? 95  MET A CG    1 
ATOM 714  S SD    . MET A 1 95  ? 7.858   -12.051 -6.975  1.00 30.00 ? 95  MET A SD    1 
ATOM 715  C CE    . MET A 1 95  ? 8.937   -10.624 -7.094  1.00 30.00 ? 95  MET A CE    1 
ATOM 716  N N     . ASP A 1 96  ? 10.018  -15.523 -9.873  1.00 30.00 ? 96  ASP A N     1 
ATOM 717  C CA    . ASP A 1 96  ? 9.885   -15.395 -11.335 1.00 30.00 ? 96  ASP A CA    1 
ATOM 718  C C     . ASP A 1 96  ? 8.441   -15.284 -11.810 1.00 30.00 ? 96  ASP A C     1 
ATOM 719  O O     . ASP A 1 96  ? 7.532   -15.571 -11.048 1.00 30.00 ? 96  ASP A O     1 
ATOM 720  C CB    . ASP A 1 96  ? 10.731  -16.478 -12.036 1.00 30.00 ? 96  ASP A CB    1 
ATOM 721  C CG    . ASP A 1 96  ? 10.296  -17.940 -11.858 1.00 30.00 ? 96  ASP A CG    1 
ATOM 722  O OD1   . ASP A 1 96  ? 9.150   -18.225 -12.189 1.00 30.00 ? 96  ASP A OD1   1 
ATOM 723  O OD2   . ASP A 1 96  ? 11.132  -18.830 -11.499 1.00 30.00 ? 96  ASP A OD2   1 
ATOM 724  N N     . PHE A 1 97  ? 8.235   -14.791 -13.049 1.00 30.00 ? 97  PHE A N     1 
ATOM 725  C CA    . PHE A 1 97  ? 6.946   -14.438 -13.646 1.00 30.00 ? 97  PHE A CA    1 
ATOM 726  C C     . PHE A 1 97  ? 6.781   -15.059 -15.020 1.00 30.00 ? 97  PHE A C     1 
ATOM 727  O O     . PHE A 1 97  ? 7.742   -15.298 -15.736 1.00 30.00 ? 97  PHE A O     1 
ATOM 728  C CB    . PHE A 1 97  ? 6.767   -12.899 -13.832 1.00 30.00 ? 97  PHE A CB    1 
ATOM 729  C CG    . PHE A 1 97  ? 6.679   -12.083 -12.577 1.00 30.00 ? 97  PHE A CG    1 
ATOM 730  C CD1   . PHE A 1 97  ? 5.445   -11.843 -11.979 1.00 30.00 ? 97  PHE A CD1   1 
ATOM 731  C CD2   . PHE A 1 97  ? 7.813   -11.502 -12.050 1.00 30.00 ? 97  PHE A CD2   1 
ATOM 732  C CE1   . PHE A 1 97  ? 5.348   -11.035 -10.847 1.00 30.00 ? 97  PHE A CE1   1 
ATOM 733  C CE2   . PHE A 1 97  ? 7.716   -10.690 -10.922 1.00 30.00 ? 97  PHE A CE2   1 
ATOM 734  C CZ    . PHE A 1 97  ? 6.484   -10.460 -10.320 1.00 30.00 ? 97  PHE A CZ    1 
ATOM 735  N N     . GLU A 1 98  ? 5.534   -15.229 -15.451 1.00 30.00 ? 98  GLU A N     1 
ATOM 736  C CA    . GLU A 1 98  ? 5.140   -15.609 -16.814 1.00 30.00 ? 98  GLU A CA    1 
ATOM 737  C C     . GLU A 1 98  ? 3.897   -14.775 -17.222 1.00 30.00 ? 98  GLU A C     1 
ATOM 738  O O     . GLU A 1 98  ? 3.049   -14.518 -16.368 1.00 30.00 ? 98  GLU A O     1 
ATOM 739  C CB    . GLU A 1 98  ? 4.916   -17.138 -16.882 1.00 30.00 ? 98  GLU A CB    1 
ATOM 740  C CG    . GLU A 1 98  ? 6.107   -17.987 -16.353 1.00 30.00 ? 98  GLU A CG    1 
ATOM 741  C CD    . GLU A 1 98  ? 5.839   -19.497 -16.192 1.00 30.00 ? 98  GLU A CD    1 
ATOM 742  O OE1   . GLU A 1 98  ? 5.031   -20.041 -16.976 1.00 30.00 ? 98  GLU A OE1   1 
ATOM 743  O OE2   . GLU A 1 98  ? 6.461   -20.125 -15.294 1.00 30.00 ? 98  GLU A OE2   1 
ATOM 744  N N     . GLN A 1 99  ? 3.775   -14.287 -18.469 1.00 30.00 ? 99  GLN A N     1 
ATOM 745  C CA    . GLN A 1 99  ? 2.621   -13.481 -18.952 1.00 30.00 ? 99  GLN A CA    1 
ATOM 746  C C     . GLN A 1 99  ? 2.219   -13.809 -20.382 1.00 30.00 ? 99  GLN A C     1 
ATOM 747  O O     . GLN A 1 99  ? 3.038   -14.211 -21.194 1.00 30.00 ? 99  GLN A O     1 
ATOM 748  C CB    . GLN A 1 99  ? 2.880   -11.959 -18.911 1.00 30.00 ? 99  GLN A CB    1 
ATOM 749  C CG    . GLN A 1 99  ? 2.850   -11.399 -17.500 1.00 30.00 ? 99  GLN A CG    1 
ATOM 750  C CD    . GLN A 1 99  ? 2.829   -9.858  -17.529 1.00 30.00 ? 99  GLN A CD    1 
ATOM 751  O OE1   . GLN A 1 99  ? 3.835   -9.218  -17.374 1.00 30.00 ? 99  GLN A OE1   1 
ATOM 752  N NE2   . GLN A 1 99  ? 1.698   -9.203  -17.737 1.00 30.00 ? 99  GLN A NE2   1 
ATOM 753  N N     . ASP A 1 100 ? 0.960   -13.563 -20.708 1.00 30.00 ? 100 ASP A N     1 
ATOM 754  C CA    . ASP A 1 100 ? 0.415   -13.608 -22.066 1.00 30.00 ? 100 ASP A CA    1 
ATOM 755  C C     . ASP A 1 100 ? -0.756  -12.588 -22.244 1.00 30.00 ? 100 ASP A C     1 
ATOM 756  O O     . ASP A 1 100 ? -0.916  -11.653 -21.465 1.00 30.00 ? 100 ASP A O     1 
ATOM 757  C CB    . ASP A 1 100 ? 0.064   -15.074 -22.370 1.00 30.00 ? 100 ASP A CB    1 
ATOM 758  C CG    . ASP A 1 100 ? -1.021  -15.670 -21.486 1.00 30.00 ? 100 ASP A CG    1 
ATOM 759  O OD1   . ASP A 1 100 ? -1.901  -14.894 -21.049 1.00 30.00 ? 100 ASP A OD1   1 
ATOM 760  O OD2   . ASP A 1 100 ? -1.000  -16.926 -21.277 1.00 30.00 ? 100 ASP A OD2   1 
ATOM 761  N N     . ASN A 1 101 ? -1.574  -12.730 -23.275 1.00 30.00 ? 101 ASN A N     1 
ATOM 762  C CA    . ASN A 1 101 ? -2.696  -11.808 -23.573 1.00 30.00 ? 101 ASN A CA    1 
ATOM 763  C C     . ASN A 1 101 ? -3.793  -11.800 -22.504 1.00 30.00 ? 101 ASN A C     1 
ATOM 764  O O     . ASN A 1 101 ? -4.670  -10.917 -22.576 1.00 30.00 ? 101 ASN A O     1 
ATOM 765  C CB    . ASN A 1 101 ? -3.291  -12.179 -24.931 1.00 30.00 ? 101 ASN A CB    1 
ATOM 766  C CG    . ASN A 1 101 ? -2.312  -12.120 -26.076 1.00 30.00 ? 101 ASN A CG    1 
ATOM 767  O OD1   . ASN A 1 101 ? -1.902  -13.146 -26.611 1.00 30.00 ? 101 ASN A OD1   1 
ATOM 768  N ND2   . ASN A 1 101 ? -1.891  -10.931 -26.470 1.00 30.00 ? 101 ASN A ND2   1 
ATOM 769  N N     . GLU A 1 102 ? -3.806  -12.771 -21.558 1.00 30.00 ? 102 GLU A N     1 
ATOM 770  C CA    . GLU A 1 102 ? -4.951  -12.998 -20.687 1.00 30.00 ? 102 GLU A CA    1 
ATOM 771  C C     . GLU A 1 102 ? -4.591  -13.379 -19.239 1.00 30.00 ? 102 GLU A C     1 
ATOM 772  O O     . GLU A 1 102 ? -5.454  -13.342 -18.379 1.00 30.00 ? 102 GLU A O     1 
ATOM 773  C CB    . GLU A 1 102 ? -5.824  -14.067 -21.304 1.00 30.00 ? 102 GLU A CB    1 
ATOM 774  C CG    . GLU A 1 102 ? -5.117  -15.446 -21.459 1.00 30.00 ? 102 GLU A CG    1 
ATOM 775  C CD    . GLU A 1 102 ? -6.013  -16.501 -22.070 1.00 30.00 ? 102 GLU A CD    1 
ATOM 776  O OE1   . GLU A 1 102 ? -6.917  -16.132 -22.866 1.00 30.00 ? 102 GLU A OE1   1 
ATOM 777  O OE2   . GLU A 1 102 ? -5.799  -17.724 -21.782 1.00 30.00 ? 102 GLU A OE2   1 
ATOM 778  N N     . SER A 1 103 ? -3.348  -13.718 -18.935 1.00 30.00 ? 103 SER A N     1 
ATOM 779  C CA    . SER A 1 103 ? -2.946  -14.220 -17.609 1.00 30.00 ? 103 SER A CA    1 
ATOM 780  C C     . SER A 1 103 ? -1.571  -13.782 -17.217 1.00 30.00 ? 103 SER A C     1 
ATOM 781  O O     . SER A 1 103 ? -0.741  -13.495 -18.068 1.00 30.00 ? 103 SER A O     1 
ATOM 782  C CB    . SER A 1 103 ? -2.984  -15.754 -17.599 1.00 30.00 ? 103 SER A CB    1 
ATOM 783  O OG    . SER A 1 103 ? -2.026  -16.259 -18.488 1.00 30.00 ? 103 SER A OG    1 
ATOM 784  N N     . CYS A 1 104 ? -1.313  -13.769 -15.914 1.00 30.00 ? 104 CYS A N     1 
ATOM 785  C CA    . CYS A 1 104 ? -0.002  -13.627 -15.348 1.00 30.00 ? 104 CYS A CA    1 
ATOM 786  C C     . CYS A 1 104 ? 0.221   -14.677 -14.222 1.00 30.00 ? 104 CYS A C     1 
ATOM 787  O O     . CYS A 1 104 ? -0.632  -14.853 -13.373 1.00 30.00 ? 104 CYS A O     1 
ATOM 788  C CB    . CYS A 1 104 ? 0.136   -12.195 -14.844 1.00 30.00 ? 104 CYS A CB    1 
ATOM 789  S SG    . CYS A 1 104 ? 1.745   -12.039 -14.074 1.00 30.00 ? 104 CYS A SG    1 
ATOM 790  N N     . THR A 1 105 ? 1.372   -15.346 -14.188 1.00 30.00 ? 105 THR A N     1 
ATOM 791  C CA    . THR A 1 105 ? 1.783   -16.306 -13.126 1.00 30.00 ? 105 THR A CA    1 
ATOM 792  C C     . THR A 1 105 ? 2.956   -15.761 -12.390 1.00 30.00 ? 105 THR A C     1 
ATOM 793  O O     . THR A 1 105 ? 3.870   -15.276 -13.027 1.00 30.00 ? 105 THR A O     1 
ATOM 794  C CB    . THR A 1 105 ? 2.117   -17.687 -13.706 1.00 30.00 ? 105 THR A CB    1 
ATOM 795  O OG1   . THR A 1 105 ? 0.944   -18.227 -14.207 1.00 30.00 ? 105 THR A OG1   1 
ATOM 796  C CG2   . THR A 1 105 ? 2.675   -18.716 -12.682 1.00 30.00 ? 105 THR A CG2   1 
ATOM 797  N N     . CYS A 1 106 ? 2.993   -15.915 -11.068 1.00 30.00 ? 106 CYS A N     1 
ATOM 798  C CA    . CYS A 1 106 ? 4.140   -15.497 -10.263 1.00 30.00 ? 106 CYS A CA    1 
ATOM 799  C C     . CYS A 1 106 ? 4.539   -16.601 -9.290  1.00 30.00 ? 106 CYS A C     1 
ATOM 800  O O     . CYS A 1 106 ? 3.689   -17.131 -8.590  1.00 30.00 ? 106 CYS A O     1 
ATOM 801  C CB    . CYS A 1 106 ? 3.792   -14.247 -9.477  1.00 30.00 ? 106 CYS A CB    1 
ATOM 802  S SG    . CYS A 1 106 ? 4.985   -13.816 -8.198  1.00 30.00 ? 106 CYS A SG    1 
ATOM 803  N N     . ARG A 1 107 ? 5.819   -16.950 -9.235  1.00 30.00 ? 107 ARG A N     1 
ATOM 804  C CA    . ARG A 1 107 ? 6.293   -17.997 -8.336  1.00 30.00 ? 107 ARG A CA    1 
ATOM 805  C C     . ARG A 1 107 ? 7.337   -17.480 -7.359  1.00 30.00 ? 107 ARG A C     1 
ATOM 806  O O     . ARG A 1 107 ? 8.316   -16.889 -7.781  1.00 30.00 ? 107 ARG A O     1 
ATOM 807  C CB    . ARG A 1 107 ? 6.894   -19.117 -9.164  1.00 30.00 ? 107 ARG A CB    1 
ATOM 808  C CG    . ARG A 1 107 ? 7.218   -20.382 -8.399  1.00 30.00 ? 107 ARG A CG    1 
ATOM 809  C CD    . ARG A 1 107 ? 7.554   -21.505 -9.365  1.00 30.00 ? 107 ARG A CD    1 
ATOM 810  N NE    . ARG A 1 107 ? 7.984   -20.992 -10.662 1.00 30.00 ? 107 ARG A NE    1 
ATOM 811  C CZ    . ARG A 1 107 ? 7.436   -21.338 -11.822 1.00 30.00 ? 107 ARG A CZ    1 
ATOM 812  N NH1   . ARG A 1 107 ? 7.892   -20.819 -12.953 1.00 30.00 ? 107 ARG A NH1   1 
ATOM 813  N NH2   . ARG A 1 107 ? 6.430   -22.197 -11.853 1.00 30.00 ? 107 ARG A NH2   1 
ATOM 814  N N     . ILE A 1 108 ? 7.155   -17.689 -6.061  1.00 30.00 ? 108 ILE A N     1 
ATOM 815  C CA    . ILE A 1 108 ? 8.060   -17.182 -5.017  1.00 30.00 ? 108 ILE A CA    1 
ATOM 816  C C     . ILE A 1 108 ? 8.830   -18.329 -4.379  1.00 30.00 ? 108 ILE A C     1 
ATOM 817  O O     . ILE A 1 108 ? 8.219   -19.320 -3.983  1.00 30.00 ? 108 ILE A O     1 
ATOM 818  C CB    . ILE A 1 108 ? 7.263   -16.350 -3.990  1.00 30.00 ? 108 ILE A CB    1 
ATOM 819  C CG1   . ILE A 1 108 ? 6.949   -14.972 -4.605  1.00 30.00 ? 108 ILE A CG1   1 
ATOM 820  C CG2   . ILE A 1 108 ? 8.012   -16.197 -2.665  1.00 30.00 ? 108 ILE A CG2   1 
ATOM 821  C CD1   . ILE A 1 108 ? 6.241   -13.967 -3.688  1.00 30.00 ? 108 ILE A CD1   1 
ATOM 822  N N     . TYR A 1 109 ? 10.153  -18.184 -4.247  1.00 30.00 ? 109 TYR A N     1 
ATOM 823  C CA    . TYR A 1 109 ? 10.975  -19.185 -3.599  1.00 30.00 ? 109 TYR A CA    1 
ATOM 824  C C     . TYR A 1 109 ? 11.452  -18.671 -2.256  1.00 30.00 ? 109 TYR A C     1 
ATOM 825  O O     . TYR A 1 109 ? 11.570  -17.470 -2.074  1.00 30.00 ? 109 TYR A O     1 
ATOM 826  C CB    . TYR A 1 109 ? 12.176  -19.506 -4.477  1.00 30.00 ? 109 TYR A CB    1 
ATOM 827  C CG    . TYR A 1 109 ? 11.839  -19.931 -5.887  1.00 30.00 ? 109 TYR A CG    1 
ATOM 828  C CD1   . TYR A 1 109 ? 11.567  -18.997 -6.877  1.00 30.00 ? 109 TYR A CD1   1 
ATOM 829  C CD2   . TYR A 1 109 ? 11.817  -21.271 -6.234  1.00 30.00 ? 109 TYR A CD2   1 
ATOM 830  C CE1   . TYR A 1 109 ? 11.262  -19.386 -8.162  1.00 30.00 ? 109 TYR A CE1   1 
ATOM 831  C CE2   . TYR A 1 109 ? 11.518  -21.671 -7.520  1.00 30.00 ? 109 TYR A CE2   1 
ATOM 832  C CZ    . TYR A 1 109 ? 11.242  -20.724 -8.479  1.00 30.00 ? 109 TYR A CZ    1 
ATOM 833  O OH    . TYR A 1 109 ? 10.945  -21.123 -9.759  1.00 30.00 ? 109 TYR A OH    1 
ATOM 834  N N     . ARG A 1 110 ? 11.716  -19.568 -1.313  1.00 30.00 ? 110 ARG A N     1 
ATOM 835  C CA    . ARG A 1 110 ? 12.227  -19.180 -0.003  1.00 30.00 ? 110 ARG A CA    1 
ATOM 836  C C     . ARG A 1 110 ? 13.276  -20.214 0.392   1.00 30.00 ? 110 ARG A C     1 
ATOM 837  O O     . ARG A 1 110 ? 13.150  -21.368 0.004   1.00 30.00 ? 110 ARG A O     1 
ATOM 838  C CB    . ARG A 1 110 ? 11.108  -19.168 1.030   1.00 30.00 ? 110 ARG A CB    1 
ATOM 839  C CG    . ARG A 1 110 ? 10.157  -17.992 0.938   1.00 30.00 ? 110 ARG A CG    1 
ATOM 840  C CD    . ARG A 1 110 ? 9.140   -18.041 2.061   1.00 30.00 ? 110 ARG A CD    1 
ATOM 841  N NE    . ARG A 1 110 ? 9.758   -18.438 3.319   1.00 30.00 ? 110 ARG A NE    1 
ATOM 842  C CZ    . ARG A 1 110 ? 9.363   -18.008 4.512   1.00 30.00 ? 110 ARG A CZ    1 
ATOM 843  N NH1   . ARG A 1 110 ? 9.983   -18.425 5.604   1.00 30.00 ? 110 ARG A NH1   1 
ATOM 844  N NH2   . ARG A 1 110 ? 8.348   -17.166 4.612   1.00 30.00 ? 110 ARG A NH2   1 
ATOM 845  N N     . LYS A 1 111 ? 14.208  -19.954 1.161   1.00 30.00 ? 111 LYS A N     1 
ATOM 846  C CA    . LYS A 1 111 ? 15.356  -20.821 1.434   1.00 30.00 ? 111 LYS A CA    1 
ATOM 847  C C     . LYS A 1 111 ? 15.081  -22.035 2.320   1.00 30.00 ? 111 LYS A C     1 
ATOM 848  O O     . LYS A 1 111 ? 15.643  -23.101 2.085   1.00 30.00 ? 111 LYS A O     1 
ATOM 849  C CB    . LYS A 1 111 ? 16.484  -20.007 2.058   1.00 30.00 ? 111 LYS A CB    1 
ATOM 850  C CG    . LYS A 1 111 ? 16.811  -18.709 1.346   1.00 30.00 ? 111 LYS A CG    1 
ATOM 851  C CD    . LYS A 1 111 ? 17.646  -17.805 2.236   1.00 30.00 ? 111 LYS A CD    1 
ATOM 852  C CE    . LYS A 1 111 ? 18.206  -16.626 1.460   1.00 30.00 ? 111 LYS A CE    1 
ATOM 853  N NZ    . LYS A 1 111 ? 18.722  -17.035 0.125   1.00 30.00 ? 111 LYS A NZ    1 
ATOM 854  N N     . ASP A 1 112 ? 14.239  -21.888 3.331   1.00 30.00 ? 112 ASP A N     1 
ATOM 855  C CA    . ASP A 1 112 ? 13.927  -22.980 4.293   1.00 30.00 ? 112 ASP A CA    1 
ATOM 856  C C     . ASP A 1 112 ? 12.886  -23.953 3.779   1.00 30.00 ? 112 ASP A C     1 
ATOM 857  O O     . ASP A 1 112 ? 13.087  -25.182 3.911   1.00 30.00 ? 112 ASP A O     1 
ATOM 858  C CB    . ASP A 1 112 ? 13.488  -22.387 5.629   1.00 30.00 ? 112 ASP A CB    1 
ATOM 859  C CG    . ASP A 1 112 ? 12.381  -21.298 5.561   1.00 30.00 ? 112 ASP A CG    1 
ATOM 860  O OD1   . ASP A 1 112 ? 11.980  -20.828 4.447   1.00 30.00 ? 112 ASP A OD1   1 
ATOM 861  O OD2   . ASP A 1 112 ? 11.938  -20.891 6.649   1.00 30.00 ? 112 ASP A OD2   1 
ATOM 862  N N     . ARG A 1 113 ? 11.813  -23.440 3.154   1.00 30.00 ? 113 ARG A N     1 
ATOM 863  C CA    . ARG A 1 113 ? 10.758  -24.223 2.499   1.00 30.00 ? 113 ARG A CA    1 
ATOM 864  C C     . ARG A 1 113 ? 11.267  -24.934 1.245   1.00 30.00 ? 113 ARG A C     1 
ATOM 865  O O     . ARG A 1 113 ? 11.681  -24.284 0.304   1.00 30.00 ? 113 ARG A O     1 
ATOM 866  C CB    . ARG A 1 113 ? 9.585   -23.336 2.055   1.00 30.00 ? 113 ARG A CB    1 
ATOM 867  C CG    . ARG A 1 113 ? 8.882   -22.494 3.127   1.00 30.00 ? 113 ARG A CG    1 
ATOM 868  C CD    . ARG A 1 113 ? 7.500   -22.109 2.568   1.00 30.00 ? 113 ARG A CD    1 
ATOM 869  N NE    . ARG A 1 113 ? 6.877   -20.903 3.146   1.00 30.00 ? 113 ARG A NE    1 
ATOM 870  C CZ    . ARG A 1 113 ? 6.596   -20.627 4.399   1.00 30.00 ? 113 ARG A CZ    1 
ATOM 871  N NH1   . ARG A 1 113 ? 5.855   -19.596 4.676   1.00 30.00 ? 113 ARG A NH1   1 
ATOM 872  N NH2   . ARG A 1 113 ? 7.041   -21.335 5.391   1.00 30.00 ? 113 ARG A NH2   1 
ATOM 873  N N     . ASN A 1 114 ? 11.090  -26.251 1.152   1.00 30.00 ? 114 ASN A N     1 
ATOM 874  C CA    . ASN A 1 114 ? 11.444  -27.006 -0.050  1.00 30.00 ? 114 ASN A CA    1 
ATOM 875  C C     . ASN A 1 114 ? 10.603  -26.701 -1.270  1.00 30.00 ? 114 ASN A C     1 
ATOM 876  O O     . ASN A 1 114 ? 11.108  -26.706 -2.387  1.00 30.00 ? 114 ASN A O     1 
ATOM 877  C CB    . ASN A 1 114 ? 11.401  -28.505 0.230   1.00 30.00 ? 114 ASN A CB    1 
ATOM 878  C CG    . ASN A 1 114 ? 12.467  -28.943 1.211   1.00 30.00 ? 114 ASN A CG    1 
ATOM 879  O OD1   . ASN A 1 114 ? 13.649  -29.009 0.874   1.00 30.00 ? 114 ASN A OD1   1 
ATOM 880  N ND2   . ASN A 1 114 ? 12.054  -29.245 2.435   1.00 30.00 ? 114 ASN A ND2   1 
ATOM 881  N N     . HIS A 1 115 ? 9.314   -26.482 -1.078  1.00 30.00 ? 115 HIS A N     1 
ATOM 882  C CA    . HIS A 1 115 ? 8.441   -26.270 -2.220  1.00 30.00 ? 115 HIS A CA    1 
ATOM 883  C C     . HIS A 1 115 ? 8.138   -24.803 -2.596  1.00 30.00 ? 115 HIS A C     1 
ATOM 884  O O     . HIS A 1 115 ? 7.571   -24.084 -1.780  1.00 30.00 ? 115 HIS A O     1 
ATOM 885  C CB    . HIS A 1 115 ? 7.117   -27.005 -2.009  1.00 30.00 ? 115 HIS A CB    1 
ATOM 886  C CG    . HIS A 1 115 ? 7.239   -28.495 -2.051  1.00 30.00 ? 115 HIS A CG    1 
ATOM 887  N ND1   . HIS A 1 115 ? 7.166   -29.279 -0.921  1.00 30.00 ? 115 HIS A ND1   1 
ATOM 888  C CD2   . HIS A 1 115 ? 7.426   -29.345 -3.088  1.00 30.00 ? 115 HIS A CD2   1 
ATOM 889  C CE1   . HIS A 1 115 ? 7.306   -30.548 -1.258  1.00 30.00 ? 115 HIS A CE1   1 
ATOM 890  N NE2   . HIS A 1 115 ? 7.464   -30.615 -2.568  1.00 30.00 ? 115 HIS A NE2   1 
ATOM 891  N N     . PRO A 1 116 ? 8.511   -24.341 -3.831  1.00 30.00 ? 116 PRO A N     1 
ATOM 892  C CA    . PRO A 1 116 ? 8.072   -22.968 -4.196  1.00 30.00 ? 116 PRO A CA    1 
ATOM 893  C C     . PRO A 1 116 ? 6.570   -22.811 -4.083  1.00 30.00 ? 116 PRO A C     1 
ATOM 894  O O     . PRO A 1 116 ? 5.858   -23.792 -4.205  1.00 30.00 ? 116 PRO A O     1 
ATOM 895  C CB    . PRO A 1 116 ? 8.538   -22.743 -5.634  1.00 30.00 ? 116 PRO A CB    1 
ATOM 896  C CG    . PRO A 1 116 ? 8.490   -24.152 -6.211  1.00 30.00 ? 116 PRO A CG    1 
ATOM 897  C CD    . PRO A 1 116 ? 8.885   -25.069 -5.019  1.00 30.00 ? 116 PRO A CD    1 
ATOM 898  N N     . ILE A 1 117 ? 6.039   -21.588 -3.958  1.00 30.00 ? 117 ILE A N     1 
ATOM 899  C CA    . ILE A 1 117 ? 4.579   -21.330 -4.000  1.00 30.00 ? 117 ILE A CA    1 
ATOM 900  C C     . ILE A 1 117 ? 4.221   -20.559 -5.265  1.00 30.00 ? 117 ILE A C     1 
ATOM 901  O O     . ILE A 1 117 ? 4.823   -19.516 -5.524  1.00 30.00 ? 117 ILE A O     1 
ATOM 902  C CB    . ILE A 1 117 ? 4.092   -20.624 -2.712  1.00 30.00 ? 117 ILE A CB    1 
ATOM 903  C CG1   . ILE A 1 117 ? 4.206   -21.631 -1.548  1.00 30.00 ? 117 ILE A CG1   1 
ATOM 904  C CG2   . ILE A 1 117 ? 2.652   -20.088 -2.843  1.00 30.00 ? 117 ILE A CG2   1 
ATOM 905  C CD1   . ILE A 1 117 ? 3.718   -21.148 -0.180  1.00 30.00 ? 117 ILE A CD1   1 
ATOM 906  N N     . CYS A 1 118 ? 3.256   -21.044 -6.061  1.00 30.00 ? 118 CYS A N     1 
ATOM 907  C CA    . CYS A 1 118 ? 2.871   -20.369 -7.312  1.00 30.00 ? 118 CYS A CA    1 
ATOM 908  C C     . CYS A 1 118 ? 1.387   -20.033 -7.489  1.00 30.00 ? 118 CYS A C     1 
ATOM 909  O O     . CYS A 1 118 ? 0.540   -20.888 -7.269  1.00 30.00 ? 118 CYS A O     1 
ATOM 910  C CB    . CYS A 1 118 ? 3.324   -21.215 -8.496  1.00 30.00 ? 118 CYS A CB    1 
ATOM 911  S SG    . CYS A 1 118 ? 2.631   -20.734 -10.090 1.00 30.00 ? 118 CYS A SG    1 
ATOM 912  N N     . VAL A 1 119 ? 1.054   -18.809 -7.911  1.00 30.00 ? 119 VAL A N     1 
ATOM 913  C CA    . VAL A 1 119 ? -0.290  -18.248 -8.101  1.00 30.00 ? 119 VAL A CA    1 
ATOM 914  C C     . VAL A 1 119 ? -0.498  -17.715 -9.510  1.00 30.00 ? 119 VAL A C     1 
ATOM 915  O O     . VAL A 1 119 ? 0.464   -17.167 -10.061 1.00 30.00 ? 119 VAL A O     1 
ATOM 916  C CB    . VAL A 1 119 ? -0.630  -17.224 -7.040  1.00 30.00 ? 119 VAL A CB    1 
ATOM 917  C CG1   . VAL A 1 119 ? -1.720  -16.228 -7.307  1.00 30.00 ? 119 VAL A CG1   1 
ATOM 918  C CG2   . VAL A 1 119 ? -0.808  -17.910 -5.717  1.00 30.00 ? 119 VAL A CG2   1 
ATOM 919  N N     . THR A 1 120 ? -1.701  -17.831 -10.094 1.00 30.00 ? 120 THR A N     1 
ATOM 920  C CA    . THR A 1 120 ? -1.960  -17.267 -11.422 1.00 30.00 ? 120 THR A CA    1 
ATOM 921  C C     . THR A 1 120 ? -3.137  -16.305 -11.429 1.00 30.00 ? 120 THR A C     1 
ATOM 922  O O     . THR A 1 120 ? -4.180  -16.610 -10.864 1.00 30.00 ? 120 THR A O     1 
ATOM 923  C CB    . THR A 1 120 ? -2.245  -18.384 -12.438 1.00 30.00 ? 120 THR A CB    1 
ATOM 924  O OG1   . THR A 1 120 ? -1.176  -19.338 -12.411 1.00 30.00 ? 120 THR A OG1   1 
ATOM 925  C CG2   . THR A 1 120 ? -2.381  -17.831 -13.848 1.00 30.00 ? 120 THR A CG2   1 
ATOM 926  N N     . GLU A 1 121 ? -2.982  -15.143 -12.058 1.00 30.00 ? 121 GLU A N     1 
ATOM 927  C CA    . GLU A 1 121 ? -4.072  -14.178 -12.151 1.00 30.00 ? 121 GLU A CA    1 
ATOM 928  C C     . GLU A 1 121 ? -4.606  -14.071 -13.566 1.00 30.00 ? 121 GLU A C     1 
ATOM 929  O O     . GLU A 1 121 ? -3.912  -14.432 -14.501 1.00 30.00 ? 121 GLU A O     1 
ATOM 930  C CB    . GLU A 1 121 ? -3.632  -12.812 -11.652 1.00 30.00 ? 121 GLU A CB    1 
ATOM 931  C CG    . GLU A 1 121 ? -3.495  -12.717 -10.143 1.00 30.00 ? 121 GLU A CG    1 
ATOM 932  C CD    . GLU A 1 121 ? -4.797  -12.978 -9.417  1.00 30.00 ? 121 GLU A CD    1 
ATOM 933  O OE1   . GLU A 1 121 ? -5.789  -12.272 -9.693  1.00 30.00 ? 121 GLU A OE1   1 
ATOM 934  O OE2   . GLU A 1 121 ? -4.828  -13.886 -8.561  1.00 30.00 ? 121 GLU A OE2   1 
ATOM 935  N N     . TRP A 1 122 ? -5.826  -13.576 -13.734 1.00 30.00 ? 122 TRP A N     1 
ATOM 936  C CA    . TRP A 1 122 ? -6.468  -13.494 -15.049 1.00 30.00 ? 122 TRP A CA    1 
ATOM 937  C C     . TRP A 1 122 ? -6.972  -12.058 -15.385 1.00 30.00 ? 122 TRP A C     1 
ATOM 938  O O     . TRP A 1 122 ? -7.622  -11.416 -14.568 1.00 30.00 ? 122 TRP A O     1 
ATOM 939  C CB    . TRP A 1 122 ? -7.589  -14.500 -15.069 1.00 30.00 ? 122 TRP A CB    1 
ATOM 940  C CG    . TRP A 1 122 ? -7.162  -15.946 -14.860 1.00 30.00 ? 122 TRP A CG    1 
ATOM 941  C CD1   . TRP A 1 122 ? -7.109  -16.625 -13.671 1.00 30.00 ? 122 TRP A CD1   1 
ATOM 942  C CD2   . TRP A 1 122 ? -6.669  -16.891 -15.847 1.00 30.00 ? 122 TRP A CD2   1 
ATOM 943  N NE1   . TRP A 1 122 ? -6.601  -17.914 -13.850 1.00 30.00 ? 122 TRP A NE1   1 
ATOM 944  C CE2   . TRP A 1 122 ? -6.299  -18.123 -15.169 1.00 30.00 ? 122 TRP A CE2   1 
ATOM 945  C CE3   . TRP A 1 122 ? -6.500  -16.825 -17.247 1.00 30.00 ? 122 TRP A CE3   1 
ATOM 946  C CZ2   . TRP A 1 122 ? -5.759  -19.233 -15.836 1.00 30.00 ? 122 TRP A CZ2   1 
ATOM 947  C CZ3   . TRP A 1 122 ? -5.971  -17.940 -17.932 1.00 30.00 ? 122 TRP A CZ3   1 
ATOM 948  C CH2   . TRP A 1 122 ? -5.593  -19.137 -17.232 1.00 30.00 ? 122 TRP A CH2   1 
ATOM 949  N N     . MET A 1 123 ? -6.680  -11.524 -16.583 1.00 30.00 ? 123 MET A N     1 
ATOM 950  C CA    . MET A 1 123 ? -6.905  -10.085 -16.883 1.00 30.00 ? 123 MET A CA    1 
ATOM 951  C C     . MET A 1 123 ? -8.366  -9.669  -16.917 1.00 30.00 ? 123 MET A C     1 
ATOM 952  O O     . MET A 1 123 ? -8.736  -8.620  -16.391 1.00 30.00 ? 123 MET A O     1 
ATOM 953  C CB    . MET A 1 123 ? -6.231  -9.650  -18.193 1.00 30.00 ? 123 MET A CB    1 
ATOM 954  C CG    . MET A 1 123 ? -6.193  -8.101  -18.270 1.00 30.00 ? 123 MET A CG    1 
ATOM 955  S SD    . MET A 1 123 ? -5.272  -7.364  -19.638 1.00 30.00 ? 123 MET A SD    1 
ATOM 956  C CE    . MET A 1 123 ? -3.594  -7.709  -19.077 1.00 30.00 ? 123 MET A CE    1 
ATOM 957  N N     . ASP A 1 124 ? -9.208  -10.466 -17.523 1.00 30.00 ? 124 ASP A N     1 
ATOM 958  C CA    . ASP A 1 124 ? -10.598 -10.075 -17.768 1.00 30.00 ? 124 ASP A CA    1 
ATOM 959  C C     . ASP A 1 124 ? -11.463 -10.078 -16.505 1.00 30.00 ? 124 ASP A C     1 
ATOM 960  O O     . ASP A 1 124 ? -12.578 -9.556  -16.557 1.00 30.00 ? 124 ASP A O     1 
ATOM 961  C CB    . ASP A 1 124 ? -11.197 -10.916 -18.878 1.00 30.00 ? 124 ASP A CB    1 
ATOM 962  C CG    . ASP A 1 124 ? -11.292 -12.437 -18.570 1.00 30.00 ? 124 ASP A CG    1 
ATOM 963  O OD1   . ASP A 1 124 ? -10.762 -12.947 -17.539 1.00 30.00 ? 124 ASP A OD1   1 
ATOM 964  O OD2   . ASP A 1 124 ? -11.899 -13.134 -19.389 1.00 30.00 ? 124 ASP A OD2   1 
ATOM 965  N N     . GLU A 1 125 ? -10.964 -10.598 -15.362 1.00 30.00 ? 125 GLU A N     1 
ATOM 966  C CA    . GLU A 1 125 ? -11.563 -10.399 -14.043 1.00 30.00 ? 125 GLU A CA    1 
ATOM 967  C C     . GLU A 1 125 ? -10.866 -9.333  -13.224 1.00 30.00 ? 125 GLU A C     1 
ATOM 968  O O     . GLU A 1 125 ? -11.483 -8.748  -12.343 1.00 30.00 ? 125 GLU A O     1 
ATOM 969  C CB    . GLU A 1 125 ? -11.626 -11.754 -13.270 1.00 30.00 ? 125 GLU A CB    1 
ATOM 970  C CG    . GLU A 1 125 ? -10.265 -12.411 -12.983 1.00 30.00 ? 125 GLU A CG    1 
ATOM 971  C CD    . GLU A 1 125 ? -10.345 -13.723 -12.143 1.00 30.00 ? 125 GLU A CD    1 
ATOM 972  O OE1   . GLU A 1 125 ? -11.287 -14.498 -12.318 1.00 30.00 ? 125 GLU A OE1   1 
ATOM 973  O OE2   . GLU A 1 125 ? -9.463  -13.993 -11.293 1.00 30.00 ? 125 GLU A OE2   1 
ATOM 974  N N     . CYS A 1 126 ? -9.602  -9.071  -13.522 1.00 30.00 ? 126 CYS A N     1 
ATOM 975  C CA    . CYS A 1 126 ? -8.861  -8.051  -12.809 1.00 30.00 ? 126 CYS A CA    1 
ATOM 976  C C     . CYS A 1 126 ? -9.070  -6.689  -13.436 1.00 30.00 ? 126 CYS A C     1 
ATOM 977  O O     . CYS A 1 126 ? -9.004  -5.679  -12.746 1.00 30.00 ? 126 CYS A O     1 
ATOM 978  C CB    . CYS A 1 126 ? -7.379  -8.399  -12.799 1.00 30.00 ? 126 CYS A CB    1 
ATOM 979  S SG    . CYS A 1 126 ? -6.910  -9.661  -11.599 1.00 30.00 ? 126 CYS A SG    1 
ATOM 980  N N     . ARG A 1 127 ? -9.286  -6.591  -14.748 1.00 30.00 ? 127 ARG A N     1 
ATOM 981  C CA    . ARG A 1 127 ? -9.387  -5.307  -15.428 1.00 30.00 ? 127 ARG A CA    1 
ATOM 982  C C     . ARG A 1 127 ? -10.611 -4.559  -14.956 1.00 30.00 ? 127 ARG A C     1 
ATOM 983  O O     . ARG A 1 127 ? -11.600 -5.151  -14.546 1.00 30.00 ? 127 ARG A O     1 
ATOM 984  C CB    . ARG A 1 127 ? -9.348  -5.433  -16.952 1.00 30.00 ? 127 ARG A CB    1 
ATOM 985  C CG    . ARG A 1 127 ? -10.719 -5.720  -17.598 1.00 30.00 ? 127 ARG A CG    1 
ATOM 986  C CD    . ARG A 1 127 ? -10.660 -5.770  -19.128 1.00 30.00 ? 127 ARG A CD    1 
ATOM 987  N NE    . ARG A 1 127 ? -9.960  -4.585  -19.670 1.00 30.00 ? 127 ARG A NE    1 
ATOM 988  C CZ    . ARG A 1 127 ? -8.785  -4.577  -20.268 1.00 30.00 ? 127 ARG A CZ    1 
ATOM 989  N NH1   . ARG A 1 127 ? -8.100  -3.480  -20.400 1.00 30.00 ? 127 ARG A NH1   1 
ATOM 990  N NH2   . ARG A 1 127 ? -8.248  -5.667  -20.729 1.00 30.00 ? 127 ARG A NH2   1 
ATOM 991  N N     . ARG A 1 128 ? -10.554 -3.226  -14.990 1.00 30.00 ? 128 ARG A N     1 
ATOM 992  C CA    . ARG A 1 128 ? -11.660 -2.350  -14.583 1.00 30.00 ? 128 ARG A CA    1 
ATOM 993  C C     . ARG A 1 128 ? -12.151 -1.499  -15.738 1.00 30.00 ? 128 ARG A C     1 
ATOM 994  O O     . ARG A 1 128 ? -11.372 -1.104  -16.607 1.00 30.00 ? 128 ARG A O     1 
ATOM 995  C CB    . ARG A 1 128 ? -11.288 -1.492  -13.361 1.00 30.00 ? 128 ARG A CB    1 
ATOM 996  C CG    . ARG A 1 128 ? -11.041 -2.343  -12.105 1.00 30.00 ? 128 ARG A CG    1 
ATOM 997  C CD    . ARG A 1 128 ? -11.471 -1.634  -10.811 1.00 30.00 ? 128 ARG A CD    1 
ATOM 998  N NE    . ARG A 1 128 ? -10.569 -0.539  -10.401 1.00 30.00 ? 128 ARG A NE    1 
ATOM 999  C CZ    . ARG A 1 128 ? -10.856 0.506   -9.649  1.00 30.00 ? 128 ARG A CZ    1 
ATOM 1000 N NH1   . ARG A 1 128 ? -9.903  1.279   -9.237  1.00 30.00 ? 128 ARG A NH1   1 
ATOM 1001 N NH2   . ARG A 1 128 ? -12.068 0.797   -9.280  1.00 30.00 ? 128 ARG A NH2   1 
ATOM 1002 N N     . GLU A 1 129 ? -13.445 -1.207  -15.722 1.00 30.00 ? 129 GLU A N     1 
ATOM 1003 C CA    . GLU A 1 129 ? -14.061 -0.397  -16.769 1.00 30.00 ? 129 GLU A CA    1 
ATOM 1004 C C     . GLU A 1 129 ? -13.695 1.097   -16.676 1.00 30.00 ? 129 GLU A C     1 
ATOM 1005 O O     . GLU A 1 129 ? -13.324 1.560   -15.599 1.00 30.00 ? 129 GLU A O     1 
ATOM 1006 C CB    . GLU A 1 129 ? -15.577 -0.580  -16.742 1.00 30.00 ? 129 GLU A CB    1 
ATOM 1007 C CG    . GLU A 1 129 ? -16.030 -2.012  -16.976 1.00 30.00 ? 129 GLU A CG    1 
ATOM 1008 C CD    . GLU A 1 129 ? -15.295 -2.681  -18.122 1.00 30.00 ? 129 GLU A CD    1 
ATOM 1009 O OE1   . GLU A 1 129 ? -15.500 -2.271  -19.284 1.00 30.00 ? 129 GLU A OE1   1 
ATOM 1010 O OE2   . GLU A 1 129 ? -14.514 -3.621  -17.862 1.00 30.00 ? 129 GLU A OE2   1 
ATOM 1011 N N     . PRO A 1 130 ? -13.796 1.866   -17.799 1.00 30.00 ? 130 PRO A N     1 
ATOM 1012 C CA    . PRO A 1 130 ? -13.383 3.260   -17.618 1.00 30.00 ? 130 PRO A CA    1 
ATOM 1013 C C     . PRO A 1 130 ? -14.280 4.038   -16.675 1.00 30.00 ? 130 PRO A C     1 
ATOM 1014 O O     . PRO A 1 130 ? -15.500 3.910   -16.741 1.00 30.00 ? 130 PRO A O     1 
ATOM 1015 C CB    . PRO A 1 130 ? -13.512 3.839   -19.024 1.00 30.00 ? 130 PRO A CB    1 
ATOM 1016 C CG    . PRO A 1 130 ? -13.343 2.674   -19.933 1.00 30.00 ? 130 PRO A CG    1 
ATOM 1017 C CD    . PRO A 1 130 ? -13.963 1.512   -19.219 1.00 30.00 ? 130 PRO A CD    1 
ATOM 1018 N N     . PHE A 1 131 ? -13.680 4.850   -15.811 1.00 30.00 ? 131 PHE A N     1 
ATOM 1019 C CA    . PHE A 1 131 ? -14.455 5.653   -14.875 1.00 30.00 ? 131 PHE A CA    1 
ATOM 1020 C C     . PHE A 1 131 ? -15.286 6.651   -15.653 1.00 30.00 ? 131 PHE A C     1 
ATOM 1021 O O     . PHE A 1 131 ? -14.825 7.176   -16.657 1.00 30.00 ? 131 PHE A O     1 
ATOM 1022 C CB    . PHE A 1 131 ? -13.534 6.421   -13.930 1.00 30.00 ? 131 PHE A CB    1 
ATOM 1023 C CG    . PHE A 1 131 ? -12.587 5.557   -13.152 1.00 30.00 ? 131 PHE A CG    1 
ATOM 1024 C CD1   . PHE A 1 131 ? -13.047 4.747   -12.131 1.00 30.00 ? 131 PHE A CD1   1 
ATOM 1025 C CD2   . PHE A 1 131 ? -11.232 5.575   -13.428 1.00 30.00 ? 131 PHE A CD2   1 
ATOM 1026 C CE1   . PHE A 1 131 ? -12.175 3.956   -11.408 1.00 30.00 ? 131 PHE A CE1   1 
ATOM 1027 C CE2   . PHE A 1 131 ? -10.353 4.789   -12.709 1.00 30.00 ? 131 PHE A CE2   1 
ATOM 1028 C CZ    . PHE A 1 131 ? -10.825 3.978   -11.697 1.00 30.00 ? 131 PHE A CZ    1 
ATOM 1029 N N     . LYS A 1 132 ? -16.490 7.029   -15.196 1.00 30.00 ? 132 LYS A N     1 
ATOM 1030 C CA    . LYS A 1 132 ? -17.358 7.982   -15.925 1.00 30.00 ? 132 LYS A CA    1 
ATOM 1031 C C     . LYS A 1 132 ? -17.499 7.554   -17.402 1.00 30.00 ? 132 LYS A C     1 
ATOM 1032 O O     . LYS A 1 132 ? -18.349 8.090   -18.116 1.00 30.00 ? 132 LYS A O     1 
ATOM 1033 C CB    . LYS A 1 132 ? -16.831 9.430   -15.714 1.00 30.00 ? 132 LYS A CB    1 
ATOM 1034 C CG    . LYS A 1 132 ? -17.371 10.440  -16.738 1.00 30.00 ? 132 LYS A CG    1 
ATOM 1035 C CD    . LYS A 1 132 ? -16.979 11.906  -16.494 1.00 30.00 ? 132 LYS A CD    1 
ATOM 1036 C CE    . LYS A 1 132 ? -17.136 12.735  -17.780 1.00 30.00 ? 132 LYS A CE    1 
ATOM 1037 N NZ    . LYS A 1 132 ? -18.451 12.525  -18.442 1.00 30.00 ? 132 LYS A NZ    1 
ATOM 1038 N N     . ILE A 1 139 ? -11.852 10.373  -17.242 1.00 30.00 ? 139 ILE A N     1 
ATOM 1039 C CA    . ILE A 1 139 ? -12.495 9.183   -17.767 1.00 30.00 ? 139 ILE A CA    1 
ATOM 1040 C C     . ILE A 1 139 ? -11.515 8.016   -18.053 1.00 30.00 ? 139 ILE A C     1 
ATOM 1041 O O     . ILE A 1 139 ? -11.778 6.850   -17.708 1.00 30.00 ? 139 ILE A O     1 
ATOM 1042 C CB    . ILE A 1 139 ? -13.379 9.599   -18.985 1.00 30.00 ? 139 ILE A CB    1 
ATOM 1043 C CG1   . ILE A 1 139 ? -14.046 8.354   -19.569 1.00 30.00 ? 139 ILE A CG1   1 
ATOM 1044 C CG2   . ILE A 1 139 ? -12.650 10.368  -20.106 1.00 30.00 ? 139 ILE A CG2   1 
ATOM 1045 C CD1   . ILE A 1 139 ? -15.311 8.723   -20.362 1.00 30.00 ? 139 ILE A CD1   1 
ATOM 1046 N N     . THR A 1 140 ? -10.361 8.317   -18.617 1.00 30.00 ? 140 THR A N     1 
ATOM 1047 C CA    . THR A 1 140 ? -9.302  7.316   -18.916 1.00 30.00 ? 140 THR A CA    1 
ATOM 1048 C C     . THR A 1 140 ? -8.439  6.989   -17.682 1.00 30.00 ? 140 THR A C     1 
ATOM 1049 O O     . THR A 1 140 ? -7.793  7.889   -17.184 1.00 30.00 ? 140 THR A O     1 
ATOM 1050 C CB    . THR A 1 140 ? -8.444  7.857   -20.067 1.00 30.00 ? 140 THR A CB    1 
ATOM 1051 O OG1   . THR A 1 140 ? -9.230  8.203   -21.197 1.00 30.00 ? 140 THR A OG1   1 
ATOM 1052 C CG2   . THR A 1 140 ? -7.371  6.868   -20.519 1.00 30.00 ? 140 THR A CG2   1 
ATOM 1053 N N     . GLY A 1 141 ? -8.383  5.725   -17.189 1.00 30.00 ? 141 GLY A N     1 
ATOM 1054 C CA    . GLY A 1 141 ? -7.554  5.258   -16.059 1.00 30.00 ? 141 GLY A CA    1 
ATOM 1055 C C     . GLY A 1 141 ? -6.333  4.415   -16.457 1.00 30.00 ? 141 GLY A C     1 
ATOM 1056 O O     . GLY A 1 141 ? -6.167  4.093   -17.627 1.00 30.00 ? 141 GLY A O     1 
ATOM 1057 N N     . PRO A 1 142 ? -5.489  3.971   -15.493 1.00 30.00 ? 142 PRO A N     1 
ATOM 1058 C CA    . PRO A 1 142 ? -4.355  3.082   -15.761 1.00 30.00 ? 142 PRO A CA    1 
ATOM 1059 C C     . PRO A 1 142 ? -4.737  1.707   -16.298 1.00 30.00 ? 142 PRO A C     1 
ATOM 1060 O O     . PRO A 1 142 ? -3.990  1.121   -17.069 1.00 30.00 ? 142 PRO A O     1 
ATOM 1061 C CB    . PRO A 1 142 ? -3.590  2.945   -14.440 1.00 30.00 ? 142 PRO A CB    1 
ATOM 1062 C CG    . PRO A 1 142 ? -4.636  3.249   -13.388 1.00 30.00 ? 142 PRO A CG    1 
ATOM 1063 C CD    . PRO A 1 142 ? -5.542  4.288   -14.090 1.00 30.00 ? 142 PRO A CD    1 
ATOM 1064 N N     . TRP A 1 143 ? -5.921  1.209   -16.005 1.00 30.00 ? 143 TRP A N     1 
ATOM 1065 C CA    . TRP A 1 143 ? -6.446  0.008   -16.643 1.00 30.00 ? 143 TRP A CA    1 
ATOM 1066 C C     . TRP A 1 143 ? -6.812  0.228   -18.127 1.00 30.00 ? 143 TRP A C     1 
ATOM 1067 O O     . TRP A 1 143 ? -7.105  -0.750  -18.794 1.00 30.00 ? 143 TRP A O     1 
ATOM 1068 C CB    . TRP A 1 143 ? -7.625  -0.510  -15.841 1.00 30.00 ? 143 TRP A CB    1 
ATOM 1069 C CG    . TRP A 1 143 ? -7.255  -1.392  -14.660 1.00 30.00 ? 143 TRP A CG    1 
ATOM 1070 C CD1   . TRP A 1 143 ? -7.496  -1.121  -13.364 1.00 30.00 ? 143 TRP A CD1   1 
ATOM 1071 C CD2   . TRP A 1 143 ? -6.590  -2.713  -14.654 1.00 30.00 ? 143 TRP A CD2   1 
ATOM 1072 N NE1   . TRP A 1 143 ? -7.027  -2.185  -12.560 1.00 30.00 ? 143 TRP A NE1   1 
ATOM 1073 C CE2   . TRP A 1 143 ? -6.472  -3.200  -13.307 1.00 30.00 ? 143 TRP A CE2   1 
ATOM 1074 C CE3   . TRP A 1 143 ? -6.069  -3.545  -15.660 1.00 30.00 ? 143 TRP A CE3   1 
ATOM 1075 C CZ2   . TRP A 1 143 ? -5.883  -4.458  -12.963 1.00 30.00 ? 143 TRP A CZ2   1 
ATOM 1076 C CZ3   . TRP A 1 143 ? -5.471  -4.809  -15.326 1.00 30.00 ? 143 TRP A CZ3   1 
ATOM 1077 C CH2   . TRP A 1 143 ? -5.373  -5.274  -13.985 1.00 30.00 ? 143 TRP A CH2   1 
ATOM 1078 N N     . GLN A 1 144 ? -6.777  1.473   -18.670 1.00 30.00 ? 144 GLN A N     1 
ATOM 1079 C CA    . GLN A 1 144 ? -6.830  1.779   -20.110 1.00 30.00 ? 144 GLN A CA    1 
ATOM 1080 C C     . GLN A 1 144 ? -5.452  2.043   -20.681 1.00 30.00 ? 144 GLN A C     1 
ATOM 1081 O O     . GLN A 1 144 ? -5.118  1.513   -21.729 1.00 30.00 ? 144 GLN A O     1 
ATOM 1082 C CB    . GLN A 1 144 ? -7.778  2.988   -20.402 1.00 30.00 ? 144 GLN A CB    1 
ATOM 1083 C CG    . GLN A 1 144 ? -9.245  2.639   -20.291 1.00 30.00 ? 144 GLN A CG    1 
ATOM 1084 C CD    . GLN A 1 144 ? -9.698  2.291   -18.870 1.00 30.00 ? 144 GLN A CD    1 
ATOM 1085 O OE1   . GLN A 1 144 ? -9.506  3.041   -17.941 1.00 30.00 ? 144 GLN A OE1   1 
ATOM 1086 N NE2   . GLN A 1 144 ? -10.319 1.155   -18.667 1.00 30.00 ? 144 GLN A NE2   1 
ATOM 1087 N N     . SER A 1 145 ? -4.633  2.835   -20.022 1.00 30.00 ? 145 SER A N     1 
ATOM 1088 C CA    . SER A 1 145 ? -3.352  3.252   -20.573 1.00 30.00 ? 145 SER A CA    1 
ATOM 1089 C C     . SER A 1 145 ? -2.195  2.256   -20.312 1.00 30.00 ? 145 SER A C     1 
ATOM 1090 O O     . SER A 1 145 ? -1.310  2.192   -21.147 1.00 30.00 ? 145 SER A O     1 
ATOM 1091 C CB    . SER A 1 145 ? -3.019  4.646   -20.061 1.00 30.00 ? 145 SER A CB    1 
ATOM 1092 O OG    . SER A 1 145 ? -2.841  4.613   -18.658 1.00 30.00 ? 145 SER A OG    1 
ATOM 1093 N N     . HIS A 1 146 ? -2.178  1.424   -19.249 1.00 30.00 ? 146 HIS A N     1 
ATOM 1094 C CA    . HIS A 1 146 ? -1.054  0.511   -18.890 1.00 30.00 ? 146 HIS A CA    1 
ATOM 1095 C C     . HIS A 1 146 ? -1.383  -0.984  -18.575 1.00 30.00 ? 146 HIS A C     1 
ATOM 1096 O O     . HIS A 1 146 ? -0.772  -1.547  -17.660 1.00 30.00 ? 146 HIS A O     1 
ATOM 1097 C CB    . HIS A 1 146 ? -0.248  1.107   -17.712 1.00 30.00 ? 146 HIS A CB    1 
ATOM 1098 C CG    . HIS A 1 146 ? 0.370   2.457   -17.930 1.00 30.00 ? 146 HIS A CG    1 
ATOM 1099 N ND1   . HIS A 1 146 ? -0.298  3.672   -17.833 1.00 30.00 ? 146 HIS A ND1   1 
ATOM 1100 C CD2   . HIS A 1 146 ? 1.681   2.690   -18.215 1.00 30.00 ? 146 HIS A CD2   1 
ATOM 1101 C CE1   . HIS A 1 146 ? 0.618   4.614   -18.086 1.00 30.00 ? 146 HIS A CE1   1 
ATOM 1102 N NE2   . HIS A 1 146 ? 1.815   4.054   -18.316 1.00 30.00 ? 146 HIS A NE2   1 
ATOM 1103 N N     . PRO A 1 147 ? -2.264  -1.722  -19.284 1.00 30.00 ? 147 PRO A N     1 
ATOM 1104 C CA    . PRO A 1 147 ? -2.792  -3.004  -18.793 1.00 30.00 ? 147 PRO A CA    1 
ATOM 1105 C C     . PRO A 1 147 ? -1.775  -4.096  -18.438 1.00 30.00 ? 147 PRO A C     1 
ATOM 1106 O O     . PRO A 1 147 ? -1.918  -4.764  -17.418 1.00 30.00 ? 147 PRO A O     1 
ATOM 1107 C CB    . PRO A 1 147 ? -3.732  -3.506  -19.884 1.00 30.00 ? 147 PRO A CB    1 
ATOM 1108 C CG    . PRO A 1 147 ? -4.205  -2.223  -20.546 1.00 30.00 ? 147 PRO A CG    1 
ATOM 1109 C CD    . PRO A 1 147 ? -2.958  -1.351  -20.507 1.00 30.00 ? 147 PRO A CD    1 
ATOM 1110 N N     . LYS A 1 148 ? -0.722  -4.297  -19.234 1.00 30.00 ? 148 LYS A N     1 
ATOM 1111 C CA    . LYS A 1 148 ? 0.254   -5.373  -18.988 1.00 30.00 ? 148 LYS A CA    1 
ATOM 1112 C C     . LYS A 1 148 ? 1.086   -5.197  -17.717 1.00 30.00 ? 148 LYS A C     1 
ATOM 1113 O O     . LYS A 1 148 ? 1.531   -6.203  -17.175 1.00 30.00 ? 148 LYS A O     1 
ATOM 1114 C CB    . LYS A 1 148 ? 1.190   -5.557  -20.190 1.00 30.00 ? 148 LYS A CB    1 
ATOM 1115 C CG    . LYS A 1 148 ? 0.594   -6.471  -21.264 1.00 30.00 ? 148 LYS A CG    1 
ATOM 1116 C CD    . LYS A 1 148 ? 1.672   -6.882  -22.273 1.00 30.00 ? 148 LYS A CD    1 
ATOM 1117 C CE    . LYS A 1 148 ? 1.162   -8.005  -23.179 1.00 30.00 ? 148 LYS A CE    1 
ATOM 1118 N NZ    . LYS A 1 148 ? 2.249   -8.552  -24.030 1.00 30.00 ? 148 LYS A NZ    1 
ATOM 1119 N N     . ARG A 1 149 ? 1.302   -3.964  -17.237 1.00 30.00 ? 149 ARG A N     1 
ATOM 1120 C CA    . ARG A 1 149 ? 1.953   -3.696  -15.940 1.00 30.00 ? 149 ARG A CA    1 
ATOM 1121 C C     . ARG A 1 149 ? 0.965   -3.849  -14.805 1.00 30.00 ? 149 ARG A C     1 
ATOM 1122 O O     . ARG A 1 149 ? 1.267   -4.491  -13.812 1.00 30.00 ? 149 ARG A O     1 
ATOM 1123 C CB    . ARG A 1 149 ? 2.591   -2.296  -15.919 1.00 30.00 ? 149 ARG A CB    1 
ATOM 1124 C CG    . ARG A 1 149 ? 3.321   -2.039  -14.588 1.00 30.00 ? 149 ARG A CG    1 
ATOM 1125 C CD    . ARG A 1 149 ? 4.380   -0.930  -14.662 1.00 30.00 ? 149 ARG A CD    1 
ATOM 1126 N NE    . ARG A 1 149 ? 3.855   0.421   -14.404 1.00 30.00 ? 149 ARG A NE    1 
ATOM 1127 C CZ    . ARG A 1 149 ? 4.303   1.549   -14.918 1.00 30.00 ? 149 ARG A CZ    1 
ATOM 1128 N NH1   . ARG A 1 149 ? 3.885   2.679   -14.451 1.00 30.00 ? 149 ARG A NH1   1 
ATOM 1129 N NH2   . ARG A 1 149 ? 5.165   1.596   -15.890 1.00 30.00 ? 149 ARG A NH2   1 
ATOM 1130 N N     . MET A 1 150 ? -0.229  -3.303  -14.984 1.00 30.00 ? 150 MET A N     1 
ATOM 1131 C CA    . MET A 1 150 ? -1.271  -3.282  -13.971 1.00 30.00 ? 150 MET A CA    1 
ATOM 1132 C C     . MET A 1 150 ? -1.676  -4.689  -13.504 1.00 30.00 ? 150 MET A C     1 
ATOM 1133 O O     . MET A 1 150 ? -1.858  -4.915  -12.311 1.00 30.00 ? 150 MET A O     1 
ATOM 1134 C CB    . MET A 1 150 ? -2.435  -2.498  -14.573 1.00 30.00 ? 150 MET A CB    1 
ATOM 1135 C CG    . MET A 1 150 ? -3.367  -1.969  -13.503 1.00 30.00 ? 150 MET A CG    1 
ATOM 1136 S SD    . MET A 1 150 ? -2.670  -0.612  -12.562 1.00 30.00 ? 150 MET A SD    1 
ATOM 1137 C CE    . MET A 1 150 ? -4.103  -0.290  -11.506 1.00 30.00 ? 150 MET A CE    1 
ATOM 1138 N N     . LEU A 1 151 ? -1.718  -5.674  -14.407 1.00 30.00 ? 151 LEU A N     1 
ATOM 1139 C CA    . LEU A 1 151 ? -1.939  -7.074  -14.038 1.00 30.00 ? 151 LEU A CA    1 
ATOM 1140 C C     . LEU A 1 151 ? -0.771  -7.693  -13.269 1.00 30.00 ? 151 LEU A C     1 
ATOM 1141 O O     . LEU A 1 151 ? -0.999  -8.424  -12.310 1.00 30.00 ? 151 LEU A O     1 
ATOM 1142 C CB    . LEU A 1 151 ? -2.250  -7.892  -15.297 1.00 30.00 ? 151 LEU A CB    1 
ATOM 1143 C CG    . LEU A 1 151 ? -2.520  -9.379  -15.013 1.00 30.00 ? 151 LEU A CG    1 
ATOM 1144 C CD1   . LEU A 1 151 ? -3.785  -9.574  -14.188 1.00 30.00 ? 151 LEU A CD1   1 
ATOM 1145 C CD2   . LEU A 1 151 ? -2.702  -10.123 -16.324 1.00 30.00 ? 151 LEU A CD2   1 
ATOM 1146 N N     . ARG A 1 152 ? 0.478   -7.406  -13.644 1.00 30.00 ? 152 ARG A N     1 
ATOM 1147 C CA    . ARG A 1 152 ? 1.648   -7.967  -12.960 1.00 30.00 ? 152 ARG A CA    1 
ATOM 1148 C C     . ARG A 1 152 ? 1.754   -7.488  -11.517 1.00 30.00 ? 152 ARG A C     1 
ATOM 1149 O O     . ARG A 1 152 ? 2.143   -8.265  -10.654 1.00 30.00 ? 152 ARG A O     1 
ATOM 1150 C CB    . ARG A 1 152 ? 2.911   -7.666  -13.764 1.00 30.00 ? 152 ARG A CB    1 
ATOM 1151 C CG    . ARG A 1 152 ? 4.134   -8.310  -13.099 1.00 30.00 ? 152 ARG A CG    1 
ATOM 1152 C CD    . ARG A 1 152 ? 5.393   -8.273  -13.969 1.00 30.00 ? 152 ARG A CD    1 
ATOM 1153 N NE    . ARG A 1 152 ? 5.689   -6.941  -14.526 1.00 30.00 ? 152 ARG A NE    1 
ATOM 1154 C CZ    . ARG A 1 152 ? 6.034   -5.854  -13.871 1.00 30.00 ? 152 ARG A CZ    1 
ATOM 1155 N NH1   . ARG A 1 152 ? 6.283   -4.755  -14.510 1.00 30.00 ? 152 ARG A NH1   1 
ATOM 1156 N NH2   . ARG A 1 152 ? 6.141   -5.830  -12.579 1.00 30.00 ? 152 ARG A NH2   1 
ATOM 1157 N N     . HIS A 1 153 ? 1.337   -6.260  -11.220 1.00 30.00 ? 153 HIS A N     1 
ATOM 1158 C CA    . HIS A 1 153 ? 1.214   -5.796  -9.837  1.00 30.00 ? 153 HIS A CA    1 
ATOM 1159 C C     . HIS A 1 153 ? 0.264   -6.684  -9.035  1.00 30.00 ? 153 HIS A C     1 
ATOM 1160 O O     . HIS A 1 153 ? 0.619   -7.139  -7.953  1.00 30.00 ? 153 HIS A O     1 
ATOM 1161 C CB    . HIS A 1 153 ? 0.736   -4.341  -9.790  1.00 30.00 ? 153 HIS A CB    1 
ATOM 1162 C CG    . HIS A 1 153 ? 1.684   -3.326  -10.367 1.00 30.00 ? 153 HIS A CG    1 
ATOM 1163 N ND1   . HIS A 1 153 ? 3.076   -3.420  -10.366 1.00 30.00 ? 153 HIS A ND1   1 
ATOM 1164 C CD2   . HIS A 1 153 ? 1.329   -2.049  -10.674 1.00 30.00 ? 153 HIS A CD2   1 
ATOM 1165 C CE1   . HIS A 1 153 ? 3.516   -2.190  -10.660 1.00 30.00 ? 153 HIS A CE1   1 
ATOM 1166 N NE2   . HIS A 1 153 ? 2.493   -1.348  -10.855 1.00 30.00 ? 153 HIS A NE2   1 
ATOM 1167 N N     . LYS A 1 154 ? -0.924  -6.981  -9.572  1.00 30.00 ? 154 LYS A N     1 
ATOM 1168 C CA    . LYS A 1 154 ? -1.919  -7.821  -8.893  1.00 30.00 ? 154 LYS A CA    1 
ATOM 1169 C C     . LYS A 1 154 ? -1.415  -9.245  -8.653  1.00 30.00 ? 154 LYS A C     1 
ATOM 1170 O O     . LYS A 1 154 ? -1.619  -9.760  -7.566  1.00 30.00 ? 154 LYS A O     1 
ATOM 1171 C CB    . LYS A 1 154 ? -3.263  -7.766  -9.633  1.00 30.00 ? 154 LYS A CB    1 
ATOM 1172 C CG    . LYS A 1 154 ? -4.260  -6.819  -8.982  1.00 30.00 ? 154 LYS A CG    1 
ATOM 1173 C CD    . LYS A 1 154 ? -3.939  -5.334  -9.013  1.00 30.00 ? 154 LYS A CD    1 
ATOM 1174 C CE    . LYS A 1 154 ? -4.813  -4.524  -8.079  1.00 30.00 ? 154 LYS A CE    1 
ATOM 1175 N NZ    . LYS A 1 154 ? -4.602  -3.075  -8.106  1.00 30.00 ? 154 LYS A NZ    1 
ATOM 1176 N N     . ALA A 1 155 ? -0.655  -9.850  -9.562  1.00 30.00 ? 155 ALA A N     1 
ATOM 1177 C CA    . ALA A 1 155 ? -0.184  -11.215 -9.400  1.00 30.00 ? 155 ALA A CA    1 
ATOM 1178 C C     . ALA A 1 155 ? 0.919   -11.347 -8.377  1.00 30.00 ? 155 ALA A C     1 
ATOM 1179 O O     . ALA A 1 155 ? 1.083   -12.402 -7.786  1.00 30.00 ? 155 ALA A O     1 
ATOM 1180 C CB    . ALA A 1 155 ? 0.273   -11.780 -10.720 1.00 30.00 ? 155 ALA A CB    1 
ATOM 1181 N N     . MET A 1 156 ? 1.685   -10.287 -8.168  1.00 30.00 ? 156 MET A N     1 
ATOM 1182 C CA    . MET A 1 156 ? 2.731   -10.325 -7.165  1.00 30.00 ? 156 MET A CA    1 
ATOM 1183 C C     . MET A 1 156 ? 2.086   -10.222 -5.810  1.00 30.00 ? 156 MET A C     1 
ATOM 1184 O O     . MET A 1 156 ? 2.378   -11.009 -4.921  1.00 30.00 ? 156 MET A O     1 
ATOM 1185 C CB    . MET A 1 156 ? 3.722   -9.183  -7.354  1.00 30.00 ? 156 MET A CB    1 
ATOM 1186 C CG    . MET A 1 156 ? 4.960   -9.280  -6.479  1.00 30.00 ? 156 MET A CG    1 
ATOM 1187 S SD    . MET A 1 156 ? 4.910   -8.179  -5.052  1.00 30.00 ? 156 MET A SD    1 
ATOM 1188 C CE    . MET A 1 156 ? 5.787   -6.758  -5.688  1.00 30.00 ? 156 MET A CE    1 
ATOM 1189 N N     . ILE A 1 157 ? 1.203   -9.248  -5.648  1.00 30.00 ? 157 ILE A N     1 
ATOM 1190 C CA    . ILE A 1 157 ? 0.492   -9.099  -4.376  1.00 30.00 ? 157 ILE A CA    1 
ATOM 1191 C C     . ILE A 1 157 ? -0.146  -10.418 -3.929  1.00 30.00 ? 157 ILE A C     1 
ATOM 1192 O O     . ILE A 1 157 ? 0.075   -10.921 -2.812  1.00 30.00 ? 157 ILE A O     1 
ATOM 1193 C CB    . ILE A 1 157 ? -0.540  -7.937  -4.510  1.00 30.00 ? 157 ILE A CB    1 
ATOM 1194 C CG1   . ILE A 1 157 ? 0.150   -6.574  -4.632  1.00 30.00 ? 157 ILE A CG1   1 
ATOM 1195 C CG2   . ILE A 1 157 ? -1.522  -7.940  -3.337  1.00 30.00 ? 157 ILE A CG2   1 
ATOM 1196 C CD1   . ILE A 1 157 ? -0.769  -5.402  -5.064  1.00 30.00 ? 157 ILE A CD1   1 
ATOM 1197 N N     . GLN A 1 158 ? -0.955  -11.021 -4.793  1.00 30.00 ? 158 GLN A N     1 
ATOM 1198 C CA    . GLN A 1 158 ? -1.663  -12.256 -4.417  1.00 30.00 ? 158 GLN A CA    1 
ATOM 1199 C C     . GLN A 1 158 ? -0.749  -13.401 -4.017  1.00 30.00 ? 158 GLN A C     1 
ATOM 1200 O O     . GLN A 1 158 ? -1.099  -14.185 -3.147  1.00 30.00 ? 158 GLN A O     1 
ATOM 1201 C CB    . GLN A 1 158 ? -2.625  -12.698 -5.511  1.00 30.00 ? 158 GLN A CB    1 
ATOM 1202 C CG    . GLN A 1 158 ? -3.721  -11.697 -5.819  1.00 30.00 ? 158 GLN A CG    1 
ATOM 1203 C CD    . GLN A 1 158 ? -4.552  -11.344 -4.605  1.00 30.00 ? 158 GLN A CD    1 
ATOM 1204 O OE1   . GLN A 1 158 ? -5.010  -12.221 -3.877  1.00 30.00 ? 158 GLN A OE1   1 
ATOM 1205 N NE2   . GLN A 1 158 ? -4.754  -10.052 -4.384  1.00 30.00 ? 158 GLN A NE2   1 
ATOM 1206 N N     . CYS A 1 159 ? 0.405   -13.521 -4.649  1.00 30.00 ? 159 CYS A N     1 
ATOM 1207 C CA    . CYS A 1 159 ? 1.384   -14.552 -4.239  1.00 30.00 ? 159 CYS A CA    1 
ATOM 1208 C C     . CYS A 1 159 ? 2.035   -14.254 -2.890  1.00 30.00 ? 159 CYS A C     1 
ATOM 1209 O O     . CYS A 1 159 ? 2.130   -15.147 -2.010  1.00 30.00 ? 159 CYS A O     1 
ATOM 1210 C CB    . CYS A 1 159 ? 2.397   -14.677 -5.357  1.00 30.00 ? 159 CYS A CB    1 
ATOM 1211 S SG    . CYS A 1 159 ? 3.438   -16.136 -4.971  1.00 30.00 ? 159 CYS A SG    1 
ATOM 1212 N N     . ALA A 1 160 ? 2.431   -13.005 -2.674  1.00 30.00 ? 160 ALA A N     1 
ATOM 1213 C CA    . ALA A 1 160 ? 3.073   -12.620 -1.419  1.00 30.00 ? 160 ALA A CA    1 
ATOM 1214 C C     . ALA A 1 160 ? 2.141   -12.733 -0.240  1.00 30.00 ? 160 ALA A C     1 
ATOM 1215 O O     . ALA A 1 160 ? 2.593   -12.813 0.894   1.00 30.00 ? 160 ALA A O     1 
ATOM 1216 C CB    . ALA A 1 160 ? 3.606   -11.215 -1.520  1.00 30.00 ? 160 ALA A CB    1 
ATOM 1217 N N     . ARG A 1 161 ? 0.811   -12.699 -0.429  1.00 30.00 ? 161 ARG A N     1 
ATOM 1218 C CA    . ARG A 1 161 ? -0.164  -12.946 0.653   1.00 30.00 ? 161 ARG A CA    1 
ATOM 1219 C C     . ARG A 1 161 ? -0.040  -14.339 1.253   1.00 30.00 ? 161 ARG A C     1 
ATOM 1220 O O     . ARG A 1 161 ? -0.346  -14.496 2.424   1.00 30.00 ? 161 ARG A O     1 
ATOM 1221 C CB    . ARG A 1 161 ? -1.600  -12.807 0.143   1.00 30.00 ? 161 ARG A CB    1 
ATOM 1222 C CG    . ARG A 1 161 ? -2.015  -11.363 -0.108  1.00 30.00 ? 161 ARG A CG    1 
ATOM 1223 C CD    . ARG A 1 161 ? -3.387  -11.319 -0.786  1.00 30.00 ? 161 ARG A CD    1 
ATOM 1224 N NE    . ARG A 1 161 ? -4.491  -11.622 0.138   1.00 30.00 ? 161 ARG A NE    1 
ATOM 1225 C CZ    . ARG A 1 161 ? -5.767  -11.643 -0.185  1.00 30.00 ? 161 ARG A CZ    1 
ATOM 1226 N NH1   . ARG A 1 161 ? -6.676  -11.649 0.741   1.00 30.00 ? 161 ARG A NH1   1 
ATOM 1227 N NH2   . ARG A 1 161 ? -6.186  -11.647 -1.411  1.00 30.00 ? 161 ARG A NH2   1 
ATOM 1228 N N     . LEU A 1 162 ? 0.371   -15.328 0.462   1.00 30.00 ? 162 LEU A N     1 
ATOM 1229 C CA    . LEU A 1 162 ? 0.458   -16.731 0.856   1.00 30.00 ? 162 LEU A CA    1 
ATOM 1230 C C     . LEU A 1 162 ? 1.887   -17.140 1.223   1.00 30.00 ? 162 LEU A C     1 
ATOM 1231 O O     . LEU A 1 162 ? 2.093   -17.873 2.181   1.00 30.00 ? 162 LEU A O     1 
ATOM 1232 C CB    . LEU A 1 162 ? -0.067  -17.616 -0.286  1.00 30.00 ? 162 LEU A CB    1 
ATOM 1233 C CG    . LEU A 1 162 ? -1.423  -17.210 -0.881  1.00 30.00 ? 162 LEU A CG    1 
ATOM 1234 C CD1   . LEU A 1 162 ? -1.790  -18.167 -2.008  1.00 30.00 ? 162 LEU A CD1   1 
ATOM 1235 C CD2   . LEU A 1 162 ? -2.542  -17.237 0.151   1.00 30.00 ? 162 LEU A CD2   1 
ATOM 1236 N N     . ALA A 1 163 ? 2.896   -16.680 0.480   1.00 30.00 ? 163 ALA A N     1 
ATOM 1237 C CA    . ALA A 1 163 ? 4.276   -17.098 0.721   1.00 30.00 ? 163 ALA A CA    1 
ATOM 1238 C C     . ALA A 1 163 ? 4.877   -16.536 2.020   1.00 30.00 ? 163 ALA A C     1 
ATOM 1239 O O     . ALA A 1 163 ? 5.713   -17.201 2.648   1.00 30.00 ? 163 ALA A O     1 
ATOM 1240 C CB    . ALA A 1 163 ? 5.104   -16.732 -0.509  1.00 30.00 ? 163 ALA A CB    1 
ATOM 1241 N N     . PHE A 1 164 ? 4.429   -15.344 2.425   1.00 30.00 ? 164 PHE A N     1 
ATOM 1242 C CA    . PHE A 1 164 ? 4.848   -14.639 3.622   1.00 30.00 ? 164 PHE A CA    1 
ATOM 1243 C C     . PHE A 1 164 ? 3.685   -14.241 4.522   1.00 30.00 ? 164 PHE A C     1 
ATOM 1244 O O     . PHE A 1 164 ? 3.692   -14.605 5.707   1.00 30.00 ? 164 PHE A O     1 
ATOM 1245 C CB    . PHE A 1 164 ? 5.647   -13.398 3.215   1.00 30.00 ? 164 PHE A CB    1 
ATOM 1246 C CG    . PHE A 1 164 ? 6.951   -13.734 2.551   1.00 30.00 ? 164 PHE A CG    1 
ATOM 1247 C CD1   . PHE A 1 164 ? 8.092   -13.966 3.334   1.00 30.00 ? 164 PHE A CD1   1 
ATOM 1248 C CD2   . PHE A 1 164 ? 7.025   -13.837 1.154   1.00 30.00 ? 164 PHE A CD2   1 
ATOM 1249 C CE1   . PHE A 1 164 ? 9.291   -14.331 2.727   1.00 30.00 ? 164 PHE A CE1   1 
ATOM 1250 C CE2   . PHE A 1 164 ? 8.226   -14.188 0.546   1.00 30.00 ? 164 PHE A CE2   1 
ATOM 1251 C CZ    . PHE A 1 164 ? 9.352   -14.454 1.333   1.00 30.00 ? 164 PHE A CZ    1 
ATOM 1252 N N     . GLY A 1 165 ? 2.674   -13.522 3.994   1.00 30.00 ? 165 GLY A N     1 
ATOM 1253 C CA    . GLY A 1 165 ? 1.617   -12.944 4.816   1.00 30.00 ? 165 GLY A CA    1 
ATOM 1254 C C     . GLY A 1 165 ? 2.130   -11.964 5.852   1.00 30.00 ? 165 GLY A C     1 
ATOM 1255 O O     . GLY A 1 165 ? 3.224   -11.464 5.723   1.00 30.00 ? 165 GLY A O     1 
ATOM 1256 N N     . PHE A 1 166 ? 1.377   -11.681 6.902   1.00 30.00 ? 166 PHE A N     1 
ATOM 1257 C CA    . PHE A 1 166 ? 1.785   -10.801 7.981   1.00 30.00 ? 166 PHE A CA    1 
ATOM 1258 C C     . PHE A 1 166 ? 2.578   -11.536 9.113   1.00 30.00 ? 166 PHE A C     1 
ATOM 1259 O O     . PHE A 1 166 ? 2.895   -10.931 10.121  1.00 30.00 ? 166 PHE A O     1 
ATOM 1260 C CB    . PHE A 1 166 ? 0.570   -10.042 8.518   1.00 30.00 ? 166 PHE A CB    1 
ATOM 1261 C CG    . PHE A 1 166 ? -0.223  -9.256  7.460   1.00 30.00 ? 166 PHE A CG    1 
ATOM 1262 C CD1   . PHE A 1 166 ? 0.350   -8.198  6.721   1.00 30.00 ? 166 PHE A CD1   1 
ATOM 1263 C CD2   . PHE A 1 166 ? -1.536  -9.601  7.184   1.00 30.00 ? 166 PHE A CD2   1 
ATOM 1264 C CE1   . PHE A 1 166 ? -0.353  -7.506  5.694   1.00 30.00 ? 166 PHE A CE1   1 
ATOM 1265 C CE2   . PHE A 1 166 ? -2.241  -8.901  6.163   1.00 30.00 ? 166 PHE A CE2   1 
ATOM 1266 C CZ    . PHE A 1 166 ? -1.660  -7.863  5.404   1.00 30.00 ? 166 PHE A CZ    1 
ATOM 1267 N N     . ALA A 1 167 ? 2.894   -12.844 8.990   1.00 30.00 ? 167 ALA A N     1 
ATOM 1268 C CA    . ALA A 1 167 ? 3.549   -13.670 10.039  1.00 30.00 ? 167 ALA A CA    1 
ATOM 1269 C C     . ALA A 1 167 ? 4.929   -13.163 10.380  1.00 30.00 ? 167 ALA A C     1 
ATOM 1270 O O     . ALA A 1 167 ? 5.803   -13.114 9.528   1.00 30.00 ? 167 ALA A O     1 
ATOM 1271 C CB    . ALA A 1 167 ? 3.607   -15.136 9.596   1.00 30.00 ? 167 ALA A CB    1 
ATOM 1272 N N     . GLY A 1 168 ? 5.132   -12.797 11.636  1.00 30.00 ? 168 GLY A N     1 
ATOM 1273 C CA    . GLY A 1 168 ? 6.356   -12.217 12.135  1.00 30.00 ? 168 GLY A CA    1 
ATOM 1274 C C     . GLY A 1 168 ? 6.412   -10.666 12.040  1.00 30.00 ? 168 GLY A C     1 
ATOM 1275 O O     . GLY A 1 168 ? 7.374   -10.104 12.507  1.00 30.00 ? 168 GLY A O     1 
ATOM 1276 N N     . ILE A 1 169 ? 5.400   -9.969  11.470  1.00 30.00 ? 169 ILE A N     1 
ATOM 1277 C CA    . ILE A 1 169 ? 5.285   -8.483  11.370  1.00 30.00 ? 169 ILE A CA    1 
ATOM 1278 C C     . ILE A 1 169 ? 4.208   -7.948  12.308  1.00 30.00 ? 169 ILE A C     1 
ATOM 1279 O O     . ILE A 1 169 ? 4.222   -8.251  13.520  1.00 30.00 ? 169 ILE A O     1 
ATOM 1280 C CB    . ILE A 1 169 ? 5.042   -8.002  9.905   1.00 30.00 ? 169 ILE A CB    1 
ATOM 1281 C CG1   . ILE A 1 169 ? 6.194   -8.419  8.977   1.00 30.00 ? 169 ILE A CG1   1 
ATOM 1282 C CG2   . ILE A 1 169 ? 4.873   -6.453  9.827   1.00 30.00 ? 169 ILE A CG2   1 
ATOM 1283 C CD1   . ILE A 1 169 ? 5.866   -9.627  8.116   1.00 30.00 ? 169 ILE A CD1   1 
ATOM 1284 P P     . DG  B 2 2   ? -8.717  -6.517  -5.551  1.00 0.00  ? 1   DG  B P     1 
ATOM 1285 O OP1   . DG  B 2 2   ? -7.598  -6.273  -4.606  1.00 0.00  ? 1   DG  B OP1   1 
ATOM 1286 O OP2   . DG  B 2 2   ? -8.381  -7.744  -6.312  1.00 0.00  ? 1   DG  B OP2   1 
ATOM 1287 O "O5'" . DG  B 2 2   ? -8.634  -5.285  -6.556  1.00 0.00  ? 1   DG  B "O5'" 1 
ATOM 1288 C "C5'" . DG  B 2 2   ? -9.777  -4.888  -7.333  1.00 0.00  ? 1   DG  B "C5'" 1 
ATOM 1289 C "C4'" . DG  B 2 2   ? -9.974  -3.393  -7.252  1.00 0.00  ? 1   DG  B "C4'" 1 
ATOM 1290 O "O4'" . DG  B 2 2   ? -10.842 -3.081  -6.139  1.00 0.00  ? 1   DG  B "O4'" 1 
ATOM 1291 C "C3'" . DG  B 2 2   ? -8.692  -2.579  -7.042  1.00 0.00  ? 1   DG  B "C3'" 1 
ATOM 1292 O "O3'" . DG  B 2 2   ? -8.649  -1.487  -7.973  1.00 0.00  ? 1   DG  B "O3'" 1 
ATOM 1293 C "C2'" . DG  B 2 2   ? -8.813  -2.061  -5.619  1.00 0.00  ? 1   DG  B "C2'" 1 
ATOM 1294 C "C1'" . DG  B 2 2   ? -10.313 -1.981  -5.425  1.00 0.00  ? 1   DG  B "C1'" 1 
ATOM 1295 N N9    . DG  B 2 2   ? -10.750 -2.095  -4.038  1.00 20.00 ? 1   DG  B N9    1 
ATOM 1296 C C8    . DG  B 2 2   ? -9.952  -2.138  -2.920  1.00 20.00 ? 1   DG  B C8    1 
ATOM 1297 N N7    . DG  B 2 2   ? -10.631 -2.239  -1.809  1.00 20.00 ? 1   DG  B N7    1 
ATOM 1298 C C5    . DG  B 2 2   ? -11.957 -2.260  -2.218  1.00 20.00 ? 1   DG  B C5    1 
ATOM 1299 C C6    . DG  B 2 2   ? -13.151 -2.354  -1.458  1.00 20.00 ? 1   DG  B C6    1 
ATOM 1300 O O6    . DG  B 2 2   ? -13.280 -2.441  -0.231  1.00 20.00 ? 1   DG  B O6    1 
ATOM 1301 N N1    . DG  B 2 2   ? -14.277 -2.343  -2.274  1.00 20.00 ? 1   DG  B N1    1 
ATOM 1302 C C2    . DG  B 2 2   ? -14.260 -2.252  -3.643  1.00 20.00 ? 1   DG  B C2    1 
ATOM 1303 N N2    . DG  B 2 2   ? -15.455 -2.254  -4.251  1.00 20.00 ? 1   DG  B N2    1 
ATOM 1304 N N3    . DG  B 2 2   ? -13.154 -2.161  -4.363  1.00 20.00 ? 1   DG  B N3    1 
ATOM 1305 C C4    . DG  B 2 2   ? -12.047 -2.171  -3.590  1.00 20.00 ? 1   DG  B C4    1 
ATOM 1306 P P     . DC  B 2 3   ? -7.414  -1.311  -9.012  1.00 0.00  ? 2   DC  B P     1 
ATOM 1307 O OP1   . DC  B 2 3   ? -7.837  -0.304  -9.997  1.00 0.00  ? 2   DC  B OP1   1 
ATOM 1308 O OP2   . DC  B 2 3   ? -6.909  -2.596  -9.508  1.00 0.00  ? 2   DC  B OP2   1 
ATOM 1309 O "O5'" . DC  B 2 3   ? -6.268  -0.693  -8.094  1.00 0.00  ? 2   DC  B "O5'" 1 
ATOM 1310 C "C5'" . DC  B 2 3   ? -6.352  0.646   -7.668  1.00 0.00  ? 2   DC  B "C5'" 1 
ATOM 1311 C "C4'" . DC  B 2 3   ? -5.153  1.066   -6.830  1.00 0.00  ? 2   DC  B "C4'" 1 
ATOM 1312 O "O4'" . DC  B 2 3   ? -5.506  2.314   -6.297  1.00 0.00  ? 2   DC  B "O4'" 1 
ATOM 1313 C "C3'" . DC  B 2 3   ? -4.890  0.167   -5.628  1.00 0.00  ? 2   DC  B "C3'" 1 
ATOM 1314 O "O3'" . DC  B 2 3   ? -4.053  -0.964  -5.888  1.00 0.00  ? 2   DC  B "O3'" 1 
ATOM 1315 C "C2'" . DC  B 2 3   ? -4.471  1.133   -4.530  1.00 0.00  ? 2   DC  B "C2'" 1 
ATOM 1316 C "C1'" . DC  B 2 3   ? -4.902  2.502   -5.048  1.00 0.00  ? 2   DC  B "C1'" 1 
ATOM 1317 N N1    . DC  B 2 3   ? -5.839  3.252   -4.166  1.00 20.00 ? 2   DC  B N1    1 
ATOM 1318 C C2    . DC  B 2 3   ? -7.233  3.061   -4.222  1.00 20.00 ? 2   DC  B C2    1 
ATOM 1319 O O2    . DC  B 2 3   ? -7.773  2.065   -4.697  1.00 20.00 ? 2   DC  B O2    1 
ATOM 1320 N N3    . DC  B 2 3   ? -8.073  3.974   -3.683  1.00 20.00 ? 2   DC  B N3    1 
ATOM 1321 C C4    . DC  B 2 3   ? -7.559  4.994   -3.044  1.00 20.00 ? 2   DC  B C4    1 
ATOM 1322 N N4    . DC  B 2 3   ? -8.407  5.841   -2.550  1.00 20.00 ? 2   DC  B N4    1 
ATOM 1323 C C5    . DC  B 2 3   ? -6.169  5.171   -2.830  1.00 20.00 ? 2   DC  B C5    1 
ATOM 1324 C C6    . DC  B 2 3   ? -5.336  4.275   -3.410  1.00 20.00 ? 2   DC  B C6    1 
ATOM 1325 P P     . DA  B 2 4   ? -2.479  -0.993  -6.232  1.00 0.00  ? 3   DA  B P     1 
ATOM 1326 O OP1   . DA  B 2 4   ? -2.189  -2.382  -6.617  1.00 0.00  ? 3   DA  B OP1   1 
ATOM 1327 O OP2   . DA  B 2 4   ? -1.678  -0.335  -5.191  1.00 0.00  ? 3   DA  B OP2   1 
ATOM 1328 O "O5'" . DA  B 2 4   ? -2.353  -0.172  -7.594  1.00 0.00  ? 3   DA  B "O5'" 1 
ATOM 1329 C "C5'" . DA  B 2 4   ? -1.117  0.376   -7.989  1.00 0.00  ? 3   DA  B "C5'" 1 
ATOM 1330 C "C4'" . DA  B 2 4   ? -1.200  0.982   -9.395  1.00 0.00  ? 3   DA  B "C4'" 1 
ATOM 1331 O "O4'" . DA  B 2 4   ? -2.324  1.845   -9.509  1.00 0.00  ? 3   DA  B "O4'" 1 
ATOM 1332 C "C3'" . DA  B 2 4   ? 0.062   1.801   -9.668  1.00 0.00  ? 3   DA  B "C3'" 1 
ATOM 1333 O "O3'" . DA  B 2 4   ? 0.474   1.696   -11.013 1.00 0.00  ? 3   DA  B "O3'" 1 
ATOM 1334 C "C2'" . DA  B 2 4   ? -0.419  3.185   -9.272  1.00 0.00  ? 3   DA  B "C2'" 1 
ATOM 1335 C "C1'" . DA  B 2 4   ? -1.915  3.185   -9.575  1.00 0.00  ? 3   DA  B "C1'" 1 
ATOM 1336 N N9    . DA  B 2 4   ? -2.709  3.995   -8.625  1.00 20.00 ? 3   DA  B N9    1 
ATOM 1337 C C8    . DA  B 2 4   ? -2.279  4.726   -7.542  1.00 20.00 ? 3   DA  B C8    1 
ATOM 1338 N N7    . DA  B 2 4   ? -3.227  5.273   -6.840  1.00 20.00 ? 3   DA  B N7    1 
ATOM 1339 C C5    . DA  B 2 4   ? -4.361  4.969   -7.602  1.00 20.00 ? 3   DA  B C5    1 
ATOM 1340 C C6    . DA  B 2 4   ? -5.724  5.307   -7.498  1.00 20.00 ? 3   DA  B C6    1 
ATOM 1341 N N6    . DA  B 2 4   ? -6.198  6.058   -6.531  1.00 20.00 ? 3   DA  B N6    1 
ATOM 1342 N N1    . DA  B 2 4   ? -6.628  4.891   -8.382  1.00 20.00 ? 3   DA  B N1    1 
ATOM 1343 C C2    . DA  B 2 4   ? -6.175  4.168   -9.394  1.00 20.00 ? 3   DA  B C2    1 
ATOM 1344 N N3    . DA  B 2 4   ? -4.928  3.787   -9.644  1.00 20.00 ? 3   DA  B N3    1 
ATOM 1345 C C4    . DA  B 2 4   ? -4.062  4.216   -8.685  1.00 20.00 ? 3   DA  B C4    1 
ATOM 1346 P P     . DG  B 2 5   ? 1.947   2.167   -11.489 1.00 0.00  ? 4   DG  B P     1 
ATOM 1347 O OP1   . DG  B 2 5   ? 3.122   1.290   -11.705 1.00 0.00  ? 4   DG  B OP1   1 
ATOM 1348 O OP2   . DG  B 2 5   ? 2.412   3.290   -10.631 1.00 0.00  ? 4   DG  B OP2   1 
ATOM 1349 O "O5'" . DG  B 2 5   ? 1.661   2.784   -12.929 1.00 0.00  ? 4   DG  B "O5'" 1 
ATOM 1350 C "C5'" . DG  B 2 5   ? 0.433   3.480   -13.209 1.00 0.00  ? 4   DG  B "C5'" 1 
ATOM 1351 C "C4'" . DG  B 2 5   ? 0.724   4.829   -13.826 1.00 0.00  ? 4   DG  B "C4'" 1 
ATOM 1352 O "O4'" . DG  B 2 5   ? -0.234  5.794   -13.333 1.00 0.00  ? 4   DG  B "O4'" 1 
ATOM 1353 C "C3'" . DG  B 2 5   ? 2.106   5.396   -13.503 1.00 0.00  ? 4   DG  B "C3'" 1 
ATOM 1354 O "O3'" . DG  B 2 5   ? 2.688   6.043   -14.637 1.00 0.00  ? 4   DG  B "O3'" 1 
ATOM 1355 C "C2'" . DG  B 2 5   ? 1.838   6.390   -12.389 1.00 0.00  ? 4   DG  B "C2'" 1 
ATOM 1356 C "C1'" . DG  B 2 5   ? 0.422   6.860   -12.667 1.00 0.00  ? 4   DG  B "C1'" 1 
ATOM 1357 N N9    . DG  B 2 5   ? -0.321  7.150   -11.447 1.00 20.00 ? 4   DG  B N9    1 
ATOM 1358 C C8    . DG  B 2 5   ? 0.199   7.282   -10.182 1.00 20.00 ? 4   DG  B C8    1 
ATOM 1359 N N7    . DG  B 2 5   ? -0.707  7.545   -9.280  1.00 20.00 ? 4   DG  B N7    1 
ATOM 1360 C C5    . DG  B 2 5   ? -1.897  7.588   -9.991  1.00 20.00 ? 4   DG  B C5    1 
ATOM 1361 C C6    . DG  B 2 5   ? -3.221  7.834   -9.549  1.00 20.00 ? 4   DG  B C6    1 
ATOM 1362 O O6    . DG  B 2 5   ? -3.620  8.069   -8.403  1.00 20.00 ? 4   DG  B O6    1 
ATOM 1363 N N1    . DG  B 2 5   ? -4.128  7.785   -10.602 1.00 20.00 ? 4   DG  B N1    1 
ATOM 1364 C C2    . DG  B 2 5   ? -3.805  7.533   -11.912 1.00 20.00 ? 4   DG  B C2    1 
ATOM 1365 N N2    . DG  B 2 5   ? -4.825  7.529   -12.783 1.00 20.00 ? 4   DG  B N2    1 
ATOM 1366 N N3    . DG  B 2 5   ? -2.573  7.305   -12.338 1.00 20.00 ? 4   DG  B N3    1 
ATOM 1367 C C4    . DG  B 2 5   ? -1.677  7.346   -11.330 1.00 20.00 ? 4   DG  B C4    1 
ATOM 1368 P P     . DC  C 3 20  ? -11.106 12.821  -11.315 1.00 0.00  ? 1   DC  C P     1 
ATOM 1369 O OP1   . DC  C 3 20  ? -11.851 13.895  -12.021 1.00 0.00  ? 1   DC  C OP1   1 
ATOM 1370 O OP2   . DC  C 3 20  ? -11.018 13.209  -9.886  1.00 0.00  ? 1   DC  C OP2   1 
ATOM 1371 O "O5'" . DC  C 3 20  ? -12.081 11.565  -11.412 1.00 0.00  ? 1   DC  C "O5'" 1 
ATOM 1372 C "C5'" . DC  C 3 20  ? -11.859 10.535  -12.389 1.00 0.00  ? 1   DC  C "C5'" 1 
ATOM 1373 C "C4'" . DC  C 3 20  ? -11.808 9.185   -11.715 1.00 0.00  ? 1   DC  C "C4'" 1 
ATOM 1374 O "O4'" . DC  C 3 20  ? -10.437 8.747   -11.617 1.00 0.00  ? 1   DC  C "O4'" 1 
ATOM 1375 C "C3'" . DC  C 3 20  ? -12.322 9.169   -10.281 1.00 0.00  ? 1   DC  C "C3'" 1 
ATOM 1376 O "O3'" . DC  C 3 20  ? -13.752 9.016   -10.245 1.00 0.00  ? 1   DC  C "O3'" 1 
ATOM 1377 C "C2'" . DC  C 3 20  ? -11.585 7.985   -9.681  1.00 0.00  ? 1   DC  C "C2'" 1 
ATOM 1378 C "C1'" . DC  C 3 20  ? -10.271 7.936   -10.459 1.00 0.00  ? 1   DC  C "C1'" 1 
ATOM 1379 N N1    . DC  C 3 20  ? -9.103  8.436   -9.718  1.00 20.00 ? 1   DC  C N1    1 
ATOM 1380 C C2    . DC  C 3 20  ? -7.830  8.010   -10.101 1.00 20.00 ? 1   DC  C C2    1 
ATOM 1381 O O2    . DC  C 3 20  ? -7.721  7.231   -11.059 1.00 20.00 ? 1   DC  C O2    1 
ATOM 1382 N N3    . DC  C 3 20  ? -6.750  8.459   -9.421  1.00 20.00 ? 1   DC  C N3    1 
ATOM 1383 C C4    . DC  C 3 20  ? -6.909  9.297   -8.394  1.00 20.00 ? 1   DC  C C4    1 
ATOM 1384 N N4    . DC  C 3 20  ? -5.816  9.714   -7.752  1.00 20.00 ? 1   DC  C N4    1 
ATOM 1385 C C5    . DC  C 3 20  ? -8.196  9.745   -7.982  1.00 20.00 ? 1   DC  C C5    1 
ATOM 1386 C C6    . DC  C 3 20  ? -9.256  9.292   -8.664  1.00 20.00 ? 1   DC  C C6    1 
ATOM 1387 P P     . DT  C 3 21  ? -14.571 8.932   -8.831  1.00 0.00  ? 2   DT  C P     1 
ATOM 1388 O OP1   . DT  C 3 21  ? -15.971 9.274   -9.139  1.00 0.00  ? 2   DT  C OP1   1 
ATOM 1389 O OP2   . DT  C 3 21  ? -13.813 9.673   -7.807  1.00 0.00  ? 2   DT  C OP2   1 
ATOM 1390 O "O5'" . DT  C 3 21  ? -14.479 7.372   -8.463  1.00 0.00  ? 2   DT  C "O5'" 1 
ATOM 1391 C "C5'" . DT  C 3 21  ? -15.282 6.419   -9.129  1.00 0.00  ? 2   DT  C "C5'" 1 
ATOM 1392 C "C4'" . DT  C 3 21  ? -15.295 5.073   -8.401  1.00 0.00  ? 2   DT  C "C4'" 1 
ATOM 1393 O "O4'" . DT  C 3 21  ? -14.036 4.408   -8.452  1.00 0.00  ? 2   DT  C "O4'" 1 
ATOM 1394 C "C3'" . DT  C 3 21  ? -15.741 5.221   -6.945  1.00 0.00  ? 2   DT  C "C3'" 1 
ATOM 1395 O "O3'" . DT  C 3 21  ? -17.027 4.646   -6.789  1.00 0.00  ? 2   DT  C "O3'" 1 
ATOM 1396 C "C2'" . DT  C 3 21  ? -14.684 4.459   -6.166  1.00 0.00  ? 2   DT  C "C2'" 1 
ATOM 1397 C "C1'" . DT  C 3 21  ? -13.529 4.237   -7.144  1.00 0.00  ? 2   DT  C "C1'" 1 
ATOM 1398 N N1    . DT  C 3 21  ? -12.316 5.085   -6.962  1.00 20.00 ? 2   DT  C N1    1 
ATOM 1399 C C2    . DT  C 3 21  ? -11.084 4.510   -7.305  1.00 20.00 ? 2   DT  C C2    1 
ATOM 1400 O O2    . DT  C 3 21  ? -10.970 3.406   -7.836  1.00 20.00 ? 2   DT  C O2    1 
ATOM 1401 N N3    . DT  C 3 21  ? -9.946  5.213   -7.005  1.00 20.00 ? 2   DT  C N3    1 
ATOM 1402 C C4    . DT  C 3 21  ? -9.919  6.428   -6.374  1.00 20.00 ? 2   DT  C C4    1 
ATOM 1403 O O4    . DT  C 3 21  ? -8.827  6.926   -6.137  1.00 20.00 ? 2   DT  C O4    1 
ATOM 1404 C C5    . DT  C 3 21  ? -11.226 7.008   -6.088  1.00 20.00 ? 2   DT  C C5    1 
ATOM 1405 C C7    . DT  C 3 21  ? -11.327 8.380   -5.453  1.00 20.00 ? 2   DT  C C7    1 
ATOM 1406 C C6    . DT  C 3 21  ? -12.368 6.340   -6.397  1.00 20.00 ? 2   DT  C C6    1 
ATOM 1407 P P     . DG  C 3 22  ? -17.874 4.811   -5.433  1.00 0.00  ? 3   DG  C P     1 
ATOM 1408 O OP1   . DG  C 3 22  ? -19.305 4.675   -5.759  1.00 0.00  ? 3   DG  C OP1   1 
ATOM 1409 O OP2   . DG  C 3 22  ? -17.392 5.990   -4.691  1.00 0.00  ? 3   DG  C OP2   1 
ATOM 1410 O "O5'" . DG  C 3 22  ? -17.430 3.509   -4.604  1.00 0.00  ? 3   DG  C "O5'" 1 
ATOM 1411 C "C5'" . DG  C 3 22  ? -17.988 2.237   -4.884  1.00 0.00  ? 3   DG  C "C5'" 1 
ATOM 1412 C "C4'" . DG  C 3 22  ? -17.539 1.198   -3.856  1.00 0.00  ? 3   DG  C "C4'" 1 
ATOM 1413 O "O4'" . DG  C 3 22  ? -16.141 0.943   -3.955  1.00 0.00  ? 3   DG  C "O4'" 1 
ATOM 1414 C "C3'" . DG  C 3 22  ? -17.871 1.640   -2.427  1.00 0.00  ? 3   DG  C "C3'" 1 
ATOM 1415 O "O3'" . DG  C 3 22  ? -18.923 0.860   -1.897  1.00 0.00  ? 3   DG  C "O3'" 1 
ATOM 1416 C "C2'" . DG  C 3 22  ? -16.578 1.338   -1.682  1.00 0.00  ? 3   DG  C "C2'" 1 
ATOM 1417 C "C1'" . DG  C 3 22  ? -15.493 1.333   -2.760  1.00 0.00  ? 3   DG  C "C1'" 1 
ATOM 1418 N N9    . DG  C 3 22  ? -14.769 2.625   -2.917  1.00 20.00 ? 3   DG  C N9    1 
ATOM 1419 C C8    . DG  C 3 22  ? -15.154 3.897   -2.563  1.00 20.00 ? 3   DG  C C8    1 
ATOM 1420 N N7    . DG  C 3 22  ? -14.184 4.770   -2.562  1.00 20.00 ? 3   DG  C N7    1 
ATOM 1421 C C5    . DG  C 3 22  ? -13.083 4.038   -3.004  1.00 20.00 ? 3   DG  C C5    1 
ATOM 1422 C C6    . DG  C 3 22  ? -11.720 4.424   -3.246  1.00 20.00 ? 3   DG  C C6    1 
ATOM 1423 O O6    . DG  C 3 22  ? -11.166 5.510   -3.106  1.00 20.00 ? 3   DG  C O6    1 
ATOM 1424 N N1    . DG  C 3 22  ? -10.931 3.410   -3.736  1.00 20.00 ? 3   DG  C N1    1 
ATOM 1425 C C2    . DG  C 3 22  ? -11.377 2.160   -3.938  1.00 20.00 ? 3   DG  C C2    1 
ATOM 1426 N N2    . DG  C 3 22  ? -10.507 1.295   -4.369  1.00 20.00 ? 3   DG  C N2    1 
ATOM 1427 N N3    . DG  C 3 22  ? -12.621 1.749   -3.736  1.00 20.00 ? 3   DG  C N3    1 
ATOM 1428 C C4    . DG  C 3 22  ? -13.438 2.743   -3.263  1.00 20.00 ? 3   DG  C C4    1 
ATOM 1429 P P     . DC  C 3 23  ? -20.360 1.519   -1.610  1.00 0.00  ? 4   DC  C P     1 
ATOM 1430 O OP1   . DC  C 3 23  ? -21.043 2.546   -2.440  1.00 0.00  ? 4   DC  C OP1   1 
ATOM 1431 O OP2   . DC  C 3 23  ? -20.372 1.996   -0.204  1.00 0.00  ? 4   DC  C OP2   1 
ATOM 1432 O "O5'" . DC  C 3 23  ? -21.347 0.272   -1.694  1.00 0.00  ? 4   DC  C "O5'" 1 
ATOM 1433 C "C5'" . DC  C 3 23  ? -21.730 -0.284  -2.965  1.00 0.00  ? 4   DC  C "C5'" 1 
ATOM 1434 C "C4'" . DC  C 3 23  ? -21.785 -1.790  -2.869  1.00 0.00  ? 4   DC  C "C4'" 1 
ATOM 1435 O "O4'" . DC  C 3 23  ? -20.439 -2.313  -2.929  1.00 0.00  ? 4   DC  C "O4'" 1 
ATOM 1436 C "C3'" . DC  C 3 23  ? -22.387 -2.311  -1.566  1.00 0.00  ? 4   DC  C "C3'" 1 
ATOM 1437 O "O3'" . DC  C 3 23  ? -23.756 -2.665  -1.778  1.00 0.00  ? 4   DC  C "O3'" 1 
ATOM 1438 C "C2'" . DC  C 3 23  ? -21.571 -3.555  -1.264  1.00 0.00  ? 4   DC  C "C2'" 1 
ATOM 1439 C "C1'" . DC  C 3 23  ? -20.226 -3.296  -1.925  1.00 0.00  ? 4   DC  C "C1'" 1 
ATOM 1440 N N1    . DC  C 3 23  ? -19.169 -2.800  -1.028  1.00 20.00 ? 4   DC  C N1    1 
ATOM 1441 C C2    . DC  C 3 23  ? -17.846 -2.842  -1.472  1.00 20.00 ? 4   DC  C C2    1 
ATOM 1442 O O2    . DC  C 3 23  ? -17.607 -3.300  -2.597  1.00 20.00 ? 4   DC  C O2    1 
ATOM 1443 N N3    . DC  C 3 23  ? -16.863 -2.385  -0.663  1.00 20.00 ? 4   DC  C N3    1 
ATOM 1444 C C4    . DC  C 3 23  ? -17.164 -1.901  0.544   1.00 20.00 ? 4   DC  C C4    1 
ATOM 1445 N N4    . DC  C 3 23  ? -16.162 -1.464  1.310   1.00 20.00 ? 4   DC  C N4    1 
ATOM 1446 C C5    . DC  C 3 23  ? -18.505 -1.846  1.020   1.00 20.00 ? 4   DC  C C5    1 
ATOM 1447 C C6    . DC  C 3 23  ? -19.468 -2.304  0.210   1.00 20.00 ? 4   DC  C C6    1 
# 
